data_6ZGZ
#
_entry.id   6ZGZ
#
_cell.length_a   73.210
_cell.length_b   114.299
_cell.length_c   120.807
_cell.angle_alpha   90.000
_cell.angle_beta   100.540
_cell.angle_gamma   90.000
#
_symmetry.space_group_name_H-M   'P 1 21 1'
#
loop_
_entity.id
_entity.type
_entity.pdbx_description
1 polymer Galactokinase
2 non-polymer beta-D-galactopyranose
3 non-polymer "2-(1,3-benzoxazol-2-ylamino)spiro[1,6,7,8-tetrahydroquinazoline-4,1'-cyclohexane]-5-one"
4 non-polymer ~{N}-(3-ethanoylphenyl)-2,2,2-tris(fluoranyl)ethanamide
5 water water
#
_entity_poly.entity_id   1
_entity_poly.type   'polypeptide(L)'
_entity_poly.pdbx_seq_one_letter_code
;MAHHHHHHAALRQPQVAELLAEARRAFREEFGAEPELAVSAPGRVNLIGEHTDYNQGLVLPMALELMTVLVGSPRKDGLV
SLLTTSEGADEPQRLQFPLPTAQRSLEPGTPRWANYVKGVIQYYPAAPLPGFSAVVVSSVPLGGGLSSSASLEVATYTFL
QQLCPDSGTIAARAQVCQQAEHSFAGMPCGIMDQFISLMGQKGHALLIDCRSLETSLVPLSDPKLAVLITNSNVRHSLAS
SEYPVRRRQCEEVARALGAASLREVQLEELEAARDLVSKEGFRRARHVVGEIRRTAQAAAALRRGDYRAFGRLMVESHRS
LRDDYEVSCPELDQLVEAALAVPGVYGSRMTGGGFGGCTVTLLEASAAPHAMRHIQEHYGGTATFYLSQAADGAKVLCL
;
_entity_poly.pdbx_strand_id   A,B,E,D
#
# COMPACT_ATOMS: atom_id res chain seq x y z
N ALA A 9 -22.43 -3.33 -41.59
CA ALA A 9 -23.69 -3.32 -42.41
C ALA A 9 -23.94 -1.92 -42.97
N ALA A 10 -24.45 -1.03 -42.12
CA ALA A 10 -24.72 0.40 -42.35
C ALA A 10 -23.82 1.26 -41.45
N LEU A 11 -22.65 0.74 -41.02
CA LEU A 11 -21.63 1.50 -40.26
C LEU A 11 -21.22 2.70 -41.10
N ARG A 12 -21.36 3.90 -40.55
CA ARG A 12 -20.87 5.17 -41.15
C ARG A 12 -19.39 5.30 -40.75
N GLN A 13 -18.50 5.27 -41.74
CA GLN A 13 -17.04 5.46 -41.54
C GLN A 13 -16.80 6.92 -41.22
N PRO A 14 -15.99 7.24 -40.19
CA PRO A 14 -15.49 8.61 -40.04
C PRO A 14 -14.64 8.80 -41.30
N GLN A 15 -14.73 9.92 -42.00
CA GLN A 15 -13.97 10.06 -43.26
C GLN A 15 -13.24 11.40 -43.19
N VAL A 16 -12.25 11.50 -42.31
CA VAL A 16 -11.85 12.82 -41.76
C VAL A 16 -10.90 13.48 -42.76
N ALA A 17 -10.03 12.75 -43.44
CA ALA A 17 -9.19 13.26 -44.55
C ALA A 17 -10.09 13.79 -45.68
N GLU A 18 -11.15 13.04 -45.98
CA GLU A 18 -12.15 13.39 -47.01
C GLU A 18 -12.86 14.68 -46.53
N LEU A 19 -13.26 14.73 -45.27
CA LEU A 19 -14.02 15.87 -44.70
C LEU A 19 -13.20 17.16 -44.80
N LEU A 20 -11.91 17.13 -44.44
CA LEU A 20 -11.01 18.30 -44.57
C LEU A 20 -10.84 18.66 -46.06
N ALA A 21 -10.58 17.67 -46.89
CA ALA A 21 -10.44 17.84 -48.35
C ALA A 21 -11.67 18.54 -48.91
N GLU A 22 -12.88 18.12 -48.52
CA GLU A 22 -14.15 18.70 -49.05
C GLU A 22 -14.17 20.18 -48.61
N ALA A 23 -13.96 20.44 -47.34
CA ALA A 23 -14.01 21.80 -46.78
C ALA A 23 -13.09 22.73 -47.59
N ARG A 24 -11.89 22.25 -47.95
CA ARG A 24 -10.85 23.04 -48.65
C ARG A 24 -11.28 23.36 -50.10
N ARG A 25 -11.77 22.38 -50.85
CA ARG A 25 -12.28 22.58 -52.24
C ARG A 25 -13.43 23.61 -52.15
N ALA A 26 -14.41 23.38 -51.29
CA ALA A 26 -15.56 24.29 -51.15
C ALA A 26 -15.05 25.67 -50.77
N PHE A 27 -13.99 25.75 -49.97
CA PHE A 27 -13.45 27.09 -49.63
C PHE A 27 -12.92 27.77 -50.90
N ARG A 28 -12.08 27.08 -51.69
CA ARG A 28 -11.38 27.66 -52.87
C ARG A 28 -12.43 28.08 -53.92
N GLU A 29 -13.43 27.22 -54.17
CA GLU A 29 -14.63 27.51 -54.99
C GLU A 29 -15.28 28.80 -54.50
N GLU A 30 -15.67 28.88 -53.23
CA GLU A 30 -16.55 29.97 -52.70
C GLU A 30 -15.84 31.33 -52.63
N PHE A 31 -14.56 31.39 -52.26
CA PHE A 31 -13.91 32.66 -51.86
C PHE A 31 -12.79 33.07 -52.84
N GLY A 32 -12.44 32.21 -53.80
CA GLY A 32 -11.43 32.45 -54.86
C GLY A 32 -9.97 32.36 -54.40
N ALA A 33 -9.70 31.77 -53.22
CA ALA A 33 -8.34 31.54 -52.68
C ALA A 33 -8.28 30.28 -51.78
N GLU A 34 -7.08 29.75 -51.59
CA GLU A 34 -6.79 28.69 -50.59
C GLU A 34 -6.99 29.23 -49.19
N PRO A 35 -7.71 28.49 -48.33
CA PRO A 35 -7.89 28.87 -46.93
C PRO A 35 -6.51 28.77 -46.25
N GLU A 36 -6.28 29.62 -45.25
CA GLU A 36 -4.98 29.69 -44.51
C GLU A 36 -4.94 28.72 -43.30
N LEU A 37 -6.08 28.25 -42.80
CA LEU A 37 -6.26 27.55 -41.49
C LEU A 37 -7.28 26.45 -41.62
N ALA A 38 -7.03 25.34 -40.93
CA ALA A 38 -8.03 24.31 -40.61
C ALA A 38 -8.04 24.07 -39.10
N VAL A 39 -9.24 23.94 -38.53
CA VAL A 39 -9.47 23.51 -37.14
C VAL A 39 -10.53 22.43 -37.18
N SER A 40 -10.54 21.60 -36.12
CA SER A 40 -11.57 20.57 -35.88
C SER A 40 -11.88 20.52 -34.39
N ALA A 41 -13.10 20.11 -34.10
CA ALA A 41 -13.59 19.86 -32.73
C ALA A 41 -14.56 18.70 -32.87
N PRO A 42 -14.46 17.68 -31.99
CA PRO A 42 -15.25 16.45 -32.14
C PRO A 42 -16.63 16.62 -31.52
N GLY A 43 -17.56 15.78 -31.95
CA GLY A 43 -18.74 15.42 -31.18
C GLY A 43 -18.32 14.42 -30.10
N ARG A 44 -19.26 13.86 -29.37
CA ARG A 44 -18.96 13.11 -28.14
C ARG A 44 -20.03 12.04 -27.89
N VAL A 45 -19.62 10.93 -27.29
CA VAL A 45 -20.52 9.97 -26.61
C VAL A 45 -20.27 10.09 -25.12
N ASN A 46 -21.31 10.20 -24.27
CA ASN A 46 -21.11 10.06 -22.80
C ASN A 46 -21.28 8.58 -22.40
N LEU A 47 -20.19 7.93 -21.98
CA LEU A 47 -20.19 6.47 -21.63
C LEU A 47 -21.12 6.18 -20.44
N ILE A 48 -21.14 7.19 -19.52
CA ILE A 48 -21.84 7.17 -18.21
C ILE A 48 -21.65 8.62 -17.61
N GLY A 49 -22.84 8.95 -16.93
CA GLY A 49 -22.98 10.14 -16.09
C GLY A 49 -23.94 11.11 -16.73
N GLU A 50 -25.18 10.67 -16.90
CA GLU A 50 -26.21 11.44 -17.66
C GLU A 50 -27.01 12.32 -16.71
N HIS A 51 -27.28 13.54 -17.16
CA HIS A 51 -28.04 14.58 -16.46
C HIS A 51 -27.43 14.79 -15.07
N THR A 52 -26.10 14.85 -14.99
CA THR A 52 -25.31 15.11 -13.77
C THR A 52 -24.50 16.41 -13.90
N ASP A 53 -24.17 16.86 -15.15
CA ASP A 53 -23.17 17.94 -15.35
C ASP A 53 -23.72 19.21 -14.69
N TYR A 54 -25.00 19.54 -14.88
CA TYR A 54 -25.64 20.77 -14.33
C TYR A 54 -26.03 20.58 -12.85
N ASN A 55 -25.86 19.37 -12.31
CA ASN A 55 -26.00 19.07 -10.88
C ASN A 55 -24.61 18.99 -10.26
N GLN A 56 -23.67 19.75 -10.80
CA GLN A 56 -22.26 19.83 -10.35
C GLN A 56 -21.74 18.42 -10.03
N GLY A 57 -22.02 17.44 -10.90
CA GLY A 57 -21.70 16.01 -10.66
C GLY A 57 -20.47 15.56 -11.48
N LEU A 58 -20.51 14.25 -11.85
CA LEU A 58 -19.45 13.57 -12.64
C LEU A 58 -20.04 13.07 -13.98
N VAL A 59 -19.17 13.21 -15.01
CA VAL A 59 -19.45 12.62 -16.34
C VAL A 59 -18.15 11.93 -16.82
N LEU A 60 -18.39 10.90 -17.67
CA LEU A 60 -17.32 10.08 -18.28
C LEU A 60 -17.59 10.01 -19.78
N PRO A 61 -17.45 11.14 -20.50
CA PRO A 61 -17.53 11.12 -21.95
C PRO A 61 -16.20 10.73 -22.61
N MET A 62 -16.26 10.37 -23.88
CA MET A 62 -15.08 10.44 -24.78
C MET A 62 -15.48 11.16 -26.09
N ALA A 63 -14.48 11.75 -26.74
CA ALA A 63 -14.55 12.44 -28.05
C ALA A 63 -14.57 11.44 -29.20
N LEU A 64 -15.30 11.76 -30.26
CA LEU A 64 -15.48 10.91 -31.48
C LEU A 64 -14.58 11.40 -32.64
N GLU A 65 -14.33 10.51 -33.58
CA GLU A 65 -13.74 10.83 -34.90
C GLU A 65 -14.80 11.55 -35.77
N LEU A 66 -16.06 11.55 -35.34
CA LEU A 66 -17.08 12.47 -35.91
C LEU A 66 -16.77 13.90 -35.43
N MET A 67 -16.63 14.85 -36.37
CA MET A 67 -16.14 16.21 -36.06
C MET A 67 -16.78 17.29 -36.97
N THR A 68 -16.60 18.51 -36.55
CA THR A 68 -16.85 19.73 -37.31
C THR A 68 -15.49 20.36 -37.59
N VAL A 69 -15.29 20.74 -38.86
CA VAL A 69 -14.05 21.41 -39.39
C VAL A 69 -14.43 22.83 -39.88
N LEU A 70 -13.74 23.86 -39.41
CA LEU A 70 -13.69 25.18 -40.08
C LEU A 70 -12.37 25.23 -40.83
N VAL A 71 -12.47 25.65 -42.09
CA VAL A 71 -11.35 26.08 -42.94
C VAL A 71 -11.64 27.55 -43.34
N GLY A 72 -10.62 28.41 -43.29
CA GLY A 72 -10.85 29.86 -43.35
C GLY A 72 -9.59 30.70 -43.26
N SER A 73 -9.80 32.00 -43.41
CA SER A 73 -8.72 33.01 -43.51
C SER A 73 -9.26 34.27 -42.88
N PRO A 74 -8.40 35.09 -42.24
CA PRO A 74 -8.83 36.38 -41.73
C PRO A 74 -9.22 37.28 -42.91
N ARG A 75 -10.07 38.26 -42.64
CA ARG A 75 -10.45 39.36 -43.55
C ARG A 75 -10.00 40.69 -42.94
N LYS A 76 -10.01 41.77 -43.72
CA LYS A 76 -9.56 43.10 -43.24
C LYS A 76 -10.75 44.08 -43.16
N ASP A 77 -11.95 43.60 -43.57
CA ASP A 77 -13.15 44.45 -43.71
C ASP A 77 -14.04 44.33 -42.46
N GLY A 78 -13.59 43.53 -41.47
CA GLY A 78 -14.27 43.42 -40.17
C GLY A 78 -15.59 42.68 -40.27
N LEU A 79 -15.83 41.92 -41.35
CA LEU A 79 -17.10 41.16 -41.41
C LEU A 79 -16.81 39.66 -41.51
N VAL A 80 -17.81 38.87 -41.18
CA VAL A 80 -17.68 37.39 -41.17
C VAL A 80 -18.50 36.87 -42.37
N SER A 81 -17.89 35.96 -43.15
CA SER A 81 -18.53 35.24 -44.28
C SER A 81 -18.49 33.71 -44.10
N LEU A 82 -19.65 33.08 -43.96
CA LEU A 82 -19.75 31.64 -43.67
C LEU A 82 -20.44 30.95 -44.81
N LEU A 83 -19.88 29.82 -45.26
CA LEU A 83 -20.59 28.75 -46.00
C LEU A 83 -20.56 27.45 -45.20
N THR A 84 -21.71 26.82 -45.02
CA THR A 84 -21.81 25.42 -44.55
C THR A 84 -22.18 24.54 -45.76
N THR A 85 -21.61 23.34 -45.82
CA THR A 85 -22.00 22.25 -46.76
C THR A 85 -22.60 21.05 -46.03
N SER A 86 -22.99 21.14 -44.76
CA SER A 86 -23.49 19.93 -44.05
C SER A 86 -24.99 19.72 -44.35
N GLU A 87 -25.33 18.54 -44.90
CA GLU A 87 -26.58 18.29 -45.68
C GLU A 87 -27.81 18.80 -44.90
N GLY A 88 -27.86 18.55 -43.58
CA GLY A 88 -29.07 18.80 -42.76
C GLY A 88 -29.22 20.25 -42.30
N ALA A 89 -28.22 21.11 -42.55
CA ALA A 89 -28.25 22.53 -42.14
C ALA A 89 -29.49 23.19 -42.75
N ASP A 90 -30.16 24.07 -41.99
CA ASP A 90 -31.35 24.82 -42.48
C ASP A 90 -30.83 25.97 -43.34
N GLU A 91 -31.64 26.38 -44.30
CA GLU A 91 -31.20 27.32 -45.37
C GLU A 91 -31.32 28.75 -44.83
N PRO A 92 -30.54 29.71 -45.35
CA PRO A 92 -29.57 29.43 -46.41
C PRO A 92 -28.29 28.77 -45.85
N GLN A 93 -27.47 28.20 -46.73
CA GLN A 93 -26.19 27.60 -46.33
C GLN A 93 -25.13 28.70 -46.18
N ARG A 94 -25.41 29.95 -46.54
CA ARG A 94 -24.44 31.06 -46.34
C ARG A 94 -25.03 32.14 -45.44
N LEU A 95 -24.12 32.84 -44.74
CA LEU A 95 -24.50 34.02 -43.93
C LEU A 95 -23.27 34.89 -43.75
N GLN A 96 -23.50 36.18 -43.85
CA GLN A 96 -22.47 37.22 -43.61
C GLN A 96 -23.10 38.15 -42.56
N PHE A 97 -22.18 38.75 -41.77
CA PHE A 97 -22.58 39.75 -40.77
C PHE A 97 -21.33 40.51 -40.33
N PRO A 98 -21.53 41.77 -39.89
CA PRO A 98 -20.44 42.53 -39.31
C PRO A 98 -20.09 41.92 -37.93
N LEU A 99 -18.80 41.99 -37.55
CA LEU A 99 -18.39 41.74 -36.15
C LEU A 99 -19.23 42.63 -35.26
N PRO A 100 -19.62 42.14 -34.07
CA PRO A 100 -20.27 42.94 -33.06
C PRO A 100 -19.30 44.01 -32.51
N THR A 101 -19.91 45.05 -31.93
CA THR A 101 -19.23 46.23 -31.37
C THR A 101 -19.99 46.62 -30.11
N ALA A 102 -19.53 47.64 -29.39
CA ALA A 102 -20.21 48.17 -28.18
C ALA A 102 -21.63 48.62 -28.57
N GLN A 103 -21.78 49.24 -29.75
CA GLN A 103 -23.11 49.55 -30.35
C GLN A 103 -23.79 48.22 -30.71
N ARG A 104 -23.47 47.67 -31.89
CA ARG A 104 -24.24 46.57 -32.51
C ARG A 104 -23.70 45.26 -31.93
N SER A 105 -24.59 44.43 -31.36
CA SER A 105 -24.28 43.05 -30.90
C SER A 105 -25.00 42.06 -31.83
N LEU A 106 -24.40 40.91 -32.12
CA LEU A 106 -25.02 39.81 -32.90
C LEU A 106 -26.29 39.33 -32.18
N GLU A 107 -27.24 38.82 -32.96
CA GLU A 107 -28.59 38.39 -32.49
C GLU A 107 -28.84 36.99 -33.02
N PRO A 108 -29.47 36.07 -32.26
CA PRO A 108 -29.86 34.79 -32.81
C PRO A 108 -30.89 35.03 -33.92
N GLY A 109 -30.97 34.13 -34.89
CA GLY A 109 -32.08 34.10 -35.87
C GLY A 109 -31.90 32.98 -36.88
N THR A 110 -31.88 33.36 -38.16
CA THR A 110 -32.01 32.50 -39.37
C THR A 110 -30.76 32.69 -40.21
N PRO A 111 -30.06 31.62 -40.63
CA PRO A 111 -30.40 30.25 -40.23
C PRO A 111 -29.88 29.87 -38.82
N ARG A 112 -30.45 28.81 -38.21
CA ARG A 112 -30.16 28.34 -36.81
C ARG A 112 -28.69 27.94 -36.65
N TRP A 113 -28.08 27.18 -37.58
CA TRP A 113 -26.69 26.67 -37.47
C TRP A 113 -25.73 27.84 -37.29
N ALA A 114 -26.06 29.01 -37.87
CA ALA A 114 -25.19 30.21 -37.75
C ALA A 114 -25.23 30.74 -36.30
N ASN A 115 -26.28 30.46 -35.53
CA ASN A 115 -26.44 31.02 -34.16
C ASN A 115 -25.26 30.56 -33.27
N TYR A 116 -24.77 29.35 -33.50
CA TYR A 116 -23.67 28.73 -32.72
C TYR A 116 -22.40 29.58 -32.93
N VAL A 117 -22.10 29.88 -34.18
CA VAL A 117 -20.87 30.65 -34.55
C VAL A 117 -21.01 32.09 -34.03
N LYS A 118 -22.17 32.70 -34.25
CA LYS A 118 -22.49 34.06 -33.78
C LYS A 118 -22.30 34.15 -32.28
N GLY A 119 -22.93 33.23 -31.55
CA GLY A 119 -22.82 33.17 -30.09
C GLY A 119 -21.37 33.19 -29.68
N VAL A 120 -20.57 32.30 -30.25
CA VAL A 120 -19.15 32.15 -29.80
C VAL A 120 -18.43 33.47 -30.09
N ILE A 121 -18.58 34.05 -31.31
CA ILE A 121 -17.94 35.35 -31.64
C ILE A 121 -18.38 36.41 -30.62
N GLN A 122 -19.67 36.47 -30.29
CA GLN A 122 -20.30 37.51 -29.42
C GLN A 122 -19.65 37.48 -28.02
N TYR A 123 -19.30 36.27 -27.53
CA TYR A 123 -18.77 36.10 -26.15
C TYR A 123 -17.26 35.83 -26.15
N TYR A 124 -16.58 35.91 -27.31
CA TYR A 124 -15.12 35.66 -27.39
C TYR A 124 -14.42 36.64 -26.47
N PRO A 125 -13.65 36.20 -25.44
CA PRO A 125 -13.06 37.14 -24.47
C PRO A 125 -11.93 38.05 -24.99
N ALA A 126 -11.26 37.74 -26.10
CA ALA A 126 -10.00 38.41 -26.51
C ALA A 126 -10.22 39.35 -27.69
N ALA A 127 -9.23 40.19 -28.01
CA ALA A 127 -9.34 41.35 -28.92
C ALA A 127 -7.94 41.80 -29.27
N PRO A 128 -7.73 42.35 -30.50
CA PRO A 128 -8.81 42.61 -31.45
C PRO A 128 -9.13 41.40 -32.37
N LEU A 129 -10.43 41.12 -32.48
CA LEU A 129 -10.98 40.02 -33.31
C LEU A 129 -11.21 40.56 -34.73
N PRO A 130 -10.47 40.09 -35.75
CA PRO A 130 -10.71 40.53 -37.12
C PRO A 130 -11.82 39.69 -37.78
N GLY A 131 -12.24 40.11 -38.96
CA GLY A 131 -13.23 39.38 -39.76
C GLY A 131 -12.55 38.14 -40.33
N PHE A 132 -13.42 37.26 -40.90
CA PHE A 132 -12.90 35.99 -41.47
C PHE A 132 -13.95 35.36 -42.40
N SER A 133 -13.37 34.56 -43.28
CA SER A 133 -14.13 33.73 -44.27
C SER A 133 -13.86 32.29 -43.87
N ALA A 134 -14.92 31.49 -43.82
CA ALA A 134 -14.87 30.11 -43.32
C ALA A 134 -15.89 29.23 -44.02
N VAL A 135 -15.45 28.00 -44.33
CA VAL A 135 -16.35 26.87 -44.66
C VAL A 135 -16.52 26.02 -43.39
N VAL A 136 -17.76 25.67 -43.10
CA VAL A 136 -18.19 24.81 -41.98
C VAL A 136 -18.69 23.48 -42.55
N VAL A 137 -18.03 22.38 -42.16
CA VAL A 137 -18.41 20.96 -42.46
C VAL A 137 -18.45 20.17 -41.15
N SER A 138 -19.30 19.13 -41.11
CA SER A 138 -19.45 18.25 -39.93
C SER A 138 -19.88 16.85 -40.35
N SER A 139 -19.27 15.81 -39.78
CA SER A 139 -19.67 14.38 -39.87
C SER A 139 -20.40 13.97 -38.58
N VAL A 140 -20.60 14.93 -37.66
CA VAL A 140 -21.48 14.72 -36.48
C VAL A 140 -22.93 14.81 -36.94
N PRO A 141 -23.73 13.74 -36.74
CA PRO A 141 -25.12 13.73 -37.24
C PRO A 141 -25.86 14.86 -36.53
N LEU A 142 -26.46 15.76 -37.32
CA LEU A 142 -27.07 17.03 -36.84
C LEU A 142 -28.30 16.69 -35.99
N GLY A 143 -28.29 17.12 -34.73
CA GLY A 143 -29.39 16.85 -33.78
C GLY A 143 -29.52 15.38 -33.46
N GLY A 144 -28.44 14.60 -33.52
CA GLY A 144 -28.42 13.13 -33.25
C GLY A 144 -27.98 12.73 -31.84
N GLY A 145 -27.68 13.68 -30.95
CA GLY A 145 -27.31 13.37 -29.54
C GLY A 145 -25.80 13.22 -29.26
N LEU A 146 -24.94 13.55 -30.22
CA LEU A 146 -23.47 13.42 -30.10
C LEU A 146 -22.83 14.80 -30.14
N SER A 147 -23.59 15.82 -29.77
CA SER A 147 -23.11 17.21 -29.55
C SER A 147 -22.56 17.84 -30.85
N SER A 148 -23.34 17.82 -31.91
CA SER A 148 -23.00 18.56 -33.15
C SER A 148 -22.79 20.02 -32.77
N SER A 149 -23.68 20.58 -31.94
CA SER A 149 -23.64 22.03 -31.59
C SER A 149 -22.40 22.35 -30.75
N ALA A 150 -21.97 21.43 -29.87
CA ALA A 150 -20.77 21.69 -29.06
C ALA A 150 -19.55 21.61 -29.98
N SER A 151 -19.53 20.66 -30.93
CA SER A 151 -18.37 20.56 -31.87
C SER A 151 -18.25 21.86 -32.69
N LEU A 152 -19.36 22.45 -33.12
CA LEU A 152 -19.37 23.70 -33.98
C LEU A 152 -19.01 24.89 -33.08
N GLU A 153 -19.52 24.93 -31.83
CA GLU A 153 -19.11 25.98 -30.86
C GLU A 153 -17.59 25.93 -30.66
N VAL A 154 -17.03 24.74 -30.50
CA VAL A 154 -15.63 24.62 -30.02
C VAL A 154 -14.71 24.74 -31.23
N ALA A 155 -15.14 24.20 -32.37
CA ALA A 155 -14.46 24.48 -33.66
C ALA A 155 -14.38 26.00 -33.89
N THR A 156 -15.49 26.73 -33.73
CA THR A 156 -15.49 28.20 -33.94
C THR A 156 -14.47 28.82 -32.97
N TYR A 157 -14.59 28.52 -31.68
CA TYR A 157 -13.74 29.09 -30.63
C TYR A 157 -12.27 28.88 -31.04
N THR A 158 -11.96 27.67 -31.48
CA THR A 158 -10.59 27.22 -31.79
C THR A 158 -10.07 28.05 -32.98
N PHE A 159 -10.94 28.30 -33.96
CA PHE A 159 -10.61 29.19 -35.10
C PHE A 159 -10.39 30.62 -34.59
N LEU A 160 -11.25 31.15 -33.71
CA LEU A 160 -11.07 32.53 -33.18
C LEU A 160 -9.72 32.69 -32.45
N GLN A 161 -9.23 31.67 -31.75
CA GLN A 161 -7.93 31.69 -31.04
C GLN A 161 -6.80 31.86 -32.05
N GLN A 162 -6.90 31.27 -33.24
CA GLN A 162 -5.86 31.46 -34.29
C GLN A 162 -5.91 32.90 -34.80
N LEU A 163 -7.08 33.54 -34.81
CA LEU A 163 -7.15 34.95 -35.29
C LEU A 163 -6.74 35.89 -34.15
N CYS A 164 -6.98 35.53 -32.91
CA CYS A 164 -6.75 36.45 -31.78
C CYS A 164 -6.59 35.63 -30.49
N PRO A 165 -5.36 35.11 -30.24
CA PRO A 165 -5.09 34.20 -29.12
C PRO A 165 -5.67 34.74 -27.83
N ASP A 166 -6.37 33.87 -27.11
CA ASP A 166 -6.96 34.24 -25.80
C ASP A 166 -5.84 34.00 -24.75
N SER A 167 -5.93 34.50 -23.57
CA SER A 167 -4.92 34.02 -22.59
C SER A 167 -5.74 33.30 -21.53
N GLY A 168 -6.56 32.37 -21.99
CA GLY A 168 -7.60 31.78 -21.12
C GLY A 168 -7.27 30.35 -20.67
N THR A 169 -8.22 29.78 -19.94
CA THR A 169 -8.20 28.39 -19.44
C THR A 169 -9.21 27.56 -20.22
N ILE A 170 -9.14 26.23 -20.09
CA ILE A 170 -10.03 25.28 -20.80
C ILE A 170 -11.49 25.54 -20.35
N ALA A 171 -11.70 25.86 -19.08
CA ALA A 171 -13.03 26.13 -18.46
C ALA A 171 -13.63 27.43 -19.00
N ALA A 172 -12.85 28.50 -19.10
CA ALA A 172 -13.33 29.80 -19.59
C ALA A 172 -13.85 29.66 -21.02
N ARG A 173 -13.15 28.88 -21.86
CA ARG A 173 -13.51 28.63 -23.28
C ARG A 173 -14.76 27.75 -23.31
N ALA A 174 -14.87 26.79 -22.41
CA ALA A 174 -16.06 25.94 -22.29
C ALA A 174 -17.26 26.81 -21.91
N GLN A 175 -17.11 27.69 -20.91
CA GLN A 175 -18.19 28.64 -20.50
C GLN A 175 -18.57 29.56 -21.70
N VAL A 176 -17.62 30.07 -22.47
CA VAL A 176 -17.95 30.89 -23.68
C VAL A 176 -18.87 30.09 -24.59
N CYS A 177 -18.42 28.91 -25.00
CA CYS A 177 -19.18 28.03 -25.92
C CYS A 177 -20.55 27.71 -25.30
N GLN A 178 -20.59 27.53 -23.96
CA GLN A 178 -21.82 27.19 -23.22
C GLN A 178 -22.80 28.37 -23.22
N GLN A 179 -22.33 29.59 -23.01
CA GLN A 179 -23.16 30.83 -23.09
C GLN A 179 -23.73 31.00 -24.52
N ALA A 180 -22.95 30.72 -25.53
CA ALA A 180 -23.44 30.79 -26.92
C ALA A 180 -24.65 29.86 -27.04
N GLU A 181 -24.56 28.68 -26.43
CA GLU A 181 -25.64 27.66 -26.47
C GLU A 181 -26.85 28.15 -25.70
N HIS A 182 -26.68 28.75 -24.53
CA HIS A 182 -27.79 29.31 -23.72
C HIS A 182 -28.45 30.49 -24.47
N SER A 183 -27.68 31.49 -24.90
CA SER A 183 -28.21 32.81 -25.32
C SER A 183 -28.62 32.75 -26.79
N PHE A 184 -27.87 32.05 -27.62
CA PHE A 184 -28.05 32.08 -29.09
C PHE A 184 -28.82 30.84 -29.57
N ALA A 185 -28.82 29.70 -28.87
CA ALA A 185 -29.67 28.55 -29.28
C ALA A 185 -30.78 28.29 -28.25
N GLY A 186 -30.85 29.06 -27.16
CA GLY A 186 -31.85 28.85 -26.09
C GLY A 186 -31.81 27.43 -25.52
N MET A 187 -30.62 26.87 -25.38
CA MET A 187 -30.43 25.50 -24.86
C MET A 187 -29.60 25.60 -23.58
N PRO A 188 -30.20 25.46 -22.39
CA PRO A 188 -29.50 25.73 -21.14
C PRO A 188 -28.65 24.53 -20.65
N CYS A 189 -27.71 24.08 -21.47
CA CYS A 189 -26.77 22.96 -21.28
C CYS A 189 -25.82 23.24 -20.11
N GLY A 190 -25.38 22.14 -19.48
CA GLY A 190 -24.17 22.10 -18.63
C GLY A 190 -22.93 22.15 -19.50
N ILE A 191 -21.81 21.69 -18.95
CA ILE A 191 -20.44 22.00 -19.45
C ILE A 191 -19.83 20.76 -20.10
N MET A 192 -20.50 19.61 -20.08
CA MET A 192 -19.88 18.32 -20.53
C MET A 192 -19.42 18.39 -21.99
N ASP A 193 -20.33 18.77 -22.89
CA ASP A 193 -20.17 18.57 -24.35
C ASP A 193 -19.01 19.46 -24.80
N GLN A 194 -19.02 20.71 -24.32
CA GLN A 194 -17.97 21.73 -24.63
C GLN A 194 -16.63 21.21 -24.11
N PHE A 195 -16.65 20.71 -22.87
CA PHE A 195 -15.42 20.25 -22.19
C PHE A 195 -14.79 19.13 -23.00
N ILE A 196 -15.57 18.10 -23.34
CA ILE A 196 -15.00 16.90 -24.01
C ILE A 196 -14.51 17.30 -25.40
N SER A 197 -15.22 18.22 -26.06
CA SER A 197 -14.85 18.63 -27.42
C SER A 197 -13.56 19.46 -27.34
N LEU A 198 -13.32 20.18 -26.24
CA LEU A 198 -12.02 20.89 -26.04
C LEU A 198 -10.91 19.90 -25.69
N MET A 199 -11.16 18.99 -24.75
CA MET A 199 -10.10 18.36 -23.93
C MET A 199 -9.91 16.87 -24.25
N GLY A 200 -10.75 16.30 -25.11
CA GLY A 200 -10.66 14.89 -25.52
C GLY A 200 -9.26 14.53 -25.95
N GLN A 201 -8.81 13.32 -25.66
CA GLN A 201 -7.49 12.84 -26.15
C GLN A 201 -7.67 11.44 -26.74
N LYS A 202 -7.12 11.21 -27.92
CA LYS A 202 -7.15 9.87 -28.55
C LYS A 202 -6.85 8.82 -27.47
N GLY A 203 -7.63 7.73 -27.41
CA GLY A 203 -7.33 6.55 -26.59
C GLY A 203 -7.63 6.80 -25.12
N HIS A 204 -8.48 7.78 -24.81
CA HIS A 204 -8.83 8.14 -23.41
C HIS A 204 -10.29 8.53 -23.34
N ALA A 205 -10.94 8.17 -22.26
CA ALA A 205 -12.14 8.83 -21.73
C ALA A 205 -11.63 9.99 -20.84
N LEU A 206 -12.56 10.97 -20.61
CA LEU A 206 -12.29 12.22 -19.85
C LEU A 206 -13.29 12.25 -18.71
N LEU A 207 -12.85 11.90 -17.49
CA LEU A 207 -13.68 11.99 -16.26
C LEU A 207 -13.65 13.46 -15.84
N ILE A 208 -14.83 14.07 -15.80
CA ILE A 208 -14.99 15.51 -15.49
C ILE A 208 -15.73 15.63 -14.15
N ASP A 209 -15.14 16.44 -13.26
CA ASP A 209 -15.79 16.85 -11.99
C ASP A 209 -16.37 18.23 -12.27
N CYS A 210 -17.68 18.29 -12.49
CA CYS A 210 -18.46 19.50 -12.85
C CYS A 210 -18.72 20.39 -11.63
N ARG A 211 -18.21 20.00 -10.44
CA ARG A 211 -18.13 20.87 -9.24
C ARG A 211 -16.80 21.63 -9.22
N SER A 212 -15.67 20.90 -9.35
CA SER A 212 -14.29 21.44 -9.17
C SER A 212 -13.68 21.84 -10.53
N LEU A 213 -14.11 21.15 -11.60
CA LEU A 213 -13.63 21.30 -13.00
C LEU A 213 -12.22 20.68 -13.15
N GLU A 214 -11.84 19.89 -12.15
CA GLU A 214 -10.75 18.91 -12.26
C GLU A 214 -11.24 17.73 -13.17
N THR A 215 -10.26 17.37 -14.10
CA THR A 215 -10.48 16.41 -15.22
C THR A 215 -9.46 15.28 -15.15
N SER A 216 -9.89 14.06 -15.42
CA SER A 216 -8.94 12.94 -15.54
C SER A 216 -8.98 12.39 -16.96
N LEU A 217 -7.81 12.08 -17.50
CA LEU A 217 -7.68 11.38 -18.79
C LEU A 217 -7.43 9.90 -18.52
N VAL A 218 -8.46 9.09 -18.72
CA VAL A 218 -8.52 7.66 -18.33
C VAL A 218 -8.23 6.81 -19.56
N PRO A 219 -7.06 6.13 -19.65
CA PRO A 219 -6.73 5.33 -20.81
C PRO A 219 -7.83 4.33 -21.15
N LEU A 220 -8.24 4.33 -22.42
CA LEU A 220 -9.25 3.44 -23.03
C LEU A 220 -8.59 2.72 -24.21
N SER A 221 -7.39 2.19 -24.00
CA SER A 221 -6.54 1.55 -25.04
C SER A 221 -7.12 0.19 -25.45
N ASP A 222 -6.91 -0.85 -24.64
CA ASP A 222 -7.31 -2.26 -24.94
C ASP A 222 -8.11 -2.36 -26.25
N PRO A 223 -7.56 -2.99 -27.31
CA PRO A 223 -8.25 -3.09 -28.60
C PRO A 223 -9.24 -4.27 -28.69
N LYS A 224 -9.29 -5.10 -27.63
CA LYS A 224 -10.34 -6.14 -27.44
C LYS A 224 -11.72 -5.47 -27.27
N LEU A 225 -11.76 -4.24 -26.77
CA LEU A 225 -13.01 -3.57 -26.34
C LEU A 225 -13.35 -2.47 -27.37
N ALA A 226 -14.59 -2.49 -27.86
CA ALA A 226 -15.17 -1.48 -28.80
C ALA A 226 -16.26 -0.69 -28.08
N VAL A 227 -16.60 0.47 -28.64
CA VAL A 227 -17.81 1.25 -28.27
C VAL A 227 -18.63 1.37 -29.55
N LEU A 228 -19.81 0.74 -29.57
CA LEU A 228 -20.81 0.86 -30.67
C LEU A 228 -21.79 1.97 -30.27
N ILE A 229 -21.87 2.97 -31.12
CA ILE A 229 -22.91 4.03 -31.01
C ILE A 229 -23.97 3.73 -32.07
N THR A 230 -25.24 3.69 -31.66
CA THR A 230 -26.39 3.42 -32.59
C THR A 230 -27.36 4.63 -32.48
N ASN A 231 -27.41 5.31 -33.67
CA ASN A 231 -28.35 6.42 -33.94
C ASN A 231 -29.72 5.78 -34.12
N SER A 232 -30.69 6.12 -33.26
CA SER A 232 -32.12 5.76 -33.41
C SER A 232 -32.74 6.49 -34.60
N ASN A 233 -32.09 7.54 -35.08
CA ASN A 233 -32.60 8.40 -36.19
C ASN A 233 -33.99 8.93 -35.79
N VAL A 234 -34.14 9.32 -34.53
CA VAL A 234 -35.39 9.87 -33.95
C VAL A 234 -35.03 11.03 -33.03
N ARG A 235 -35.85 12.10 -33.05
CA ARG A 235 -35.84 13.22 -32.07
C ARG A 235 -37.31 13.55 -31.76
N HIS A 236 -37.75 13.29 -30.52
CA HIS A 236 -39.10 13.64 -30.01
C HIS A 236 -39.13 15.13 -29.59
N SER A 237 -40.22 15.83 -29.96
CA SER A 237 -40.60 17.20 -29.50
C SER A 237 -40.10 17.43 -28.07
N LEU A 238 -40.48 16.54 -27.14
CA LEU A 238 -40.22 16.62 -25.68
C LEU A 238 -38.75 16.95 -25.37
N ALA A 239 -37.83 16.59 -26.28
CA ALA A 239 -36.37 16.85 -26.13
C ALA A 239 -36.14 18.33 -25.78
N SER A 240 -36.23 19.23 -26.78
CA SER A 240 -36.05 20.70 -26.65
C SER A 240 -36.76 21.17 -25.36
N SER A 241 -38.02 20.73 -25.18
CA SER A 241 -38.98 21.28 -24.18
C SER A 241 -38.69 20.76 -22.76
N GLU A 242 -38.31 19.48 -22.60
CA GLU A 242 -38.32 18.83 -21.24
C GLU A 242 -36.96 18.93 -20.55
N TYR A 243 -35.85 19.16 -21.27
CA TYR A 243 -34.50 19.35 -20.69
C TYR A 243 -34.56 20.47 -19.66
N PRO A 244 -34.98 21.71 -20.00
CA PRO A 244 -35.07 22.76 -18.98
C PRO A 244 -35.94 22.39 -17.77
N VAL A 245 -37.00 21.60 -17.96
CA VAL A 245 -37.98 21.26 -16.89
C VAL A 245 -37.28 20.37 -15.86
N ARG A 246 -36.47 19.41 -16.34
CA ARG A 246 -35.68 18.47 -15.51
C ARG A 246 -34.67 19.24 -14.68
N ARG A 247 -34.04 20.19 -15.34
CA ARG A 247 -33.04 21.08 -14.76
C ARG A 247 -33.76 21.88 -13.65
N ARG A 248 -34.92 22.47 -13.93
CA ARG A 248 -35.65 23.32 -12.96
C ARG A 248 -36.02 22.50 -11.70
N GLN A 249 -36.38 21.21 -11.83
CA GLN A 249 -36.89 20.43 -10.68
C GLN A 249 -35.72 19.84 -9.90
N CYS A 250 -34.53 19.78 -10.50
CA CYS A 250 -33.25 19.50 -9.81
C CYS A 250 -32.90 20.68 -8.90
N GLU A 251 -33.21 21.91 -9.31
CA GLU A 251 -32.99 23.12 -8.46
C GLU A 251 -33.96 23.06 -7.27
N GLU A 252 -35.26 22.82 -7.48
CA GLU A 252 -36.30 22.76 -6.40
C GLU A 252 -35.85 21.80 -5.27
N VAL A 253 -35.37 20.60 -5.61
CA VAL A 253 -34.91 19.61 -4.60
C VAL A 253 -33.74 20.22 -3.81
N ALA A 254 -32.65 20.60 -4.48
CA ALA A 254 -31.50 21.35 -3.92
C ALA A 254 -31.99 22.48 -3.01
N ARG A 255 -32.95 23.31 -3.46
CA ARG A 255 -33.55 24.42 -2.66
C ARG A 255 -34.07 23.85 -1.33
N ALA A 256 -35.06 22.96 -1.39
CA ALA A 256 -35.77 22.35 -0.24
C ALA A 256 -34.80 21.70 0.74
N LEU A 257 -33.72 21.08 0.26
CA LEU A 257 -32.82 20.20 1.06
C LEU A 257 -31.60 21.00 1.58
N GLY A 258 -31.59 22.32 1.36
CA GLY A 258 -30.55 23.24 1.88
C GLY A 258 -29.22 23.03 1.19
N ALA A 259 -29.21 22.30 0.07
CA ALA A 259 -27.99 21.88 -0.67
C ALA A 259 -27.76 22.82 -1.84
N ALA A 260 -26.53 23.34 -1.97
CA ALA A 260 -26.12 24.29 -3.02
C ALA A 260 -26.11 23.56 -4.38
N SER A 261 -26.10 22.23 -4.36
CA SER A 261 -26.28 21.35 -5.54
C SER A 261 -26.65 19.95 -5.07
N LEU A 262 -27.01 19.09 -6.02
CA LEU A 262 -27.43 17.68 -5.77
C LEU A 262 -26.16 16.84 -5.61
N ARG A 263 -25.01 17.44 -5.87
CA ARG A 263 -23.67 16.85 -5.65
C ARG A 263 -23.50 16.63 -4.16
N GLU A 264 -23.78 17.69 -3.40
CA GLU A 264 -23.59 17.82 -1.93
C GLU A 264 -24.60 16.92 -1.21
N VAL A 265 -25.72 16.54 -1.85
CA VAL A 265 -26.68 15.61 -1.18
C VAL A 265 -26.27 14.17 -1.51
N GLN A 266 -26.53 13.31 -0.52
CA GLN A 266 -26.24 11.85 -0.47
C GLN A 266 -27.60 11.02 -0.37
N LEU A 267 -27.58 9.97 -1.26
CA LEU A 267 -28.67 8.98 -1.40
C LEU A 267 -29.33 8.66 -0.05
N GLU A 268 -28.52 8.45 1.02
CA GLU A 268 -28.98 8.22 2.41
C GLU A 268 -29.69 9.50 2.91
N GLU A 269 -29.13 10.67 2.56
CA GLU A 269 -29.66 12.01 2.93
C GLU A 269 -31.02 12.26 2.26
N LEU A 270 -31.25 11.77 1.02
CA LEU A 270 -32.52 12.01 0.27
C LEU A 270 -33.55 10.91 0.62
N GLU A 271 -33.10 9.69 0.93
CA GLU A 271 -33.96 8.57 1.40
C GLU A 271 -34.75 9.04 2.62
N ALA A 272 -34.03 9.71 3.54
CA ALA A 272 -34.54 10.32 4.80
C ALA A 272 -35.33 11.61 4.51
N ALA A 273 -35.38 12.07 3.25
CA ALA A 273 -36.00 13.36 2.83
C ALA A 273 -37.17 13.13 1.88
N ARG A 274 -37.60 11.87 1.67
CA ARG A 274 -38.76 11.49 0.81
C ARG A 274 -39.93 12.43 1.13
N ASP A 275 -40.13 12.74 2.41
CA ASP A 275 -41.25 13.58 2.92
C ASP A 275 -41.24 14.96 2.22
N LEU A 276 -40.06 15.55 1.96
CA LEU A 276 -39.92 17.00 1.64
C LEU A 276 -39.92 17.28 0.12
N VAL A 277 -40.36 16.33 -0.75
CA VAL A 277 -40.26 16.48 -2.23
C VAL A 277 -41.34 15.64 -2.96
N SER A 278 -41.77 16.10 -4.14
CA SER A 278 -42.60 15.39 -5.14
C SER A 278 -42.13 13.94 -5.33
N LYS A 279 -43.01 13.07 -5.83
CA LYS A 279 -42.65 11.69 -6.26
C LYS A 279 -41.90 11.79 -7.60
N GLU A 280 -42.27 12.76 -8.43
CA GLU A 280 -41.50 13.18 -9.64
C GLU A 280 -40.09 13.61 -9.15
N GLY A 281 -40.09 14.51 -8.13
CA GLY A 281 -38.87 15.11 -7.58
C GLY A 281 -37.90 14.08 -6.99
N PHE A 282 -38.36 13.22 -6.08
CA PHE A 282 -37.52 12.15 -5.44
C PHE A 282 -36.96 11.23 -6.57
N ARG A 283 -37.86 10.91 -7.56
CA ARG A 283 -37.48 9.97 -8.65
C ARG A 283 -36.32 10.58 -9.47
N ARG A 284 -36.33 11.92 -9.64
CA ARG A 284 -35.29 12.62 -10.47
C ARG A 284 -33.98 12.67 -9.68
N ALA A 285 -34.05 12.85 -8.37
CA ALA A 285 -32.87 12.94 -7.48
C ALA A 285 -32.21 11.56 -7.29
N ARG A 286 -33.00 10.46 -7.24
CA ARG A 286 -32.44 9.09 -7.00
C ARG A 286 -31.65 8.66 -8.27
N HIS A 287 -32.01 9.25 -9.42
CA HIS A 287 -31.24 9.08 -10.68
C HIS A 287 -29.86 9.81 -10.54
N VAL A 288 -29.99 11.19 -10.23
CA VAL A 288 -28.82 12.14 -10.28
C VAL A 288 -27.78 11.67 -9.26
N VAL A 289 -28.25 11.71 -8.00
CA VAL A 289 -27.53 11.36 -6.74
C VAL A 289 -26.91 9.91 -6.90
N GLY A 290 -27.94 9.01 -7.39
CA GLY A 290 -27.47 7.67 -7.82
C GLY A 290 -26.35 7.81 -8.86
N GLU A 291 -26.72 8.45 -10.01
CA GLU A 291 -26.00 8.44 -11.32
C GLU A 291 -24.49 9.02 -11.31
N ILE A 292 -24.36 9.99 -10.34
CA ILE A 292 -23.00 10.43 -9.77
C ILE A 292 -22.21 9.22 -9.22
N ARG A 293 -22.86 8.38 -8.32
CA ARG A 293 -22.06 7.35 -7.58
C ARG A 293 -21.46 6.39 -8.75
N ARG A 294 -22.46 5.93 -9.57
CA ARG A 294 -22.09 4.88 -10.56
C ARG A 294 -21.01 5.36 -11.55
N THR A 295 -20.90 6.68 -11.81
CA THR A 295 -19.91 7.22 -12.81
C THR A 295 -18.45 7.11 -12.16
N ALA A 296 -18.47 7.43 -10.78
CA ALA A 296 -17.28 7.23 -9.87
C ALA A 296 -16.82 5.74 -9.85
N GLN A 297 -17.87 4.81 -9.75
CA GLN A 297 -17.65 3.33 -9.76
C GLN A 297 -17.09 2.97 -11.17
N ALA A 298 -17.73 3.54 -12.21
CA ALA A 298 -17.41 3.15 -13.61
C ALA A 298 -15.89 3.45 -13.82
N ALA A 299 -15.64 4.84 -13.48
CA ALA A 299 -14.28 5.44 -13.55
C ALA A 299 -13.30 4.39 -12.98
N ALA A 300 -13.54 3.99 -11.72
CA ALA A 300 -12.67 3.11 -10.91
C ALA A 300 -12.71 1.62 -11.39
N ALA A 301 -13.89 1.34 -12.22
CA ALA A 301 -14.01 0.05 -12.91
C ALA A 301 -13.13 0.05 -14.19
N LEU A 302 -13.17 1.15 -14.98
CA LEU A 302 -12.35 1.25 -16.26
C LEU A 302 -10.81 0.90 -15.70
N ARG A 303 -10.41 1.80 -14.80
CA ARG A 303 -9.00 1.87 -14.29
C ARG A 303 -8.54 0.44 -13.95
N ARG A 304 -9.43 -0.33 -13.29
CA ARG A 304 -9.21 -1.75 -12.93
C ARG A 304 -9.41 -2.65 -14.16
N GLY A 305 -9.88 -2.12 -15.28
CA GLY A 305 -9.91 -2.80 -16.59
C GLY A 305 -11.01 -3.94 -16.68
N ASP A 306 -12.02 -3.81 -15.75
CA ASP A 306 -13.24 -4.70 -15.72
C ASP A 306 -14.47 -4.00 -16.49
N TYR A 307 -14.64 -4.72 -17.69
CA TYR A 307 -15.38 -4.26 -18.89
C TYR A 307 -16.75 -4.96 -19.01
N ARG A 308 -16.86 -6.19 -18.49
CA ARG A 308 -18.16 -6.84 -18.13
C ARG A 308 -18.93 -5.95 -17.03
N ALA A 309 -18.03 -5.66 -15.95
CA ALA A 309 -18.48 -5.12 -14.62
C ALA A 309 -19.46 -3.98 -14.78
N PHE A 310 -18.99 -2.86 -15.38
CA PHE A 310 -19.67 -1.54 -15.40
C PHE A 310 -20.57 -1.49 -16.65
N GLY A 311 -20.76 -2.71 -17.25
CA GLY A 311 -22.04 -3.12 -17.85
C GLY A 311 -23.13 -2.69 -16.90
N ARG A 312 -23.12 -3.28 -15.70
CA ARG A 312 -24.18 -3.19 -14.66
C ARG A 312 -24.51 -1.69 -14.44
N LEU A 313 -23.45 -0.88 -14.27
CA LEU A 313 -23.65 0.54 -13.89
C LEU A 313 -24.21 1.31 -15.11
N MET A 314 -23.82 0.84 -16.34
CA MET A 314 -24.26 1.41 -17.67
C MET A 314 -25.74 1.05 -17.87
N VAL A 315 -26.08 -0.26 -17.81
CA VAL A 315 -27.47 -0.77 -17.96
C VAL A 315 -28.32 -0.11 -16.83
N GLU A 316 -27.66 -0.05 -15.60
CA GLU A 316 -28.25 0.59 -14.40
C GLU A 316 -28.56 2.06 -14.72
N SER A 317 -27.70 2.72 -15.51
CA SER A 317 -27.84 4.16 -15.88
C SER A 317 -29.20 4.30 -16.64
N HIS A 318 -29.20 3.46 -17.77
CA HIS A 318 -30.35 3.38 -18.69
C HIS A 318 -31.62 3.20 -17.87
N ARG A 319 -31.68 2.12 -17.05
CA ARG A 319 -32.94 1.78 -16.31
C ARG A 319 -33.46 3.12 -15.63
N SER A 320 -32.51 3.71 -14.83
CA SER A 320 -32.73 4.94 -14.02
C SER A 320 -33.14 6.17 -14.90
N LEU A 321 -32.51 6.30 -16.09
CA LEU A 321 -32.83 7.42 -17.00
C LEU A 321 -34.26 7.24 -17.51
N ARG A 322 -34.64 5.98 -17.67
CA ARG A 322 -35.89 5.55 -18.36
C ARG A 322 -37.05 5.51 -17.37
N ASP A 323 -36.80 5.01 -16.15
CA ASP A 323 -37.84 4.71 -15.12
C ASP A 323 -37.98 5.91 -14.10
N ASP A 324 -36.76 6.61 -13.90
CA ASP A 324 -36.65 7.62 -12.82
C ASP A 324 -36.54 9.04 -13.39
N TYR A 325 -35.64 9.26 -14.33
CA TYR A 325 -35.44 10.62 -14.88
C TYR A 325 -36.45 10.83 -16.03
N GLU A 326 -36.99 9.74 -16.59
CA GLU A 326 -38.05 9.74 -17.64
C GLU A 326 -37.59 10.56 -18.83
N VAL A 327 -36.45 10.22 -19.44
CA VAL A 327 -35.87 10.98 -20.58
C VAL A 327 -35.37 10.00 -21.64
N SER A 328 -35.69 8.71 -21.52
CA SER A 328 -35.59 7.70 -22.60
C SER A 328 -36.83 7.83 -23.50
N CYS A 329 -36.95 6.97 -24.51
CA CYS A 329 -38.10 6.86 -25.43
C CYS A 329 -38.13 5.43 -25.97
N PRO A 330 -39.29 4.92 -26.43
CA PRO A 330 -39.40 3.49 -26.72
C PRO A 330 -38.25 3.05 -27.64
N GLU A 331 -37.92 3.85 -28.65
CA GLU A 331 -36.81 3.58 -29.61
C GLU A 331 -35.50 3.31 -28.84
N LEU A 332 -35.17 4.14 -27.86
CA LEU A 332 -33.92 3.98 -27.08
C LEU A 332 -34.01 2.69 -26.26
N ASP A 333 -35.15 2.46 -25.60
CA ASP A 333 -35.36 1.25 -24.77
C ASP A 333 -35.10 -0.01 -25.60
N GLN A 334 -35.44 0.01 -26.88
CA GLN A 334 -35.48 -1.22 -27.72
C GLN A 334 -34.14 -1.43 -28.45
N LEU A 335 -33.39 -0.38 -28.78
CA LEU A 335 -32.01 -0.54 -29.33
C LEU A 335 -31.15 -1.26 -28.27
N VAL A 336 -31.39 -0.84 -27.00
CA VAL A 336 -30.74 -1.46 -25.81
C VAL A 336 -31.07 -2.97 -25.73
N GLU A 337 -32.37 -3.31 -25.68
CA GLU A 337 -32.82 -4.72 -25.73
C GLU A 337 -32.03 -5.43 -26.85
N ALA A 338 -32.15 -4.92 -28.12
CA ALA A 338 -31.53 -5.55 -29.31
C ALA A 338 -30.05 -5.89 -29.06
N ALA A 339 -29.26 -4.93 -28.57
CA ALA A 339 -27.79 -5.08 -28.38
C ALA A 339 -27.50 -5.97 -27.14
N LEU A 340 -28.26 -5.79 -26.05
CA LEU A 340 -27.90 -6.36 -24.73
C LEU A 340 -28.15 -7.88 -24.78
N ALA A 341 -27.37 -8.61 -25.59
CA ALA A 341 -27.30 -10.09 -25.61
C ALA A 341 -25.91 -10.54 -26.08
N VAL A 345 -21.70 -8.45 -26.03
CA VAL A 345 -21.73 -7.05 -25.52
C VAL A 345 -21.70 -7.06 -23.99
N TYR A 346 -20.78 -6.31 -23.40
CA TYR A 346 -20.71 -6.03 -21.94
C TYR A 346 -21.97 -5.25 -21.48
N GLY A 347 -22.51 -4.35 -22.34
CA GLY A 347 -23.47 -3.32 -21.83
C GLY A 347 -23.92 -2.28 -22.92
N SER A 348 -24.99 -1.50 -22.43
CA SER A 348 -25.76 -0.55 -23.28
C SER A 348 -26.73 0.34 -22.48
N ARG A 349 -26.92 1.58 -23.03
CA ARG A 349 -27.68 2.66 -22.39
C ARG A 349 -27.85 3.84 -23.37
N MET A 350 -28.86 4.66 -23.13
CA MET A 350 -29.04 5.89 -23.90
C MET A 350 -27.87 6.80 -23.52
N THR A 351 -27.51 7.69 -24.44
CA THR A 351 -26.42 8.66 -24.23
C THR A 351 -26.90 10.06 -24.63
N GLY A 352 -26.36 11.07 -23.97
CA GLY A 352 -26.76 12.46 -24.16
C GLY A 352 -28.09 12.75 -23.51
N GLY A 353 -28.83 13.73 -24.05
CA GLY A 353 -29.97 14.38 -23.35
C GLY A 353 -31.25 13.50 -23.36
N GLY A 354 -31.27 12.59 -24.36
CA GLY A 354 -32.34 11.57 -24.54
C GLY A 354 -33.51 12.06 -25.40
N PHE A 355 -34.70 11.45 -25.22
CA PHE A 355 -35.89 11.59 -26.09
C PHE A 355 -35.55 11.34 -27.57
N GLY A 356 -34.62 10.42 -27.83
CA GLY A 356 -34.10 10.12 -29.17
C GLY A 356 -32.59 10.24 -29.19
N GLY A 357 -31.99 10.22 -30.38
CA GLY A 357 -30.52 10.19 -30.54
C GLY A 357 -29.99 8.78 -30.41
N CYS A 358 -28.82 8.63 -29.79
CA CYS A 358 -28.01 7.39 -29.81
C CYS A 358 -27.99 6.70 -28.47
N THR A 359 -27.82 5.38 -28.53
CA THR A 359 -27.37 4.54 -27.40
C THR A 359 -25.86 4.37 -27.53
N VAL A 360 -25.23 3.93 -26.47
CA VAL A 360 -23.81 3.50 -26.52
C VAL A 360 -23.74 2.08 -25.92
N THR A 361 -23.07 1.19 -26.69
CA THR A 361 -22.90 -0.24 -26.38
C THR A 361 -21.38 -0.50 -26.31
N LEU A 362 -20.94 -0.98 -25.13
CA LEU A 362 -19.58 -1.49 -24.80
C LEU A 362 -19.50 -2.99 -25.12
N LEU A 363 -19.03 -3.39 -26.32
CA LEU A 363 -18.94 -4.82 -26.72
C LEU A 363 -17.47 -5.26 -26.92
N GLU A 364 -17.25 -6.53 -27.28
CA GLU A 364 -15.95 -7.10 -27.72
C GLU A 364 -15.81 -6.82 -29.22
N ALA A 365 -14.71 -6.21 -29.68
CA ALA A 365 -14.54 -5.75 -31.08
C ALA A 365 -14.98 -6.88 -32.04
N SER A 366 -14.54 -8.12 -31.77
CA SER A 366 -14.81 -9.35 -32.56
C SER A 366 -16.31 -9.63 -32.65
N ALA A 367 -17.07 -9.30 -31.61
CA ALA A 367 -18.52 -9.62 -31.44
C ALA A 367 -19.32 -9.11 -32.65
N ALA A 368 -19.34 -7.78 -32.86
CA ALA A 368 -19.72 -7.04 -34.10
C ALA A 368 -18.78 -7.43 -35.24
N PRO A 369 -19.24 -7.48 -36.52
CA PRO A 369 -20.51 -6.90 -36.95
C PRO A 369 -21.68 -7.91 -36.91
N HIS A 370 -21.80 -8.67 -35.82
CA HIS A 370 -23.03 -9.45 -35.49
C HIS A 370 -24.02 -8.55 -34.74
N ALA A 371 -23.53 -7.71 -33.84
CA ALA A 371 -24.36 -6.64 -33.20
C ALA A 371 -25.11 -5.81 -34.26
N MET A 372 -24.49 -5.56 -35.41
CA MET A 372 -25.01 -4.66 -36.48
C MET A 372 -25.82 -5.40 -37.56
N ARG A 373 -25.62 -6.71 -37.74
CA ARG A 373 -26.56 -7.58 -38.47
C ARG A 373 -27.86 -7.62 -37.67
N HIS A 374 -27.73 -7.79 -36.35
CA HIS A 374 -28.84 -8.06 -35.39
C HIS A 374 -29.61 -6.77 -35.03
N ILE A 375 -28.93 -5.67 -34.70
CA ILE A 375 -29.61 -4.39 -34.33
C ILE A 375 -30.47 -3.96 -35.53
N GLN A 376 -29.84 -3.66 -36.68
CA GLN A 376 -30.59 -3.32 -37.93
C GLN A 376 -31.82 -4.23 -38.07
N GLU A 377 -31.69 -5.56 -37.90
CA GLU A 377 -32.75 -6.55 -38.24
C GLU A 377 -33.74 -6.82 -37.07
N HIS A 378 -33.57 -6.08 -35.94
CA HIS A 378 -34.43 -6.14 -34.72
C HIS A 378 -34.71 -4.72 -34.17
N TYR A 379 -34.35 -3.65 -34.88
CA TYR A 379 -34.78 -2.25 -34.59
C TYR A 379 -35.85 -1.79 -35.64
N GLY A 380 -37.09 -1.52 -35.11
CA GLY A 380 -38.26 -1.03 -35.87
C GLY A 380 -37.94 0.20 -36.73
N GLY A 381 -37.17 1.15 -36.18
CA GLY A 381 -36.70 2.34 -36.92
C GLY A 381 -35.49 2.02 -37.79
N THR A 382 -34.78 3.09 -38.22
CA THR A 382 -33.54 3.03 -39.04
C THR A 382 -32.33 3.20 -38.12
N ALA A 383 -31.52 2.15 -37.94
CA ALA A 383 -30.23 2.22 -37.21
C ALA A 383 -29.14 2.75 -38.14
N THR A 384 -28.33 3.67 -37.65
CA THR A 384 -26.99 3.98 -38.18
C THR A 384 -25.97 3.62 -37.09
N PHE A 385 -24.79 3.12 -37.50
CA PHE A 385 -23.71 2.71 -36.58
C PHE A 385 -22.45 3.55 -36.79
N TYR A 386 -21.83 3.89 -35.66
CA TYR A 386 -20.41 4.31 -35.56
C TYR A 386 -19.70 3.29 -34.62
N LEU A 387 -18.55 2.75 -35.09
CA LEU A 387 -17.59 2.02 -34.21
C LEU A 387 -16.50 3.03 -33.82
N SER A 388 -16.60 3.53 -32.59
CA SER A 388 -15.88 4.73 -32.08
C SER A 388 -14.56 4.35 -31.42
N GLN A 389 -13.44 4.80 -32.00
CA GLN A 389 -12.14 4.97 -31.30
C GLN A 389 -12.30 6.23 -30.45
N ALA A 390 -11.76 6.28 -29.24
CA ALA A 390 -11.70 7.49 -28.41
C ALA A 390 -10.73 8.44 -29.11
N ALA A 391 -11.14 9.69 -29.36
CA ALA A 391 -10.50 10.62 -30.31
C ALA A 391 -9.87 11.80 -29.58
N ASP A 392 -9.01 12.50 -30.30
CA ASP A 392 -8.50 13.84 -29.91
C ASP A 392 -9.63 14.87 -29.83
N GLY A 393 -9.39 15.92 -29.04
CA GLY A 393 -10.28 17.09 -28.95
C GLY A 393 -9.89 18.11 -30.01
N ALA A 394 -10.06 19.38 -29.69
CA ALA A 394 -9.89 20.52 -30.61
C ALA A 394 -8.48 20.41 -31.21
N LYS A 395 -8.35 20.62 -32.52
CA LYS A 395 -7.06 20.57 -33.21
C LYS A 395 -6.94 21.71 -34.23
N VAL A 396 -5.72 21.99 -34.65
CA VAL A 396 -5.32 23.08 -35.57
C VAL A 396 -4.36 22.45 -36.58
N LEU A 397 -4.51 22.85 -37.83
CA LEU A 397 -3.53 22.50 -38.89
C LEU A 397 -3.41 23.72 -39.78
N CYS A 398 -2.26 24.37 -39.73
CA CYS A 398 -1.89 25.52 -40.59
C CYS A 398 -1.83 25.00 -42.03
N LEU A 399 -2.36 25.77 -42.98
CA LEU A 399 -2.37 25.40 -44.42
C LEU A 399 -1.52 26.40 -45.20
N ALA B 9 14.59 42.23 -9.37
CA ALA B 9 15.94 42.65 -9.97
C ALA B 9 16.65 41.43 -10.58
N ALA B 10 16.92 40.41 -9.78
CA ALA B 10 17.24 39.04 -10.27
C ALA B 10 15.96 38.32 -10.68
N LEU B 11 14.79 38.98 -10.63
CA LEU B 11 13.52 38.42 -11.19
C LEU B 11 13.52 38.63 -12.70
N ARG B 12 13.54 37.52 -13.43
CA ARG B 12 13.53 37.44 -14.90
C ARG B 12 12.08 37.17 -15.32
N GLN B 13 11.51 38.08 -16.11
CA GLN B 13 10.10 38.08 -16.60
C GLN B 13 10.10 37.73 -18.09
N PRO B 14 10.68 36.60 -18.49
CA PRO B 14 10.65 36.20 -19.90
C PRO B 14 9.27 36.40 -20.58
N GLN B 15 9.03 37.51 -21.27
CA GLN B 15 7.73 37.87 -21.88
C GLN B 15 7.56 37.07 -23.18
N VAL B 16 6.40 36.44 -23.39
CA VAL B 16 6.25 35.49 -24.54
C VAL B 16 6.05 36.28 -25.83
N ALA B 17 5.38 37.44 -25.81
CA ALA B 17 5.23 38.29 -27.02
C ALA B 17 6.63 38.60 -27.61
N GLU B 18 7.59 39.00 -26.77
CA GLU B 18 8.98 39.38 -27.19
C GLU B 18 9.70 38.17 -27.80
N LEU B 19 9.66 37.01 -27.12
CA LEU B 19 10.29 35.76 -27.60
C LEU B 19 9.81 35.45 -29.04
N LEU B 20 8.50 35.54 -29.31
CA LEU B 20 7.93 35.14 -30.63
C LEU B 20 8.37 36.17 -31.66
N ALA B 21 8.25 37.45 -31.34
CA ALA B 21 8.85 38.58 -32.13
C ALA B 21 10.33 38.30 -32.45
N GLU B 22 11.16 37.87 -31.49
CA GLU B 22 12.62 37.64 -31.77
C GLU B 22 12.75 36.55 -32.82
N ALA B 23 12.05 35.43 -32.65
CA ALA B 23 12.13 34.27 -33.55
C ALA B 23 11.67 34.71 -34.97
N ARG B 24 10.71 35.64 -35.07
CA ARG B 24 10.16 36.10 -36.38
C ARG B 24 11.17 37.03 -37.10
N ARG B 25 11.85 37.95 -36.40
CA ARG B 25 12.91 38.82 -37.01
C ARG B 25 14.08 37.93 -37.44
N ALA B 26 14.50 36.95 -36.64
CA ALA B 26 15.64 36.06 -36.96
C ALA B 26 15.37 35.17 -38.20
N PHE B 27 14.20 34.52 -38.31
CA PHE B 27 13.82 33.67 -39.46
C PHE B 27 13.75 34.53 -40.75
N ARG B 28 13.16 35.74 -40.66
CA ARG B 28 13.02 36.71 -41.78
C ARG B 28 14.43 37.03 -42.30
N GLU B 29 15.34 37.45 -41.41
CA GLU B 29 16.77 37.74 -41.76
C GLU B 29 17.39 36.50 -42.41
N GLU B 30 17.40 35.32 -41.76
CA GLU B 30 18.22 34.16 -42.27
C GLU B 30 17.67 33.56 -43.56
N PHE B 31 16.33 33.48 -43.71
CA PHE B 31 15.67 32.66 -44.74
C PHE B 31 15.02 33.53 -45.85
N GLY B 32 14.89 34.84 -45.59
CA GLY B 32 14.44 35.85 -46.56
C GLY B 32 12.94 36.09 -46.50
N ALA B 33 12.16 35.12 -46.03
CA ALA B 33 10.68 35.10 -46.10
C ALA B 33 10.10 35.02 -44.68
N GLU B 34 8.80 35.34 -44.56
CA GLU B 34 8.05 35.22 -43.30
C GLU B 34 7.86 33.72 -43.03
N PRO B 35 7.97 33.28 -41.76
CA PRO B 35 7.72 31.89 -41.40
C PRO B 35 6.19 31.68 -41.51
N GLU B 36 5.81 30.47 -41.97
CA GLU B 36 4.39 30.03 -42.08
C GLU B 36 3.82 29.71 -40.70
N LEU B 37 4.66 29.27 -39.76
CA LEU B 37 4.23 28.47 -38.57
C LEU B 37 5.01 28.84 -37.31
N ALA B 38 4.28 28.96 -36.20
CA ALA B 38 4.82 29.13 -34.84
C ALA B 38 4.36 27.95 -33.97
N VAL B 39 5.28 27.33 -33.22
CA VAL B 39 4.87 26.43 -32.08
C VAL B 39 5.67 26.81 -30.85
N SER B 40 5.16 26.42 -29.70
CA SER B 40 5.88 26.51 -28.40
C SER B 40 5.62 25.24 -27.57
N ALA B 41 6.60 24.90 -26.73
CA ALA B 41 6.42 23.93 -25.64
C ALA B 41 7.15 24.45 -24.39
N PRO B 42 6.50 24.35 -23.23
CA PRO B 42 7.04 24.93 -22.00
C PRO B 42 8.08 24.03 -21.32
N GLY B 43 8.92 24.69 -20.52
CA GLY B 43 9.61 24.12 -19.36
C GLY B 43 8.62 23.83 -18.24
N ARG B 44 9.11 23.34 -17.13
CA ARG B 44 8.25 22.79 -16.06
C ARG B 44 8.96 22.86 -14.72
N VAL B 45 8.18 23.00 -13.67
CA VAL B 45 8.63 22.77 -12.27
C VAL B 45 7.88 21.55 -11.75
N ASN B 46 8.54 20.62 -11.10
CA ASN B 46 7.85 19.52 -10.37
C ASN B 46 7.48 20.01 -8.98
N LEU B 47 6.19 20.09 -8.65
CA LEU B 47 5.80 20.67 -7.35
C LEU B 47 6.21 19.68 -6.24
N ILE B 48 6.15 18.39 -6.53
CA ILE B 48 6.46 17.27 -5.60
C ILE B 48 6.31 15.95 -6.35
N GLY B 49 7.05 14.94 -5.92
CA GLY B 49 7.10 13.65 -6.60
C GLY B 49 8.39 13.51 -7.35
N GLU B 50 9.51 13.74 -6.67
CA GLU B 50 10.85 13.69 -7.29
C GLU B 50 11.38 12.25 -7.21
N HIS B 51 11.85 11.74 -8.36
CA HIS B 51 12.55 10.46 -8.59
C HIS B 51 11.54 9.34 -8.30
N THR B 52 10.29 9.58 -8.67
CA THR B 52 9.18 8.60 -8.61
C THR B 52 8.85 8.12 -10.03
N ASP B 53 9.09 8.95 -11.04
CA ASP B 53 8.50 8.68 -12.38
C ASP B 53 9.04 7.35 -12.93
N TYR B 54 10.35 7.14 -12.85
CA TYR B 54 10.98 5.88 -13.31
C TYR B 54 10.74 4.74 -12.30
N ASN B 55 10.05 5.00 -11.18
CA ASN B 55 9.63 3.97 -10.19
C ASN B 55 8.12 3.72 -10.31
N GLN B 56 7.52 4.08 -11.45
CA GLN B 56 6.06 4.00 -11.75
C GLN B 56 5.28 4.69 -10.63
N GLY B 57 5.75 5.86 -10.19
CA GLY B 57 5.16 6.58 -9.05
C GLY B 57 4.21 7.67 -9.51
N LEU B 58 3.91 8.62 -8.62
CA LEU B 58 3.07 9.81 -8.88
C LEU B 58 3.99 11.01 -8.97
N VAL B 59 3.71 11.92 -9.91
CA VAL B 59 4.43 13.22 -10.02
C VAL B 59 3.42 14.36 -10.12
N LEU B 60 3.74 15.52 -9.57
CA LEU B 60 2.80 16.66 -9.57
C LEU B 60 3.48 17.90 -10.19
N PRO B 61 3.83 17.84 -11.49
CA PRO B 61 4.41 18.98 -12.19
C PRO B 61 3.42 20.05 -12.71
N MET B 62 3.94 21.24 -12.99
CA MET B 62 3.16 22.28 -13.68
C MET B 62 4.02 22.88 -14.77
N ALA B 63 3.42 23.25 -15.89
CA ALA B 63 4.17 23.96 -16.96
C ALA B 63 4.45 25.39 -16.48
N LEU B 64 5.58 25.90 -16.93
CA LEU B 64 6.01 27.30 -16.67
C LEU B 64 5.73 28.19 -17.89
N GLU B 65 5.71 29.50 -17.64
CA GLU B 65 5.59 30.57 -18.66
C GLU B 65 6.89 30.72 -19.45
N LEU B 66 7.99 30.21 -18.93
CA LEU B 66 9.25 29.97 -19.71
C LEU B 66 8.99 28.89 -20.76
N MET B 67 9.48 29.07 -21.99
CA MET B 67 9.15 28.16 -23.13
C MET B 67 10.21 28.22 -24.25
N THR B 68 10.19 27.20 -25.11
CA THR B 68 10.88 27.13 -26.43
C THR B 68 9.83 27.40 -27.54
N VAL B 69 10.17 28.28 -28.46
CA VAL B 69 9.32 28.62 -29.64
C VAL B 69 10.12 28.14 -30.85
N LEU B 70 9.45 27.44 -31.77
CA LEU B 70 9.98 27.21 -33.14
C LEU B 70 9.11 28.03 -34.10
N VAL B 71 9.71 28.81 -34.98
CA VAL B 71 9.00 29.41 -36.14
C VAL B 71 9.67 28.85 -37.38
N GLY B 72 8.87 28.28 -38.29
CA GLY B 72 9.41 27.78 -39.56
C GLY B 72 8.34 27.58 -40.61
N SER B 73 8.72 26.78 -41.63
CA SER B 73 8.03 26.56 -42.92
C SER B 73 8.52 25.22 -43.47
N PRO B 74 7.63 24.41 -44.12
CA PRO B 74 8.09 23.24 -44.87
C PRO B 74 9.04 23.62 -46.04
N ARG B 75 9.67 22.58 -46.63
CA ARG B 75 10.56 22.65 -47.82
C ARG B 75 10.25 21.45 -48.73
N LEU B 79 17.45 19.59 -46.93
CA LEU B 79 16.08 19.24 -46.49
C LEU B 79 15.76 19.95 -45.17
N VAL B 80 16.50 19.72 -44.08
CA VAL B 80 16.31 20.31 -42.70
C VAL B 80 17.34 21.40 -42.41
N SER B 81 16.91 22.61 -42.01
CA SER B 81 17.78 23.83 -41.88
C SER B 81 17.40 24.65 -40.62
N LEU B 82 18.27 24.68 -39.60
CA LEU B 82 17.95 25.24 -38.27
C LEU B 82 18.88 26.41 -37.95
N LEU B 83 18.34 27.41 -37.25
CA LEU B 83 19.11 28.50 -36.59
C LEU B 83 18.55 28.69 -35.18
N THR B 84 19.41 28.66 -34.18
CA THR B 84 19.00 29.09 -32.82
C THR B 84 19.66 30.43 -32.49
N THR B 85 18.98 31.25 -31.68
CA THR B 85 19.47 32.54 -31.13
C THR B 85 19.68 32.44 -29.60
N SER B 86 19.48 31.26 -29.00
CA SER B 86 19.62 31.03 -27.54
C SER B 86 21.06 31.33 -27.08
N GLU B 87 21.20 32.25 -26.11
CA GLU B 87 22.46 32.62 -25.40
C GLU B 87 23.26 31.36 -25.01
N GLY B 88 22.60 30.39 -24.35
CA GLY B 88 23.26 29.15 -23.89
C GLY B 88 23.88 28.33 -25.02
N ALA B 89 23.14 28.17 -26.13
CA ALA B 89 23.42 27.26 -27.27
C ALA B 89 24.90 27.27 -27.66
N ASP B 90 25.42 26.05 -27.88
CA ASP B 90 26.81 25.72 -28.33
CA ASP B 90 26.83 25.79 -28.31
C ASP B 90 26.93 26.06 -29.82
N GLU B 91 28.16 26.18 -30.34
CA GLU B 91 28.41 26.56 -31.76
C GLU B 91 28.47 25.32 -32.65
N PRO B 92 28.07 25.41 -33.94
CA PRO B 92 27.46 26.62 -34.50
C PRO B 92 25.95 26.74 -34.20
N GLN B 93 25.44 27.96 -34.27
CA GLN B 93 24.03 28.29 -34.01
C GLN B 93 23.20 28.12 -35.30
N ARG B 94 23.85 27.89 -36.45
CA ARG B 94 23.22 27.48 -37.74
C ARG B 94 23.71 26.08 -38.16
N LEU B 95 22.90 25.38 -38.96
CA LEU B 95 23.05 23.94 -39.25
C LEU B 95 22.11 23.54 -40.40
N GLN B 96 22.63 22.85 -41.42
CA GLN B 96 21.86 22.23 -42.53
C GLN B 96 22.27 20.75 -42.64
N PHE B 97 21.30 19.83 -42.62
CA PHE B 97 21.52 18.37 -42.81
C PHE B 97 20.29 17.72 -43.44
N PRO B 98 20.42 16.53 -44.06
CA PRO B 98 19.31 15.93 -44.80
C PRO B 98 18.39 15.08 -43.90
N LEU B 99 17.16 14.83 -44.33
CA LEU B 99 16.21 13.93 -43.63
C LEU B 99 16.81 12.53 -43.57
N PRO B 100 16.55 11.72 -42.51
CA PRO B 100 17.01 10.33 -42.46
C PRO B 100 16.25 9.34 -43.37
N THR B 101 16.94 8.81 -44.39
CA THR B 101 16.43 7.71 -45.25
C THR B 101 16.54 6.41 -44.46
N ALA B 102 16.01 5.30 -44.98
CA ALA B 102 16.15 3.94 -44.41
C ALA B 102 17.63 3.55 -44.36
N GLN B 103 18.40 3.95 -45.39
CA GLN B 103 19.84 3.59 -45.60
C GLN B 103 20.73 4.27 -44.54
N ARG B 104 20.63 5.59 -44.36
CA ARG B 104 21.51 6.39 -43.46
C ARG B 104 20.68 7.12 -42.40
N SER B 105 20.55 6.53 -41.21
CA SER B 105 19.91 7.10 -39.99
C SER B 105 20.73 8.31 -39.49
N LEU B 106 20.08 9.25 -38.81
CA LEU B 106 20.74 10.44 -38.21
C LEU B 106 21.41 10.01 -36.90
N GLU B 107 22.58 10.56 -36.57
CA GLU B 107 23.37 10.18 -35.37
C GLU B 107 23.64 11.41 -34.49
N PRO B 108 23.79 11.22 -33.16
CA PRO B 108 24.20 12.31 -32.27
C PRO B 108 25.55 12.92 -32.70
N GLY B 109 25.67 14.25 -32.64
CA GLY B 109 26.81 15.02 -33.19
C GLY B 109 26.97 16.39 -32.57
N THR B 110 27.68 17.27 -33.28
CA THR B 110 27.95 18.68 -32.91
C THR B 110 27.14 19.57 -33.85
N PRO B 111 26.40 20.59 -33.37
CA PRO B 111 26.34 20.95 -31.96
C PRO B 111 25.35 20.15 -31.10
N ARG B 112 25.60 20.13 -29.78
CA ARG B 112 24.86 19.34 -28.76
C ARG B 112 23.38 19.66 -28.84
N TRP B 113 23.01 20.93 -29.03
CA TRP B 113 21.62 21.43 -28.94
C TRP B 113 20.77 20.85 -30.07
N ALA B 114 21.35 20.74 -31.26
CA ALA B 114 20.65 20.24 -32.48
C ALA B 114 20.35 18.74 -32.33
N ASN B 115 20.96 18.05 -31.38
CA ASN B 115 20.78 16.59 -31.19
C ASN B 115 19.33 16.30 -30.77
N TYR B 116 18.72 17.26 -30.06
CA TYR B 116 17.38 17.14 -29.44
C TYR B 116 16.33 17.13 -30.55
N VAL B 117 16.60 17.96 -31.56
CA VAL B 117 15.77 18.14 -32.78
C VAL B 117 15.87 16.87 -33.62
N LYS B 118 17.08 16.45 -33.96
CA LYS B 118 17.38 15.22 -34.75
C LYS B 118 16.72 13.99 -34.10
N GLY B 119 17.03 13.74 -32.83
CA GLY B 119 16.42 12.66 -32.02
C GLY B 119 14.94 12.52 -32.33
N VAL B 120 14.20 13.62 -32.16
CA VAL B 120 12.73 13.73 -32.40
C VAL B 120 12.40 13.44 -33.88
N ILE B 121 13.16 13.96 -34.84
CA ILE B 121 12.92 13.74 -36.30
C ILE B 121 13.02 12.22 -36.61
N GLN B 122 14.22 11.69 -36.38
CA GLN B 122 14.64 10.26 -36.46
C GLN B 122 13.58 9.30 -35.91
N TYR B 123 12.95 9.58 -34.75
CA TYR B 123 11.94 8.67 -34.13
C TYR B 123 10.51 9.13 -34.42
N TYR B 124 10.30 10.15 -35.27
CA TYR B 124 8.96 10.68 -35.59
C TYR B 124 8.13 9.58 -36.27
N PRO B 125 6.98 9.17 -35.70
CA PRO B 125 6.30 7.94 -36.11
C PRO B 125 5.42 8.00 -37.36
N ALA B 126 5.51 9.07 -38.17
CA ALA B 126 4.65 9.24 -39.37
C ALA B 126 5.41 9.87 -40.53
N ALA B 127 4.80 9.79 -41.71
CA ALA B 127 5.41 9.97 -43.04
C ALA B 127 4.30 10.30 -44.04
N PRO B 128 4.59 11.00 -45.16
CA PRO B 128 5.95 11.47 -45.47
C PRO B 128 6.33 12.70 -44.66
N LEU B 129 7.43 12.61 -43.91
CA LEU B 129 7.96 13.75 -43.11
C LEU B 129 8.84 14.59 -44.04
N PRO B 130 8.38 15.80 -44.47
CA PRO B 130 9.17 16.64 -45.37
C PRO B 130 10.31 17.30 -44.57
N GLY B 131 11.05 18.18 -45.24
CA GLY B 131 12.06 19.05 -44.63
C GLY B 131 11.48 20.41 -44.29
N PHE B 132 12.27 21.26 -43.64
CA PHE B 132 11.80 22.56 -43.08
C PHE B 132 12.94 23.52 -42.73
N SER B 133 12.56 24.81 -42.68
CA SER B 133 13.38 25.93 -42.17
C SER B 133 12.81 26.35 -40.81
N ALA B 134 13.65 26.48 -39.78
CA ALA B 134 13.20 26.77 -38.40
C ALA B 134 14.23 27.63 -37.64
N VAL B 135 13.70 28.66 -36.94
CA VAL B 135 14.45 29.41 -35.89
C VAL B 135 14.01 28.86 -34.52
N VAL B 136 14.98 28.55 -33.65
CA VAL B 136 14.75 28.04 -32.27
C VAL B 136 15.15 29.14 -31.28
N VAL B 137 14.21 29.55 -30.43
CA VAL B 137 14.48 30.48 -29.30
C VAL B 137 13.93 29.83 -28.04
N SER B 138 14.51 30.09 -26.87
CA SER B 138 13.99 29.57 -25.60
C SER B 138 14.18 30.61 -24.50
N SER B 139 13.21 30.72 -23.61
CA SER B 139 13.34 31.46 -22.32
C SER B 139 13.55 30.45 -21.18
N VAL B 140 13.79 29.17 -21.49
CA VAL B 140 14.09 28.14 -20.45
C VAL B 140 15.60 28.12 -20.23
N PRO B 141 16.09 28.36 -18.99
CA PRO B 141 17.54 28.37 -18.74
C PRO B 141 18.10 27.01 -19.19
N LEU B 142 18.95 27.03 -20.22
CA LEU B 142 19.55 25.83 -20.88
C LEU B 142 20.35 25.07 -19.82
N GLY B 143 19.81 23.92 -19.37
CA GLY B 143 20.43 23.04 -18.36
C GLY B 143 20.34 23.57 -16.95
N GLY B 144 19.32 24.38 -16.61
CA GLY B 144 19.06 24.93 -15.25
C GLY B 144 18.06 24.11 -14.43
N GLY B 145 17.68 22.91 -14.86
CA GLY B 145 16.75 22.07 -14.07
C GLY B 145 15.27 22.31 -14.34
N LEU B 146 14.87 23.10 -15.34
CA LEU B 146 13.43 23.29 -15.66
C LEU B 146 13.04 22.65 -17.01
N SER B 147 13.78 21.63 -17.48
CA SER B 147 13.48 20.74 -18.63
C SER B 147 13.52 21.52 -19.96
N SER B 148 14.59 22.24 -20.21
CA SER B 148 14.82 22.93 -21.50
C SER B 148 14.85 21.92 -22.66
N SER B 149 15.55 20.79 -22.47
CA SER B 149 15.70 19.69 -23.47
C SER B 149 14.33 19.13 -23.83
N ALA B 150 13.49 18.83 -22.87
CA ALA B 150 12.12 18.32 -23.15
C ALA B 150 11.32 19.42 -23.86
N SER B 151 11.55 20.68 -23.52
CA SER B 151 10.81 21.80 -24.15
C SER B 151 11.28 21.89 -25.62
N LEU B 152 12.58 21.80 -25.90
CA LEU B 152 13.07 21.68 -27.29
C LEU B 152 12.49 20.43 -27.96
N GLU B 153 12.43 19.30 -27.24
CA GLU B 153 11.94 18.03 -27.85
C GLU B 153 10.48 18.19 -28.23
N VAL B 154 9.63 18.67 -27.32
CA VAL B 154 8.17 18.69 -27.57
C VAL B 154 7.84 19.78 -28.61
N ALA B 155 8.52 20.92 -28.57
CA ALA B 155 8.28 21.98 -29.56
C ALA B 155 8.53 21.37 -30.93
N THR B 156 9.70 20.74 -31.11
CA THR B 156 10.13 20.05 -32.35
C THR B 156 9.02 19.11 -32.82
N TYR B 157 8.54 18.25 -31.93
CA TYR B 157 7.47 17.24 -32.18
C TYR B 157 6.22 17.94 -32.70
N THR B 158 5.80 19.01 -32.01
CA THR B 158 4.59 19.80 -32.29
C THR B 158 4.70 20.38 -33.70
N PHE B 159 5.90 20.81 -34.09
CA PHE B 159 6.15 21.46 -35.38
C PHE B 159 6.10 20.39 -36.48
N LEU B 160 6.64 19.19 -36.20
CA LEU B 160 6.61 18.07 -37.18
C LEU B 160 5.15 17.62 -37.35
N GLN B 161 4.35 17.69 -36.28
CA GLN B 161 2.90 17.39 -36.32
C GLN B 161 2.21 18.24 -37.40
N GLN B 162 2.63 19.50 -37.56
CA GLN B 162 2.02 20.48 -38.51
C GLN B 162 2.49 20.17 -39.93
N LEU B 163 3.68 19.58 -40.06
CA LEU B 163 4.25 19.18 -41.37
C LEU B 163 3.61 17.86 -41.83
N CYS B 164 3.25 17.00 -40.87
CA CYS B 164 2.89 15.58 -41.09
C CYS B 164 2.14 14.98 -39.89
N PRO B 165 0.82 15.25 -39.76
CA PRO B 165 0.05 14.76 -38.62
C PRO B 165 0.25 13.27 -38.35
N ASP B 166 0.21 12.85 -37.07
CA ASP B 166 0.84 11.61 -36.53
C ASP B 166 -0.20 10.55 -36.10
N SER B 167 -1.50 10.89 -36.05
CA SER B 167 -2.60 9.96 -35.67
C SER B 167 -2.28 9.21 -34.36
N GLY B 168 -1.56 9.81 -33.40
CA GLY B 168 -1.06 9.13 -32.19
C GLY B 168 -1.54 9.73 -30.89
N THR B 169 -1.15 9.12 -29.75
CA THR B 169 -1.55 9.48 -28.37
C THR B 169 -0.50 10.41 -27.74
N ILE B 170 -0.85 11.02 -26.61
CA ILE B 170 0.05 11.89 -25.82
C ILE B 170 1.15 11.04 -25.14
N ALA B 171 0.95 9.76 -24.82
CA ALA B 171 2.02 8.91 -24.19
C ALA B 171 3.01 8.51 -25.28
N ALA B 172 2.52 8.10 -26.44
CA ALA B 172 3.36 7.83 -27.63
C ALA B 172 4.33 9.00 -27.89
N ARG B 173 3.86 10.25 -27.89
CA ARG B 173 4.70 11.42 -28.26
C ARG B 173 5.73 11.71 -27.15
N ALA B 174 5.29 11.59 -25.90
CA ALA B 174 6.14 11.58 -24.69
C ALA B 174 7.28 10.55 -24.81
N GLN B 175 7.00 9.32 -25.27
CA GLN B 175 7.98 8.20 -25.43
C GLN B 175 8.98 8.52 -26.56
N VAL B 176 8.54 9.22 -27.61
CA VAL B 176 9.41 9.63 -28.76
C VAL B 176 10.43 10.67 -28.29
N CYS B 177 9.96 11.65 -27.51
CA CYS B 177 10.80 12.75 -27.01
C CYS B 177 11.78 12.16 -25.99
N GLN B 178 11.30 11.22 -25.14
CA GLN B 178 12.09 10.52 -24.08
C GLN B 178 13.20 9.70 -24.74
N GLN B 179 12.87 8.96 -25.79
CA GLN B 179 13.80 8.11 -26.54
C GLN B 179 14.92 9.00 -27.09
N ALA B 180 14.58 10.11 -27.73
CA ALA B 180 15.52 11.12 -28.28
C ALA B 180 16.46 11.63 -27.16
N GLU B 181 15.92 11.96 -26.00
CA GLU B 181 16.69 12.30 -24.76
C GLU B 181 17.66 11.15 -24.42
N HIS B 182 17.17 9.89 -24.36
CA HIS B 182 17.99 8.69 -24.03
C HIS B 182 19.07 8.49 -25.09
N SER B 183 18.70 8.53 -26.38
CA SER B 183 19.53 7.99 -27.50
C SER B 183 20.33 9.08 -28.23
N PHE B 184 20.00 10.36 -28.07
CA PHE B 184 20.67 11.46 -28.82
C PHE B 184 21.34 12.48 -27.89
N ALA B 185 21.04 12.46 -26.58
CA ALA B 185 21.63 13.33 -25.53
C ALA B 185 22.08 12.50 -24.32
N GLY B 186 22.03 11.17 -24.41
CA GLY B 186 22.59 10.22 -23.42
C GLY B 186 22.05 10.34 -22.00
N MET B 187 20.83 10.86 -21.79
CA MET B 187 20.23 11.04 -20.43
C MET B 187 18.98 10.16 -20.25
N PRO B 188 19.07 9.04 -19.50
CA PRO B 188 17.95 8.10 -19.37
C PRO B 188 16.84 8.58 -18.42
N CYS B 189 16.14 9.65 -18.81
CA CYS B 189 15.07 10.32 -18.01
C CYS B 189 13.81 9.44 -17.90
N GLY B 190 13.01 9.70 -16.88
CA GLY B 190 11.60 9.27 -16.84
C GLY B 190 10.77 10.04 -17.85
N ILE B 191 9.45 10.00 -17.63
CA ILE B 191 8.40 10.43 -18.60
C ILE B 191 7.83 11.79 -18.15
N MET B 192 8.09 12.22 -16.92
CA MET B 192 7.48 13.46 -16.36
C MET B 192 7.65 14.65 -17.35
N ASP B 193 8.89 15.01 -17.68
CA ASP B 193 9.24 16.31 -18.33
C ASP B 193 8.50 16.38 -19.66
N GLN B 194 8.60 15.33 -20.51
CA GLN B 194 8.00 15.32 -21.87
C GLN B 194 6.47 15.37 -21.72
N PHE B 195 5.93 14.73 -20.68
CA PHE B 195 4.47 14.65 -20.41
C PHE B 195 3.92 16.02 -20.04
N ILE B 196 4.56 16.74 -19.10
CA ILE B 196 4.09 18.09 -18.65
C ILE B 196 4.16 19.08 -19.84
N SER B 197 5.21 18.98 -20.65
CA SER B 197 5.47 19.88 -21.80
C SER B 197 4.35 19.70 -22.84
N LEU B 198 3.90 18.46 -23.08
CA LEU B 198 2.73 18.18 -23.93
C LEU B 198 1.43 18.64 -23.26
N MET B 199 1.17 18.33 -21.99
CA MET B 199 -0.22 18.29 -21.44
C MET B 199 -0.48 19.43 -20.44
N GLY B 200 0.46 20.34 -20.23
CA GLY B 200 0.20 21.47 -19.34
C GLY B 200 -1.02 22.23 -19.79
N GLN B 201 -1.78 22.74 -18.84
CA GLN B 201 -2.90 23.69 -19.08
C GLN B 201 -2.75 24.86 -18.09
N LYS B 202 -3.03 26.09 -18.55
CA LYS B 202 -2.95 27.33 -17.74
C LYS B 202 -3.77 27.10 -16.49
N GLY B 203 -3.27 27.50 -15.33
CA GLY B 203 -4.02 27.43 -14.07
C GLY B 203 -4.26 25.99 -13.59
N HIS B 204 -3.44 25.03 -14.03
CA HIS B 204 -3.49 23.62 -13.56
C HIS B 204 -2.10 23.04 -13.30
N ALA B 205 -2.02 22.17 -12.29
CA ALA B 205 -0.92 21.23 -12.10
C ALA B 205 -1.38 19.93 -12.72
N LEU B 206 -0.45 19.06 -13.09
CA LEU B 206 -0.75 17.74 -13.71
C LEU B 206 -0.31 16.65 -12.71
N LEU B 207 -1.25 15.83 -12.23
CA LEU B 207 -0.91 14.60 -11.48
C LEU B 207 -0.81 13.47 -12.50
N ILE B 208 0.39 12.96 -12.74
CA ILE B 208 0.67 11.83 -13.66
C ILE B 208 0.93 10.61 -12.79
N ASP B 209 0.10 9.61 -12.95
CA ASP B 209 0.31 8.25 -12.45
C ASP B 209 1.20 7.61 -13.51
N CYS B 210 2.50 7.46 -13.22
CA CYS B 210 3.50 6.89 -14.14
C CYS B 210 3.37 5.37 -14.24
N ARG B 211 2.37 4.74 -13.60
CA ARG B 211 2.11 3.31 -13.80
C ARG B 211 0.95 3.20 -14.81
N SER B 212 -0.21 3.79 -14.53
CA SER B 212 -1.39 3.65 -15.43
C SER B 212 -1.27 4.67 -16.60
N LEU B 213 -0.47 5.71 -16.45
CA LEU B 213 -0.35 6.82 -17.46
C LEU B 213 -1.67 7.62 -17.50
N GLU B 214 -2.51 7.47 -16.49
CA GLU B 214 -3.61 8.40 -16.19
C GLU B 214 -3.02 9.76 -15.75
N THR B 215 -3.61 10.85 -16.22
CA THR B 215 -3.24 12.22 -15.83
C THR B 215 -4.51 12.94 -15.40
N SER B 216 -4.44 13.67 -14.32
CA SER B 216 -5.54 14.57 -13.89
C SER B 216 -5.04 16.01 -13.99
N LEU B 217 -5.94 16.89 -14.42
CA LEU B 217 -5.69 18.35 -14.45
C LEU B 217 -6.31 18.97 -13.21
N VAL B 218 -5.45 19.37 -12.28
CA VAL B 218 -5.88 19.82 -10.94
C VAL B 218 -5.86 21.34 -10.94
N PRO B 219 -7.00 22.03 -10.74
CA PRO B 219 -7.04 23.48 -10.75
C PRO B 219 -6.14 24.10 -9.69
N LEU B 220 -5.33 25.08 -10.05
CA LEU B 220 -4.63 26.02 -9.13
C LEU B 220 -5.30 27.39 -9.28
N SER B 221 -6.52 27.51 -8.75
CA SER B 221 -7.44 28.66 -9.01
C SER B 221 -7.40 29.62 -7.83
N ASP B 222 -6.19 30.08 -7.44
CA ASP B 222 -6.02 31.08 -6.34
C ASP B 222 -4.98 32.13 -6.70
N PRO B 223 -5.42 33.39 -6.96
CA PRO B 223 -4.51 34.49 -7.25
C PRO B 223 -3.57 34.86 -6.09
N LYS B 224 -3.99 34.62 -4.84
CA LYS B 224 -3.27 35.02 -3.60
C LYS B 224 -2.17 33.98 -3.31
N LEU B 225 -1.89 33.09 -4.27
CA LEU B 225 -0.95 31.95 -4.16
C LEU B 225 0.00 32.03 -5.35
N ALA B 226 1.29 31.78 -5.16
CA ALA B 226 2.30 31.87 -6.23
C ALA B 226 3.39 30.81 -6.02
N VAL B 227 4.04 30.42 -7.11
CA VAL B 227 5.25 29.56 -7.12
C VAL B 227 6.46 30.41 -7.50
N LEU B 228 7.45 30.47 -6.60
CA LEU B 228 8.75 31.13 -6.85
C LEU B 228 9.78 30.06 -7.16
N ILE B 229 10.39 30.12 -8.34
CA ILE B 229 11.45 29.19 -8.79
C ILE B 229 12.73 29.95 -8.60
N THR B 230 13.68 29.38 -7.85
CA THR B 230 15.00 29.99 -7.57
C THR B 230 16.05 29.09 -8.20
N ASN B 231 16.77 29.62 -9.20
CA ASN B 231 17.91 28.90 -9.83
C ASN B 231 19.14 29.19 -8.96
N SER B 232 19.81 28.15 -8.49
CA SER B 232 21.11 28.21 -7.77
C SER B 232 22.21 28.70 -8.72
N ASN B 233 22.03 28.48 -10.02
CA ASN B 233 23.05 28.79 -11.07
C ASN B 233 24.28 27.92 -10.83
N VAL B 234 24.08 26.72 -10.29
CA VAL B 234 25.14 25.69 -10.05
C VAL B 234 24.71 24.37 -10.68
N ARG B 235 25.66 23.68 -11.32
CA ARG B 235 25.58 22.27 -11.79
C ARG B 235 26.90 21.56 -11.40
N HIS B 236 26.82 20.68 -10.40
CA HIS B 236 27.87 19.68 -10.07
C HIS B 236 27.90 18.60 -11.17
N SER B 237 29.07 17.98 -11.40
CA SER B 237 29.25 16.94 -12.44
C SER B 237 28.36 15.72 -12.11
N LEU B 238 28.15 15.46 -10.80
CA LEU B 238 27.29 14.38 -10.22
C LEU B 238 25.90 14.37 -10.87
N ALA B 239 25.47 15.50 -11.47
CA ALA B 239 24.26 15.64 -12.31
C ALA B 239 24.18 14.48 -13.32
N SER B 240 25.16 14.38 -14.21
CA SER B 240 25.31 13.30 -15.23
C SER B 240 25.55 11.95 -14.53
N SER B 241 26.60 11.88 -13.71
CA SER B 241 27.09 10.68 -12.97
C SER B 241 25.93 9.92 -12.31
N GLU B 242 25.18 10.55 -11.39
CA GLU B 242 24.43 9.88 -10.30
C GLU B 242 22.98 9.51 -10.68
N TYR B 243 22.34 10.26 -11.61
CA TYR B 243 20.95 10.03 -12.08
C TYR B 243 20.81 8.54 -12.39
N PRO B 244 21.59 7.99 -13.34
CA PRO B 244 21.54 6.57 -13.69
C PRO B 244 21.89 5.65 -12.52
N VAL B 245 22.93 6.02 -11.78
CA VAL B 245 23.39 5.22 -10.60
C VAL B 245 22.14 4.94 -9.75
N ARG B 246 21.38 6.00 -9.39
CA ARG B 246 20.12 5.95 -8.59
C ARG B 246 19.08 5.03 -9.25
N ARG B 247 18.86 5.19 -10.56
CA ARG B 247 17.90 4.36 -11.34
C ARG B 247 18.25 2.88 -11.08
N ARG B 248 19.53 2.53 -11.23
CA ARG B 248 20.08 1.16 -11.00
C ARG B 248 19.86 0.70 -9.54
N GLN B 249 19.91 1.61 -8.54
CA GLN B 249 19.70 1.29 -7.09
C GLN B 249 18.24 0.89 -6.78
N CYS B 250 17.23 1.68 -7.19
CA CYS B 250 15.78 1.39 -6.92
C CYS B 250 15.37 0.05 -7.54
N GLU B 251 15.76 -0.18 -8.80
CA GLU B 251 15.48 -1.46 -9.54
C GLU B 251 16.07 -2.60 -8.71
N GLU B 252 17.32 -2.46 -8.22
CA GLU B 252 18.00 -3.49 -7.39
C GLU B 252 17.17 -3.76 -6.10
N VAL B 253 16.65 -2.72 -5.41
CA VAL B 253 15.83 -2.97 -4.17
C VAL B 253 14.55 -3.69 -4.56
N ALA B 254 13.67 -3.07 -5.37
CA ALA B 254 12.38 -3.68 -5.79
C ALA B 254 12.55 -5.16 -6.13
N ARG B 255 13.69 -5.54 -6.75
CA ARG B 255 14.05 -6.97 -7.03
C ARG B 255 14.21 -7.68 -5.68
N ALA B 256 15.06 -7.14 -4.79
CA ALA B 256 15.32 -7.68 -3.43
C ALA B 256 14.01 -7.90 -2.64
N LEU B 257 12.96 -7.12 -2.92
CA LEU B 257 11.67 -7.10 -2.17
C LEU B 257 10.58 -7.84 -2.96
N GLY B 258 10.94 -8.40 -4.12
CA GLY B 258 10.01 -9.24 -4.89
C GLY B 258 8.78 -8.47 -5.34
N ALA B 259 8.98 -7.19 -5.71
CA ALA B 259 7.95 -6.30 -6.30
C ALA B 259 8.38 -5.90 -7.71
N ALA B 260 7.41 -5.63 -8.57
CA ALA B 260 7.65 -5.18 -9.95
C ALA B 260 8.33 -3.80 -9.89
N SER B 261 7.84 -2.93 -9.04
CA SER B 261 8.43 -1.58 -8.83
C SER B 261 8.13 -1.08 -7.42
N LEU B 262 8.72 0.04 -7.05
CA LEU B 262 8.58 0.52 -5.68
C LEU B 262 7.15 1.09 -5.54
N ARG B 263 6.44 1.25 -6.66
CA ARG B 263 5.00 1.60 -6.62
C ARG B 263 4.24 0.50 -5.88
N GLU B 264 4.72 -0.73 -5.97
CA GLU B 264 4.05 -1.93 -5.40
C GLU B 264 4.41 -2.07 -3.92
N VAL B 265 5.39 -1.32 -3.43
CA VAL B 265 5.98 -1.49 -2.06
C VAL B 265 5.32 -0.52 -1.07
N GLN B 266 4.78 -1.03 0.03
CA GLN B 266 4.13 -0.23 1.11
C GLN B 266 5.21 0.23 2.09
N LEU B 267 5.05 1.43 2.63
CA LEU B 267 6.09 2.07 3.47
C LEU B 267 6.26 1.26 4.77
N GLU B 268 5.17 0.82 5.40
CA GLU B 268 5.28 0.16 6.75
C GLU B 268 5.97 -1.19 6.54
N GLU B 269 5.56 -1.98 5.53
CA GLU B 269 6.20 -3.25 5.06
C GLU B 269 7.69 -3.03 4.79
N LEU B 270 8.02 -2.01 3.99
CA LEU B 270 9.45 -1.71 3.71
C LEU B 270 10.20 -1.52 5.03
N GLU B 271 9.67 -0.76 5.98
CA GLU B 271 10.47 -0.36 7.16
C GLU B 271 10.78 -1.61 8.01
N ALA B 272 9.99 -2.69 7.89
CA ALA B 272 10.21 -3.97 8.61
C ALA B 272 11.15 -4.92 7.86
N ALA B 273 11.68 -4.52 6.68
CA ALA B 273 12.42 -5.40 5.74
C ALA B 273 13.91 -4.92 5.52
N ARG B 274 14.46 -4.27 6.60
CA ARG B 274 15.88 -3.84 6.61
C ARG B 274 16.83 -5.02 6.42
N ASP B 275 16.50 -6.25 6.86
CA ASP B 275 17.48 -7.37 6.66
C ASP B 275 17.44 -7.91 5.21
N LEU B 276 16.43 -7.56 4.44
CA LEU B 276 16.33 -7.94 3.00
C LEU B 276 17.24 -7.05 2.13
N VAL B 277 17.67 -5.85 2.58
CA VAL B 277 18.34 -4.89 1.64
C VAL B 277 19.56 -4.18 2.22
N SER B 278 20.39 -3.63 1.31
CA SER B 278 21.51 -2.69 1.58
C SER B 278 21.02 -1.50 2.42
N LYS B 279 21.91 -0.93 3.23
CA LYS B 279 21.60 0.31 4.00
C LYS B 279 21.26 1.42 3.02
N GLU B 280 22.01 1.48 1.91
CA GLU B 280 21.80 2.55 0.89
C GLU B 280 20.47 2.29 0.18
N GLY B 281 20.29 1.06 -0.31
CA GLY B 281 19.07 0.63 -1.02
C GLY B 281 17.83 0.97 -0.22
N PHE B 282 17.89 0.76 1.09
CA PHE B 282 16.78 0.96 2.03
C PHE B 282 16.42 2.45 2.03
N ARG B 283 17.39 3.34 2.19
CA ARG B 283 17.17 4.81 2.25
C ARG B 283 16.61 5.29 0.88
N ARG B 284 17.10 4.73 -0.23
CA ARG B 284 16.61 5.08 -1.61
C ARG B 284 15.14 4.66 -1.71
N ALA B 285 14.79 3.45 -1.25
CA ALA B 285 13.40 2.96 -1.38
C ALA B 285 12.53 3.77 -0.44
N ARG B 286 13.07 4.19 0.71
CA ARG B 286 12.23 4.91 1.70
C ARG B 286 11.91 6.27 1.09
N HIS B 287 12.89 6.91 0.47
CA HIS B 287 12.62 8.15 -0.29
C HIS B 287 11.45 7.92 -1.22
N VAL B 288 11.54 6.92 -2.09
CA VAL B 288 10.62 6.78 -3.25
C VAL B 288 9.23 6.38 -2.76
N VAL B 289 9.14 5.41 -1.85
CA VAL B 289 7.82 4.92 -1.33
C VAL B 289 7.17 6.06 -0.55
N GLY B 290 7.94 6.80 0.25
CA GLY B 290 7.47 7.99 0.98
C GLY B 290 7.05 9.09 0.02
N GLU B 291 7.82 9.33 -1.04
CA GLU B 291 7.54 10.45 -1.96
C GLU B 291 6.22 10.16 -2.68
N ILE B 292 5.99 8.92 -3.11
CA ILE B 292 4.72 8.55 -3.78
C ILE B 292 3.56 8.86 -2.85
N ARG B 293 3.63 8.40 -1.60
CA ARG B 293 2.55 8.64 -0.60
C ARG B 293 2.37 10.15 -0.46
N ARG B 294 3.45 10.89 -0.19
CA ARG B 294 3.37 12.36 0.02
C ARG B 294 2.73 13.04 -1.21
N THR B 295 2.89 12.47 -2.41
CA THR B 295 2.40 13.06 -3.68
C THR B 295 0.88 12.89 -3.80
N ALA B 296 0.33 11.71 -3.50
CA ALA B 296 -1.14 11.52 -3.42
C ALA B 296 -1.69 12.53 -2.42
N GLN B 297 -1.02 12.70 -1.27
CA GLN B 297 -1.47 13.57 -0.15
C GLN B 297 -1.39 15.04 -0.60
N ALA B 298 -0.38 15.39 -1.38
CA ALA B 298 -0.14 16.76 -1.91
C ALA B 298 -1.30 17.18 -2.82
N ALA B 299 -1.63 16.30 -3.77
CA ALA B 299 -2.79 16.41 -4.67
C ALA B 299 -4.06 16.66 -3.85
N ALA B 300 -4.34 15.81 -2.84
CA ALA B 300 -5.54 15.87 -1.97
C ALA B 300 -5.59 17.25 -1.29
N ALA B 301 -4.44 17.73 -0.82
CA ALA B 301 -4.33 19.06 -0.18
C ALA B 301 -4.61 20.16 -1.21
N LEU B 302 -4.22 19.93 -2.45
CA LEU B 302 -4.48 20.90 -3.55
C LEU B 302 -6.00 21.07 -3.68
N ARG B 303 -6.73 19.98 -3.87
CA ARG B 303 -8.22 19.97 -3.97
C ARG B 303 -8.85 20.83 -2.86
N ARG B 304 -8.42 20.68 -1.60
CA ARG B 304 -9.02 21.35 -0.41
C ARG B 304 -8.57 22.82 -0.32
N GLY B 305 -7.62 23.26 -1.16
CA GLY B 305 -6.93 24.56 -1.01
C GLY B 305 -6.13 24.60 0.27
N ASP B 306 -5.49 23.50 0.66
CA ASP B 306 -4.71 23.43 1.92
C ASP B 306 -3.24 23.72 1.59
N TYR B 307 -2.91 25.00 1.51
CA TYR B 307 -1.57 25.51 1.09
C TYR B 307 -0.54 25.15 2.17
N ARG B 308 -0.89 25.30 3.45
CA ARG B 308 0.04 25.03 4.58
C ARG B 308 0.50 23.57 4.52
N ALA B 309 -0.43 22.64 4.29
CA ALA B 309 -0.20 21.17 4.27
C ALA B 309 0.58 20.79 3.00
N PHE B 310 0.22 21.36 1.85
CA PHE B 310 1.01 21.20 0.62
C PHE B 310 2.46 21.58 0.95
N GLY B 311 2.60 22.74 1.60
CA GLY B 311 3.89 23.34 1.97
C GLY B 311 4.71 22.44 2.87
N ARG B 312 4.06 21.77 3.82
CA ARG B 312 4.77 20.90 4.78
C ARG B 312 5.16 19.63 3.99
N LEU B 313 4.30 19.12 3.13
CA LEU B 313 4.65 17.93 2.33
C LEU B 313 5.88 18.23 1.46
N MET B 314 6.01 19.45 0.92
CA MET B 314 7.16 19.90 0.09
C MET B 314 8.42 19.86 0.94
N VAL B 315 8.35 20.33 2.17
CA VAL B 315 9.54 20.39 3.08
C VAL B 315 9.96 18.96 3.38
N GLU B 316 9.01 18.05 3.64
CA GLU B 316 9.29 16.60 3.91
C GLU B 316 9.92 15.98 2.65
N SER B 317 9.43 16.34 1.44
CA SER B 317 10.00 15.88 0.14
C SER B 317 11.49 16.28 0.15
N HIS B 318 11.77 17.53 0.49
CA HIS B 318 13.16 18.06 0.42
C HIS B 318 14.09 17.24 1.36
N ARG B 319 13.66 17.02 2.59
CA ARG B 319 14.54 16.38 3.61
C ARG B 319 14.81 14.96 3.09
N SER B 320 13.82 14.33 2.46
CA SER B 320 13.93 12.92 1.97
C SER B 320 14.94 12.86 0.83
N LEU B 321 14.87 13.81 -0.11
CA LEU B 321 15.81 13.92 -1.24
C LEU B 321 17.21 14.25 -0.72
N ARG B 322 17.28 15.09 0.30
CA ARG B 322 18.59 15.55 0.83
C ARG B 322 19.24 14.43 1.64
N ASP B 323 18.49 13.72 2.50
CA ASP B 323 19.09 12.73 3.45
C ASP B 323 19.00 11.29 2.91
N ASP B 324 17.84 10.86 2.41
CA ASP B 324 17.60 9.46 2.01
C ASP B 324 18.05 9.21 0.58
N TYR B 325 17.69 10.10 -0.38
CA TYR B 325 18.03 9.94 -1.82
C TYR B 325 19.34 10.66 -2.13
N GLU B 326 19.81 11.55 -1.25
CA GLU B 326 21.11 12.23 -1.43
C GLU B 326 21.26 12.72 -2.87
N VAL B 327 20.36 13.60 -3.33
CA VAL B 327 20.50 14.22 -4.67
C VAL B 327 20.40 15.74 -4.53
N SER B 328 20.46 16.28 -3.31
CA SER B 328 20.51 17.74 -3.08
C SER B 328 21.97 18.21 -3.12
N CYS B 329 22.21 19.46 -2.77
CA CYS B 329 23.59 20.00 -2.65
C CYS B 329 23.55 21.15 -1.66
N PRO B 330 24.72 21.61 -1.15
CA PRO B 330 24.71 22.65 -0.11
C PRO B 330 23.95 23.90 -0.62
N GLU B 331 24.04 24.20 -1.92
CA GLU B 331 23.38 25.39 -2.53
C GLU B 331 21.86 25.28 -2.37
N LEU B 332 21.31 24.13 -2.76
CA LEU B 332 19.85 23.93 -2.75
C LEU B 332 19.37 23.96 -1.30
N ASP B 333 20.06 23.27 -0.39
CA ASP B 333 19.62 23.19 1.03
C ASP B 333 19.62 24.60 1.61
N GLN B 334 20.62 25.41 1.26
CA GLN B 334 20.73 26.80 1.77
C GLN B 334 19.59 27.65 1.15
N LEU B 335 19.21 27.39 -0.10
CA LEU B 335 18.13 28.20 -0.73
C LEU B 335 16.79 27.84 -0.08
N VAL B 336 16.59 26.57 0.23
CA VAL B 336 15.37 26.03 0.89
C VAL B 336 15.27 26.61 2.30
N GLU B 337 16.37 26.54 3.05
CA GLU B 337 16.47 27.07 4.44
C GLU B 337 16.10 28.56 4.43
N ALA B 338 16.61 29.32 3.46
CA ALA B 338 16.36 30.78 3.46
C ALA B 338 14.87 31.00 3.20
N ALA B 339 14.29 30.21 2.31
CA ALA B 339 12.90 30.42 1.85
C ALA B 339 11.95 30.10 3.01
N LEU B 340 12.24 29.04 3.76
CA LEU B 340 11.40 28.64 4.94
C LEU B 340 11.44 29.73 6.02
N ALA B 341 12.52 30.48 6.18
CA ALA B 341 12.59 31.60 7.17
C ALA B 341 11.76 32.83 6.75
N VAL B 342 11.03 32.82 5.62
CA VAL B 342 10.27 34.01 5.16
C VAL B 342 8.78 33.86 5.46
N PRO B 343 8.15 34.82 6.16
CA PRO B 343 6.74 34.70 6.48
C PRO B 343 5.94 34.86 5.19
N GLY B 344 4.84 34.11 5.04
CA GLY B 344 4.08 33.97 3.79
C GLY B 344 4.51 32.75 2.98
N VAL B 345 5.71 32.21 3.21
CA VAL B 345 6.20 30.96 2.55
C VAL B 345 5.56 29.76 3.21
N TYR B 346 4.94 28.86 2.43
CA TYR B 346 4.28 27.66 3.00
C TYR B 346 5.22 26.47 2.95
N GLY B 347 6.05 26.37 1.91
CA GLY B 347 7.00 25.26 1.76
C GLY B 347 8.04 25.56 0.71
N SER B 348 9.13 24.82 0.73
CA SER B 348 10.17 24.95 -0.33
C SER B 348 10.92 23.62 -0.48
N ARG B 349 11.51 23.38 -1.65
CA ARG B 349 12.31 22.16 -1.92
C ARG B 349 13.01 22.30 -3.27
N MET B 350 14.10 21.57 -3.44
CA MET B 350 14.69 21.31 -4.78
C MET B 350 13.62 20.69 -5.70
N THR B 351 13.75 20.95 -7.01
CA THR B 351 12.84 20.47 -8.09
C THR B 351 13.77 19.93 -9.17
N GLY B 352 13.28 18.98 -9.97
CA GLY B 352 14.11 18.25 -10.96
C GLY B 352 15.07 17.27 -10.32
N GLY B 353 16.13 16.95 -11.06
CA GLY B 353 17.06 15.84 -10.78
C GLY B 353 17.96 16.11 -9.58
N GLY B 354 18.19 17.39 -9.27
CA GLY B 354 19.08 17.80 -8.16
C GLY B 354 20.51 17.92 -8.62
N PHE B 355 21.43 17.99 -7.67
CA PHE B 355 22.87 18.30 -7.84
C PHE B 355 23.02 19.72 -8.37
N GLY B 356 22.05 20.55 -7.99
CA GLY B 356 21.95 21.94 -8.43
C GLY B 356 20.61 22.24 -9.06
N GLY B 357 20.61 23.12 -10.03
CA GLY B 357 19.34 23.59 -10.62
C GLY B 357 18.57 24.44 -9.62
N CYS B 358 17.25 24.25 -9.57
CA CYS B 358 16.31 25.20 -8.93
C CYS B 358 15.64 24.56 -7.73
N THR B 359 15.03 25.45 -6.96
CA THR B 359 14.08 25.15 -5.88
C THR B 359 12.71 25.70 -6.30
N VAL B 360 11.65 25.07 -5.80
CA VAL B 360 10.26 25.56 -5.94
C VAL B 360 9.73 25.92 -4.56
N THR B 361 9.15 27.09 -4.42
CA THR B 361 8.62 27.62 -3.15
C THR B 361 7.15 27.98 -3.38
N LEU B 362 6.23 27.49 -2.55
CA LEU B 362 4.81 27.89 -2.60
C LEU B 362 4.61 28.96 -1.54
N LEU B 363 4.13 30.18 -1.89
CA LEU B 363 4.01 31.29 -0.91
C LEU B 363 2.83 32.20 -1.20
N GLU B 364 2.48 33.03 -0.22
CA GLU B 364 1.53 34.17 -0.40
C GLU B 364 2.15 35.06 -1.50
N ALA B 365 1.38 35.42 -2.50
CA ALA B 365 1.89 36.28 -3.61
C ALA B 365 2.50 37.58 -3.05
N SER B 366 1.87 38.23 -2.08
CA SER B 366 2.35 39.54 -1.58
C SER B 366 3.68 39.38 -0.81
N ALA B 367 4.07 38.14 -0.47
CA ALA B 367 5.33 37.85 0.26
C ALA B 367 6.48 37.66 -0.74
N ALA B 368 6.18 37.49 -2.03
CA ALA B 368 7.20 37.16 -3.05
C ALA B 368 8.31 38.22 -3.13
N PRO B 369 8.05 39.54 -3.00
CA PRO B 369 9.12 40.53 -2.92
C PRO B 369 10.02 40.40 -1.68
N HIS B 370 9.48 40.23 -0.48
CA HIS B 370 10.34 39.94 0.70
C HIS B 370 11.15 38.66 0.47
N ALA B 371 10.49 37.60 0.00
CA ALA B 371 11.09 36.28 -0.23
C ALA B 371 12.33 36.46 -1.11
N MET B 372 12.19 37.14 -2.23
CA MET B 372 13.33 37.35 -3.14
C MET B 372 14.44 38.14 -2.42
N ARG B 373 14.13 39.18 -1.64
CA ARG B 373 15.22 39.98 -1.00
C ARG B 373 16.01 39.03 -0.11
N HIS B 374 15.31 38.26 0.72
CA HIS B 374 15.91 37.41 1.79
C HIS B 374 16.77 36.30 1.17
N ILE B 375 16.18 35.51 0.27
CA ILE B 375 16.89 34.37 -0.37
C ILE B 375 18.18 34.89 -1.00
N GLN B 376 18.16 35.99 -1.76
CA GLN B 376 19.40 36.44 -2.47
C GLN B 376 20.48 36.83 -1.46
N GLU B 377 20.08 37.45 -0.35
CA GLU B 377 21.04 37.95 0.69
C GLU B 377 21.62 36.77 1.43
N HIS B 378 20.80 35.73 1.67
CA HIS B 378 21.16 34.58 2.54
C HIS B 378 21.80 33.45 1.74
N TYR B 379 22.04 33.66 0.43
CA TYR B 379 22.62 32.67 -0.51
C TYR B 379 24.01 33.12 -0.91
N GLY B 380 25.02 32.24 -0.81
CA GLY B 380 26.42 32.63 -1.11
C GLY B 380 26.63 32.97 -2.58
N GLY B 381 25.82 32.39 -3.46
CA GLY B 381 25.98 32.49 -4.91
C GLY B 381 25.06 33.57 -5.43
N THR B 382 24.87 33.57 -6.75
CA THR B 382 23.94 34.46 -7.48
C THR B 382 22.67 33.68 -7.83
N ALA B 383 21.60 33.89 -7.07
CA ALA B 383 20.26 33.33 -7.32
C ALA B 383 19.58 34.09 -8.47
N THR B 384 18.87 33.36 -9.35
CA THR B 384 17.89 33.89 -10.31
C THR B 384 16.47 33.47 -9.89
N PHE B 385 15.50 34.38 -9.98
CA PHE B 385 14.09 34.14 -9.62
C PHE B 385 13.18 34.15 -10.86
N TYR B 386 12.20 33.22 -10.89
CA TYR B 386 10.98 33.28 -11.75
C TYR B 386 9.74 33.19 -10.87
N LEU B 387 8.77 34.08 -11.02
CA LEU B 387 7.39 33.88 -10.53
C LEU B 387 6.52 33.34 -11.67
N SER B 388 6.07 32.11 -11.60
CA SER B 388 5.18 31.49 -12.63
C SER B 388 3.86 31.08 -11.99
N GLN B 389 2.76 31.24 -12.71
CA GLN B 389 1.60 30.38 -12.38
C GLN B 389 1.56 29.24 -13.42
N ALA B 390 0.62 28.33 -13.28
CA ALA B 390 0.52 27.16 -14.14
C ALA B 390 0.28 27.64 -15.58
N ALA B 391 1.11 27.23 -16.52
CA ALA B 391 1.11 27.67 -17.92
C ALA B 391 0.57 26.54 -18.82
N ASP B 392 0.27 26.92 -20.06
CA ASP B 392 -0.13 25.98 -21.15
C ASP B 392 1.01 25.01 -21.50
N GLY B 393 0.63 23.86 -22.03
CA GLY B 393 1.54 22.98 -22.75
C GLY B 393 1.79 23.41 -24.20
N ALA B 394 2.24 22.43 -25.01
CA ALA B 394 2.55 22.58 -26.45
C ALA B 394 1.40 23.28 -27.15
N LYS B 395 1.71 24.33 -27.90
CA LYS B 395 0.68 24.89 -28.80
C LYS B 395 1.27 25.40 -30.10
N VAL B 396 0.32 25.83 -30.97
CA VAL B 396 0.49 26.18 -32.41
C VAL B 396 -0.18 27.54 -32.66
N LEU B 397 0.53 28.41 -33.38
CA LEU B 397 -0.06 29.64 -33.99
C LEU B 397 0.32 29.67 -35.48
N CYS B 398 -0.69 29.58 -36.35
CA CYS B 398 -0.52 29.75 -37.82
C CYS B 398 -0.22 31.22 -38.10
N LEU B 399 0.89 31.48 -38.82
CA LEU B 399 1.33 32.86 -39.16
C LEU B 399 1.00 33.17 -40.63
N ALA C 10 12.61 -44.48 7.86
CA ALA C 10 12.81 -43.46 8.93
C ALA C 10 12.63 -44.07 10.34
N LEU C 11 13.66 -43.92 11.18
CA LEU C 11 13.64 -44.17 12.65
C LEU C 11 12.31 -43.65 13.24
N ARG C 12 11.55 -44.54 13.90
CA ARG C 12 10.29 -44.25 14.65
C ARG C 12 10.58 -43.20 15.74
N GLN C 13 9.66 -42.24 15.89
CA GLN C 13 9.67 -41.20 16.94
C GLN C 13 8.60 -41.61 17.94
N PRO C 14 9.01 -41.96 19.18
CA PRO C 14 8.05 -42.31 20.22
C PRO C 14 7.29 -41.02 20.58
N GLN C 15 5.97 -41.10 20.64
CA GLN C 15 5.11 -39.99 21.14
C GLN C 15 5.36 -39.82 22.63
N VAL C 16 5.20 -38.59 23.10
CA VAL C 16 5.30 -38.21 24.53
C VAL C 16 4.65 -39.33 25.37
N ALA C 17 3.40 -39.70 25.11
CA ALA C 17 2.62 -40.60 25.98
C ALA C 17 3.41 -41.88 26.33
N GLU C 18 4.30 -42.36 25.45
CA GLU C 18 5.06 -43.62 25.62
C GLU C 18 6.39 -43.33 26.35
N LEU C 19 7.06 -42.22 26.04
CA LEU C 19 8.23 -41.77 26.83
C LEU C 19 7.78 -41.55 28.27
N LEU C 20 6.62 -40.93 28.44
CA LEU C 20 5.97 -40.69 29.75
C LEU C 20 5.75 -42.02 30.50
N ALA C 21 5.20 -43.04 29.83
CA ALA C 21 4.92 -44.38 30.40
C ALA C 21 6.25 -44.98 30.90
N GLU C 22 7.26 -45.00 30.03
CA GLU C 22 8.66 -45.43 30.32
C GLU C 22 9.15 -44.62 31.55
N ALA C 23 9.22 -43.30 31.45
CA ALA C 23 9.71 -42.46 32.59
C ALA C 23 8.97 -42.86 33.88
N ARG C 24 7.66 -42.99 33.80
CA ARG C 24 6.74 -43.24 34.94
C ARG C 24 7.05 -44.63 35.55
N ARG C 25 7.25 -45.67 34.73
CA ARG C 25 7.50 -47.05 35.20
C ARG C 25 8.87 -47.09 35.88
N ALA C 26 9.87 -46.48 35.26
CA ALA C 26 11.27 -46.45 35.76
C ALA C 26 11.25 -45.73 37.10
N PHE C 27 10.46 -44.67 37.21
CA PHE C 27 10.42 -43.85 38.44
C PHE C 27 9.86 -44.66 39.61
N ARG C 28 8.69 -45.28 39.41
CA ARG C 28 7.97 -46.07 40.45
C ARG C 28 8.90 -47.22 40.89
N GLU C 29 9.56 -47.89 39.95
CA GLU C 29 10.53 -48.98 40.25
C GLU C 29 11.65 -48.39 41.12
N GLU C 30 12.22 -47.24 40.75
CA GLU C 30 13.44 -46.65 41.37
C GLU C 30 13.12 -46.06 42.76
N PHE C 31 11.97 -45.41 42.94
CA PHE C 31 11.69 -44.63 44.17
C PHE C 31 10.52 -45.15 45.02
N GLY C 32 9.81 -46.20 44.58
CA GLY C 32 8.74 -46.85 45.37
C GLY C 32 7.42 -46.07 45.41
N ALA C 33 7.27 -45.04 44.57
CA ALA C 33 6.10 -44.14 44.55
C ALA C 33 5.83 -43.67 43.10
N GLU C 34 4.58 -43.39 42.74
CA GLU C 34 4.24 -42.69 41.47
C GLU C 34 4.91 -41.33 41.50
N PRO C 35 5.50 -40.87 40.39
CA PRO C 35 5.92 -39.46 40.29
C PRO C 35 4.74 -38.46 40.33
N GLU C 36 5.01 -37.23 40.77
CA GLU C 36 3.96 -36.20 41.00
C GLU C 36 3.79 -35.34 39.73
N LEU C 37 4.90 -35.08 39.02
CA LEU C 37 4.98 -34.10 37.90
C LEU C 37 5.63 -34.75 36.67
N ALA C 38 5.19 -34.33 35.47
CA ALA C 38 5.87 -34.63 34.19
C ALA C 38 6.09 -33.36 33.35
N VAL C 39 7.21 -33.33 32.65
CA VAL C 39 7.57 -32.23 31.73
C VAL C 39 8.28 -32.84 30.53
N SER C 40 8.22 -32.14 29.40
CA SER C 40 8.92 -32.50 28.15
C SER C 40 9.51 -31.22 27.56
N ALA C 41 10.60 -31.36 26.86
CA ALA C 41 11.21 -30.26 26.10
C ALA C 41 11.82 -30.94 24.89
N PRO C 42 11.59 -30.38 23.67
CA PRO C 42 12.06 -31.03 22.45
C PRO C 42 13.50 -30.62 22.11
N GLY C 43 14.12 -31.49 21.33
CA GLY C 43 15.21 -31.11 20.42
C GLY C 43 14.71 -30.28 19.24
N ARG C 44 15.59 -29.99 18.29
CA ARG C 44 15.33 -28.99 17.26
C ARG C 44 16.14 -29.26 15.98
N VAL C 45 15.59 -28.81 14.88
CA VAL C 45 16.38 -28.63 13.63
C VAL C 45 16.36 -27.15 13.22
N ASN C 46 17.50 -26.61 12.85
CA ASN C 46 17.56 -25.25 12.26
C ASN C 46 17.25 -25.33 10.75
N LEU C 47 16.09 -24.84 10.30
CA LEU C 47 15.78 -24.86 8.83
C LEU C 47 16.83 -24.00 8.10
N ILE C 48 17.20 -22.81 8.65
CA ILE C 48 18.25 -21.90 8.12
C ILE C 48 18.62 -20.83 9.15
N GLY C 49 19.79 -20.22 9.02
CA GLY C 49 20.27 -19.16 9.93
C GLY C 49 21.30 -19.72 10.88
N GLU C 50 22.41 -20.18 10.31
CA GLU C 50 23.44 -20.95 11.03
C GLU C 50 24.67 -20.07 11.32
N HIS C 51 25.13 -20.19 12.57
CA HIS C 51 26.24 -19.41 13.15
C HIS C 51 25.87 -17.93 13.07
N THR C 52 24.58 -17.63 13.24
CA THR C 52 24.05 -16.25 13.36
C THR C 52 23.60 -15.91 14.79
N ASP C 53 23.19 -16.87 15.64
CA ASP C 53 22.55 -16.50 16.93
C ASP C 53 23.52 -15.69 17.81
N TYR C 54 24.79 -16.10 17.90
CA TYR C 54 25.80 -15.44 18.77
C TYR C 54 26.32 -14.20 18.06
N ASN C 55 25.87 -13.96 16.81
CA ASN C 55 26.22 -12.75 16.02
C ASN C 55 25.01 -11.80 16.02
N GLN C 56 24.05 -12.06 16.91
CA GLN C 56 22.84 -11.24 17.09
C GLN C 56 22.07 -11.23 15.78
N GLY C 57 22.01 -12.39 15.12
CA GLY C 57 21.46 -12.50 13.77
C GLY C 57 20.07 -13.09 13.79
N LEU C 58 19.67 -13.78 12.72
CA LEU C 58 18.29 -14.30 12.60
C LEU C 58 18.44 -15.80 12.49
N VAL C 59 17.58 -16.55 13.16
CA VAL C 59 17.54 -18.04 13.02
C VAL C 59 16.09 -18.45 12.76
N LEU C 60 15.91 -19.58 12.08
CA LEU C 60 14.56 -20.13 11.76
C LEU C 60 14.53 -21.63 12.10
N PRO C 61 14.59 -21.95 13.42
CA PRO C 61 14.47 -23.33 13.90
C PRO C 61 13.02 -23.76 14.03
N MET C 62 12.80 -25.08 14.12
CA MET C 62 11.51 -25.68 14.54
C MET C 62 11.77 -26.80 15.59
N ALA C 63 10.92 -26.94 16.59
CA ALA C 63 10.98 -28.05 17.56
C ALA C 63 10.60 -29.35 16.85
N LEU C 64 11.32 -30.40 17.21
CA LEU C 64 11.10 -31.79 16.74
C LEU C 64 10.20 -32.55 17.72
N GLU C 65 9.60 -33.64 17.24
CA GLU C 65 8.87 -34.65 18.05
C GLU C 65 9.86 -35.46 18.91
N LEU C 66 11.14 -35.52 18.53
CA LEU C 66 12.20 -36.04 19.42
C LEU C 66 12.30 -35.13 20.66
N MET C 67 12.22 -35.69 21.87
CA MET C 67 12.17 -34.88 23.12
C MET C 67 12.81 -35.59 24.31
N THR C 68 13.11 -34.79 25.34
CA THR C 68 13.53 -35.24 26.68
C THR C 68 12.31 -35.13 27.58
N VAL C 69 11.97 -36.21 28.28
CA VAL C 69 10.90 -36.22 29.30
C VAL C 69 11.55 -36.48 30.66
N LEU C 70 11.10 -35.73 31.64
CA LEU C 70 11.57 -35.81 33.03
C LEU C 70 10.32 -35.97 33.91
N VAL C 71 10.19 -37.11 34.62
CA VAL C 71 9.11 -37.28 35.64
C VAL C 71 9.75 -37.24 37.04
N GLY C 72 9.04 -36.70 38.05
CA GLY C 72 9.69 -36.31 39.32
C GLY C 72 8.74 -35.96 40.44
N SER C 73 9.31 -35.76 41.61
CA SER C 73 8.60 -35.34 42.84
C SER C 73 9.51 -34.48 43.72
N PRO C 74 8.92 -33.49 44.43
CA PRO C 74 9.68 -32.71 45.38
C PRO C 74 10.11 -33.68 46.48
N ARG C 75 11.31 -33.55 47.03
CA ARG C 75 11.70 -34.18 48.33
C ARG C 75 11.66 -33.12 49.44
N LYS C 76 11.70 -33.53 50.71
CA LYS C 76 11.77 -32.64 51.91
C LYS C 76 13.20 -32.48 52.46
N ASP C 77 14.21 -33.16 51.91
CA ASP C 77 15.57 -33.27 52.51
C ASP C 77 16.66 -32.46 51.75
N GLY C 78 16.35 -31.74 50.66
CA GLY C 78 17.32 -30.84 49.99
C GLY C 78 18.32 -31.57 49.09
N LEU C 79 18.10 -32.87 48.81
CA LEU C 79 18.97 -33.69 47.93
C LEU C 79 18.35 -33.72 46.56
N VAL C 80 19.15 -33.99 45.55
CA VAL C 80 18.63 -34.21 44.18
C VAL C 80 19.04 -35.64 43.82
N SER C 81 18.07 -36.48 43.50
CA SER C 81 18.32 -37.90 43.12
C SER C 81 17.81 -38.10 41.67
N LEU C 82 18.73 -38.46 40.78
CA LEU C 82 18.46 -38.60 39.31
C LEU C 82 18.80 -40.01 38.87
N LEU C 83 18.05 -40.45 37.85
CA LEU C 83 18.21 -41.68 37.05
C LEU C 83 17.91 -41.30 35.59
N THR C 84 18.81 -41.68 34.68
CA THR C 84 18.55 -41.67 33.24
C THR C 84 18.52 -43.12 32.76
N THR C 85 17.54 -43.44 31.93
CA THR C 85 17.47 -44.68 31.12
C THR C 85 18.04 -44.45 29.72
N SER C 86 18.54 -43.28 29.38
CA SER C 86 19.06 -43.02 28.00
C SER C 86 20.41 -43.73 27.85
N GLU C 87 20.47 -44.84 27.14
CA GLU C 87 21.79 -45.39 26.71
C GLU C 87 22.36 -44.38 25.69
N GLY C 88 23.69 -44.36 25.57
CA GLY C 88 24.44 -43.15 25.19
C GLY C 88 24.89 -42.41 26.43
N ALA C 89 24.03 -42.26 27.44
CA ALA C 89 24.40 -41.60 28.71
C ALA C 89 25.62 -42.31 29.32
N ASP C 90 26.60 -41.54 29.77
CA ASP C 90 27.84 -42.07 30.40
C ASP C 90 27.53 -42.62 31.81
N GLU C 91 28.29 -43.61 32.24
CA GLU C 91 28.11 -44.24 33.59
C GLU C 91 28.58 -43.27 34.67
N PRO C 92 27.93 -43.25 35.85
CA PRO C 92 26.75 -44.08 36.10
C PRO C 92 25.44 -43.45 35.61
N GLN C 93 24.36 -44.23 35.56
CA GLN C 93 23.03 -43.77 35.09
C GLN C 93 22.28 -43.08 36.25
N ARG C 94 22.83 -43.14 37.46
CA ARG C 94 22.23 -42.52 38.65
C ARG C 94 23.23 -41.56 39.27
N LEU C 95 22.74 -40.49 39.89
CA LEU C 95 23.60 -39.56 40.65
C LEU C 95 22.76 -38.89 41.70
N GLN C 96 23.35 -38.65 42.87
CA GLN C 96 22.76 -37.80 43.95
C GLN C 96 23.78 -36.73 44.38
N PHE C 97 23.25 -35.59 44.77
CA PHE C 97 24.03 -34.44 45.27
C PHE C 97 23.07 -33.61 46.07
N PRO C 98 23.59 -32.88 47.09
CA PRO C 98 22.80 -31.87 47.78
C PRO C 98 22.56 -30.66 46.88
N LEU C 99 21.40 -30.02 47.03
CA LEU C 99 21.18 -28.66 46.49
C LEU C 99 22.42 -27.84 46.77
N PRO C 100 22.80 -26.94 45.85
CA PRO C 100 23.88 -26.00 46.13
C PRO C 100 23.42 -24.99 47.18
N THR C 101 24.37 -24.34 47.81
CA THR C 101 24.14 -23.29 48.84
C THR C 101 24.99 -22.08 48.49
N ALA C 102 24.77 -20.96 49.18
CA ALA C 102 25.75 -19.86 49.41
C ALA C 102 27.14 -20.46 49.69
N GLN C 103 27.24 -21.35 50.68
CA GLN C 103 28.50 -21.97 51.16
C GLN C 103 29.17 -22.77 50.03
N ARG C 104 28.38 -23.41 49.15
CA ARG C 104 28.88 -24.52 48.28
C ARG C 104 28.13 -24.59 46.96
N SER C 105 28.87 -24.56 45.86
CA SER C 105 28.29 -24.64 44.50
C SER C 105 28.33 -26.08 43.98
N LEU C 106 27.42 -26.39 43.05
CA LEU C 106 27.48 -27.59 42.18
C LEU C 106 28.70 -27.39 41.30
N GLU C 107 29.33 -28.49 40.90
CA GLU C 107 30.55 -28.53 40.06
C GLU C 107 30.29 -29.49 38.92
N PRO C 108 30.75 -29.16 37.70
CA PRO C 108 30.71 -30.13 36.60
C PRO C 108 31.67 -31.26 36.95
N GLY C 109 31.29 -32.47 36.57
CA GLY C 109 32.12 -33.69 36.65
C GLY C 109 31.45 -34.85 35.90
N THR C 110 31.42 -35.99 36.58
CA THR C 110 31.03 -37.31 36.10
C THR C 110 29.81 -37.72 36.91
N PRO C 111 28.76 -38.29 36.28
CA PRO C 111 28.74 -38.49 34.83
C PRO C 111 28.42 -37.20 34.06
N ARG C 112 28.92 -37.05 32.85
CA ARG C 112 28.76 -35.82 32.02
C ARG C 112 27.26 -35.48 31.84
N TRP C 113 26.35 -36.45 31.75
CA TRP C 113 24.94 -36.11 31.40
C TRP C 113 24.31 -35.29 32.53
N ALA C 114 24.73 -35.52 33.78
CA ALA C 114 24.17 -34.80 34.96
C ALA C 114 24.64 -33.34 35.01
N ASN C 115 25.71 -32.97 34.28
CA ASN C 115 26.25 -31.58 34.21
C ASN C 115 25.19 -30.61 33.69
N TYR C 116 24.30 -31.07 32.82
CA TYR C 116 23.22 -30.25 32.26
C TYR C 116 22.15 -29.92 33.30
N VAL C 117 21.75 -30.91 34.08
CA VAL C 117 20.76 -30.75 35.18
C VAL C 117 21.36 -29.89 36.31
N LYS C 118 22.61 -30.12 36.68
CA LYS C 118 23.32 -29.37 37.74
C LYS C 118 23.43 -27.87 37.40
N GLY C 119 23.81 -27.54 36.16
CA GLY C 119 23.95 -26.17 35.64
C GLY C 119 22.66 -25.38 35.77
N VAL C 120 21.55 -25.98 35.36
CA VAL C 120 20.20 -25.32 35.43
C VAL C 120 19.82 -25.04 36.89
N ILE C 121 20.01 -26.05 37.77
CA ILE C 121 19.80 -25.92 39.23
C ILE C 121 20.67 -24.76 39.76
N GLN C 122 21.95 -24.74 39.42
CA GLN C 122 22.91 -23.72 39.91
C GLN C 122 22.41 -22.32 39.55
N TYR C 123 21.92 -22.11 38.34
CA TYR C 123 21.57 -20.75 37.87
C TYR C 123 20.07 -20.52 37.98
N TYR C 124 19.29 -21.46 38.54
CA TYR C 124 17.84 -21.27 38.70
C TYR C 124 17.61 -19.99 39.50
N PRO C 125 16.85 -18.99 39.00
CA PRO C 125 16.84 -17.69 39.64
C PRO C 125 15.87 -17.54 40.82
N ALA C 126 14.96 -18.49 41.05
CA ALA C 126 13.92 -18.34 42.11
C ALA C 126 14.21 -19.28 43.30
N ALA C 127 13.80 -18.88 44.50
CA ALA C 127 14.01 -19.55 45.82
C ALA C 127 12.69 -19.48 46.60
N PRO C 128 12.34 -20.48 47.45
CA PRO C 128 13.20 -21.61 47.77
C PRO C 128 12.98 -22.79 46.81
N LEU C 129 14.08 -23.25 46.24
CA LEU C 129 14.14 -24.52 45.51
C LEU C 129 14.38 -25.67 46.48
N PRO C 130 13.46 -26.64 46.57
CA PRO C 130 13.68 -27.85 47.34
C PRO C 130 14.41 -28.88 46.47
N GLY C 131 14.89 -29.93 47.14
CA GLY C 131 15.39 -31.15 46.47
C GLY C 131 14.26 -31.84 45.70
N PHE C 132 14.63 -32.84 44.91
CA PHE C 132 13.65 -33.65 44.18
C PHE C 132 14.32 -34.93 43.69
N SER C 133 13.41 -35.82 43.30
CA SER C 133 13.72 -37.12 42.65
C SER C 133 13.13 -37.08 41.24
N ALA C 134 13.92 -37.45 40.22
CA ALA C 134 13.53 -37.39 38.81
C ALA C 134 14.12 -38.53 37.99
N VAL C 135 13.34 -38.97 37.01
CA VAL C 135 13.78 -39.88 35.93
C VAL C 135 13.79 -39.08 34.62
N VAL C 136 14.87 -39.25 33.86
CA VAL C 136 15.12 -38.57 32.58
C VAL C 136 15.22 -39.62 31.48
N VAL C 137 14.36 -39.46 30.47
CA VAL C 137 14.34 -40.26 29.21
C VAL C 137 14.39 -39.27 28.03
N SER C 138 15.06 -39.63 26.96
CA SER C 138 15.13 -38.84 25.71
C SER C 138 14.93 -39.75 24.49
N SER C 139 14.25 -39.23 23.47
CA SER C 139 14.27 -39.75 22.08
C SER C 139 15.28 -38.95 21.28
N VAL C 140 15.83 -37.85 21.83
CA VAL C 140 16.78 -37.01 21.03
C VAL C 140 18.12 -37.73 21.05
N PRO C 141 18.67 -38.06 19.86
CA PRO C 141 19.91 -38.82 19.77
C PRO C 141 21.01 -38.01 20.46
N LEU C 142 21.80 -38.63 21.36
CA LEU C 142 22.66 -37.88 22.31
C LEU C 142 23.85 -37.31 21.55
N GLY C 143 24.01 -35.99 21.60
CA GLY C 143 25.00 -35.25 20.79
C GLY C 143 25.02 -35.63 19.30
N GLY C 144 23.91 -36.01 18.67
CA GLY C 144 23.87 -36.20 17.19
C GLY C 144 23.53 -34.94 16.38
N GLY C 145 23.37 -33.76 16.99
CA GLY C 145 23.28 -32.46 16.33
C GLY C 145 21.89 -31.82 16.36
N LEU C 146 20.94 -32.42 17.11
CA LEU C 146 19.55 -31.94 17.28
C LEU C 146 19.27 -31.38 18.67
N SER C 147 20.32 -30.96 19.41
CA SER C 147 20.23 -30.21 20.69
CA SER C 147 20.21 -30.20 20.68
C SER C 147 19.61 -31.06 21.82
N SER C 148 20.13 -32.29 22.01
CA SER C 148 19.73 -33.16 23.16
C SER C 148 19.99 -32.40 24.45
N SER C 149 21.15 -31.76 24.56
CA SER C 149 21.53 -31.03 25.79
C SER C 149 20.53 -29.89 26.06
N ALA C 150 20.12 -29.12 25.03
CA ALA C 150 19.19 -28.00 25.23
C ALA C 150 17.86 -28.58 25.73
N SER C 151 17.43 -29.70 25.15
CA SER C 151 16.15 -30.34 25.57
C SER C 151 16.26 -30.77 27.03
N LEU C 152 17.42 -31.30 27.47
CA LEU C 152 17.61 -31.75 28.89
C LEU C 152 17.62 -30.51 29.79
N GLU C 153 18.26 -29.43 29.31
CA GLU C 153 18.29 -28.18 30.11
C GLU C 153 16.88 -27.60 30.25
N VAL C 154 16.16 -27.52 29.15
CA VAL C 154 14.82 -26.88 29.18
C VAL C 154 13.82 -27.76 29.93
N ALA C 155 13.90 -29.06 29.76
CA ALA C 155 13.04 -29.96 30.56
C ALA C 155 13.37 -29.74 32.06
N THR C 156 14.65 -29.58 32.41
CA THR C 156 15.06 -29.41 33.84
C THR C 156 14.42 -28.11 34.32
N TYR C 157 14.62 -27.03 33.56
CA TYR C 157 14.10 -25.69 33.95
C TYR C 157 12.59 -25.77 34.20
N THR C 158 11.87 -26.36 33.25
CA THR C 158 10.39 -26.51 33.32
C THR C 158 10.03 -27.29 34.59
N PHE C 159 10.85 -28.28 34.92
CA PHE C 159 10.65 -29.04 36.18
C PHE C 159 10.82 -28.10 37.40
N LEU C 160 11.89 -27.30 37.46
CA LEU C 160 12.17 -26.44 38.65
C LEU C 160 11.07 -25.36 38.81
N GLN C 161 10.50 -24.89 37.72
CA GLN C 161 9.34 -23.98 37.73
C GLN C 161 8.19 -24.59 38.51
N GLN C 162 7.86 -25.86 38.28
CA GLN C 162 6.80 -26.55 39.07
C GLN C 162 7.24 -26.66 40.56
N LEU C 163 8.50 -26.94 40.85
CA LEU C 163 8.97 -26.97 42.27
C LEU C 163 8.91 -25.55 42.85
N CYS C 164 9.11 -24.49 42.04
CA CYS C 164 9.37 -23.12 42.59
C CYS C 164 9.24 -22.07 41.47
N PRO C 165 8.01 -21.57 41.20
CA PRO C 165 7.74 -20.76 40.03
C PRO C 165 8.68 -19.54 39.94
N ASP C 166 9.32 -19.36 38.79
CA ASP C 166 10.10 -18.13 38.51
C ASP C 166 9.05 -17.03 38.21
N SER C 167 9.47 -15.82 37.93
CA SER C 167 8.52 -14.78 37.47
C SER C 167 9.11 -13.95 36.33
N GLY C 168 9.95 -14.54 35.49
CA GLY C 168 10.64 -13.78 34.44
C GLY C 168 10.12 -14.15 33.06
N THR C 169 10.89 -13.82 32.03
CA THR C 169 10.53 -14.01 30.61
C THR C 169 11.05 -15.37 30.11
N ILE C 170 10.67 -15.71 28.89
CA ILE C 170 11.12 -16.95 28.21
C ILE C 170 12.62 -16.84 27.93
N ALA C 171 13.10 -15.64 27.64
CA ALA C 171 14.49 -15.36 27.24
C ALA C 171 15.40 -15.50 28.45
N ALA C 172 15.02 -14.95 29.59
CA ALA C 172 15.65 -15.17 30.91
C ALA C 172 15.84 -16.67 31.14
N ARG C 173 14.83 -17.49 30.85
CA ARG C 173 14.87 -18.95 31.06
C ARG C 173 15.84 -19.62 30.10
N ALA C 174 15.79 -19.21 28.83
CA ALA C 174 16.73 -19.68 27.82
C ALA C 174 18.16 -19.32 28.24
N GLN C 175 18.38 -18.11 28.75
CA GLN C 175 19.71 -17.61 29.20
C GLN C 175 20.29 -18.46 30.35
N VAL C 176 19.46 -18.86 31.32
CA VAL C 176 19.81 -19.79 32.42
C VAL C 176 20.26 -21.12 31.79
N CYS C 177 19.47 -21.63 30.86
CA CYS C 177 19.76 -22.94 30.26
C CYS C 177 21.07 -22.80 29.52
N GLN C 178 21.22 -21.68 28.83
CA GLN C 178 22.46 -21.32 28.11
C GLN C 178 23.64 -21.24 29.08
N GLN C 179 23.48 -20.58 30.21
CA GLN C 179 24.60 -20.41 31.16
C GLN C 179 25.04 -21.79 31.63
N ALA C 180 24.09 -22.73 31.77
CA ALA C 180 24.37 -24.13 32.18
C ALA C 180 25.25 -24.81 31.13
N GLU C 181 24.87 -24.68 29.84
CA GLU C 181 25.66 -25.18 28.68
C GLU C 181 27.09 -24.59 28.80
N HIS C 182 27.21 -23.29 29.04
CA HIS C 182 28.52 -22.58 29.04
C HIS C 182 29.40 -23.10 30.20
N SER C 183 28.89 -23.11 31.43
CA SER C 183 29.70 -23.23 32.67
C SER C 183 29.82 -24.68 33.11
N PHE C 184 28.83 -25.52 32.81
CA PHE C 184 28.77 -26.93 33.25
C PHE C 184 29.07 -27.93 32.11
N ALA C 185 28.89 -27.52 30.84
CA ALA C 185 29.22 -28.37 29.68
C ALA C 185 30.40 -27.81 28.88
N GLY C 186 30.94 -26.64 29.19
CA GLY C 186 32.09 -26.10 28.45
C GLY C 186 31.77 -25.86 26.97
N MET C 187 30.56 -25.48 26.64
CA MET C 187 30.14 -25.19 25.25
C MET C 187 29.43 -23.83 25.24
N PRO C 188 30.10 -22.78 24.72
CA PRO C 188 29.59 -21.42 24.75
C PRO C 188 28.60 -21.17 23.61
N CYS C 189 27.43 -21.77 23.72
CA CYS C 189 26.40 -21.78 22.67
C CYS C 189 25.72 -20.39 22.63
N GLY C 190 25.03 -20.11 21.55
CA GLY C 190 24.09 -18.97 21.49
C GLY C 190 22.75 -19.38 22.07
N ILE C 191 21.75 -18.55 21.86
CA ILE C 191 20.42 -18.70 22.53
C ILE C 191 19.50 -19.66 21.76
N MET C 192 19.82 -20.08 20.53
CA MET C 192 18.77 -20.64 19.63
C MET C 192 18.20 -21.94 20.19
N ASP C 193 19.05 -22.92 20.52
CA ASP C 193 18.62 -24.31 20.88
C ASP C 193 17.65 -24.26 22.06
N GLN C 194 17.97 -23.43 23.07
CA GLN C 194 17.17 -23.31 24.31
C GLN C 194 15.89 -22.55 24.01
N PHE C 195 16.04 -21.51 23.23
CA PHE C 195 14.90 -20.64 22.86
C PHE C 195 13.86 -21.48 22.10
N ILE C 196 14.26 -22.33 21.15
CA ILE C 196 13.27 -23.11 20.33
C ILE C 196 12.65 -24.22 21.18
N SER C 197 13.47 -24.85 22.03
CA SER C 197 12.99 -25.87 23.00
C SER C 197 11.88 -25.26 23.83
N LEU C 198 12.10 -24.07 24.35
CA LEU C 198 11.04 -23.39 25.14
C LEU C 198 9.82 -23.04 24.29
N MET C 199 10.01 -22.55 23.05
CA MET C 199 8.97 -21.71 22.40
C MET C 199 8.33 -22.39 21.17
N GLY C 200 8.83 -23.53 20.72
CA GLY C 200 8.24 -24.27 19.60
C GLY C 200 6.73 -24.38 19.77
N GLN C 201 5.99 -24.27 18.67
CA GLN C 201 4.53 -24.59 18.61
C GLN C 201 4.33 -25.64 17.51
N LYS C 202 3.45 -26.59 17.76
CA LYS C 202 3.06 -27.53 16.69
C LYS C 202 2.63 -26.71 15.46
N GLY C 203 3.14 -27.06 14.28
CA GLY C 203 2.69 -26.46 13.02
C GLY C 203 3.50 -25.25 12.62
N HIS C 204 4.52 -24.85 13.39
CA HIS C 204 5.25 -23.58 13.15
C HIS C 204 6.76 -23.77 13.27
N ALA C 205 7.51 -23.14 12.37
CA ALA C 205 8.92 -22.78 12.63
C ALA C 205 8.87 -21.50 13.44
N LEU C 206 9.99 -21.12 14.04
CA LEU C 206 10.05 -19.95 14.93
C LEU C 206 11.14 -19.05 14.39
N LEU C 207 10.80 -17.84 14.01
CA LEU C 207 11.82 -16.87 13.56
C LEU C 207 12.32 -16.18 14.83
N ILE C 208 13.62 -16.26 15.08
CA ILE C 208 14.19 -15.59 16.28
C ILE C 208 15.11 -14.48 15.82
N ASP C 209 14.80 -13.28 16.28
CA ASP C 209 15.74 -12.13 16.16
C ASP C 209 16.62 -12.21 17.41
N CYS C 210 17.90 -12.55 17.23
CA CYS C 210 18.87 -12.79 18.32
C CYS C 210 19.48 -11.47 18.80
N ARG C 211 19.06 -10.35 18.22
CA ARG C 211 19.39 -9.01 18.76
C ARG C 211 18.24 -8.53 19.63
N SER C 212 17.07 -8.32 19.05
CA SER C 212 15.90 -7.79 19.79
C SER C 212 15.35 -8.85 20.74
N LEU C 213 15.50 -10.13 20.39
CA LEU C 213 14.79 -11.29 20.99
C LEU C 213 13.28 -11.27 20.69
N GLU C 214 12.85 -10.53 19.66
CA GLU C 214 11.48 -10.66 19.12
C GLU C 214 11.38 -12.04 18.45
N THR C 215 10.26 -12.74 18.61
CA THR C 215 10.10 -14.07 17.99
C THR C 215 8.80 -14.08 17.20
N SER C 216 8.81 -14.81 16.10
CA SER C 216 7.62 -14.88 15.25
C SER C 216 7.32 -16.32 14.90
N LEU C 217 6.11 -16.77 15.21
CA LEU C 217 5.62 -18.11 14.79
C LEU C 217 5.21 -18.05 13.30
N VAL C 218 5.90 -18.81 12.45
CA VAL C 218 5.71 -18.92 10.98
C VAL C 218 5.09 -20.28 10.65
N PRO C 219 3.84 -20.33 10.14
CA PRO C 219 3.17 -21.59 9.76
C PRO C 219 3.95 -22.53 8.86
N LEU C 220 3.99 -23.83 9.16
CA LEU C 220 4.72 -24.86 8.36
C LEU C 220 4.07 -26.23 8.56
N SER C 221 2.90 -26.47 7.96
CA SER C 221 2.16 -27.77 8.07
C SER C 221 1.27 -27.94 6.84
N ASP C 222 1.93 -27.94 5.69
CA ASP C 222 1.43 -28.38 4.38
C ASP C 222 1.70 -29.89 4.29
N PRO C 223 0.67 -30.75 4.21
CA PRO C 223 0.89 -32.18 4.01
C PRO C 223 1.72 -32.56 2.76
N LYS C 224 1.79 -31.71 1.73
CA LYS C 224 2.59 -31.96 0.49
C LYS C 224 4.10 -31.71 0.78
N LEU C 225 4.43 -31.06 1.91
CA LEU C 225 5.81 -30.68 2.26
C LEU C 225 6.32 -31.58 3.40
N ALA C 226 7.55 -32.05 3.35
CA ALA C 226 8.20 -32.73 4.49
C ALA C 226 9.55 -32.11 4.83
N VAL C 227 9.96 -32.31 6.06
CA VAL C 227 11.34 -32.04 6.54
C VAL C 227 11.99 -33.39 6.88
N LEU C 228 13.02 -33.78 6.11
CA LEU C 228 13.86 -34.96 6.30
C LEU C 228 15.16 -34.54 7.00
N ILE C 229 15.36 -35.07 8.19
CA ILE C 229 16.61 -34.92 8.98
C ILE C 229 17.47 -36.15 8.70
N THR C 230 18.71 -35.97 8.27
CA THR C 230 19.63 -37.09 8.01
C THR C 230 20.79 -36.97 9.00
N ASN C 231 20.99 -37.99 9.81
CA ASN C 231 22.11 -38.02 10.76
C ASN C 231 23.27 -38.76 10.09
N SER C 232 24.38 -38.05 9.98
CA SER C 232 25.70 -38.56 9.55
C SER C 232 26.20 -39.63 10.52
N ASN C 233 25.75 -39.61 11.78
CA ASN C 233 26.29 -40.50 12.86
C ASN C 233 27.83 -40.36 12.86
N VAL C 234 28.28 -39.12 12.68
CA VAL C 234 29.71 -38.73 12.78
C VAL C 234 29.75 -37.42 13.56
N ARG C 235 30.72 -37.31 14.48
CA ARG C 235 31.00 -36.05 15.22
C ARG C 235 32.51 -35.90 15.32
N HIS C 236 33.14 -35.11 14.45
CA HIS C 236 34.57 -34.76 14.55
C HIS C 236 34.77 -33.88 15.82
N SER C 237 35.93 -33.98 16.47
CA SER C 237 36.28 -33.27 17.73
C SER C 237 36.14 -31.75 17.52
N LEU C 238 36.41 -31.27 16.30
CA LEU C 238 36.26 -29.84 15.93
C LEU C 238 34.87 -29.32 16.31
N ALA C 239 33.82 -30.14 16.22
CA ALA C 239 32.47 -29.74 16.66
C ALA C 239 32.59 -29.00 18.00
N SER C 240 33.39 -29.55 18.93
CA SER C 240 33.61 -28.99 20.30
C SER C 240 34.61 -27.84 20.22
N SER C 241 35.80 -28.10 19.68
CA SER C 241 36.96 -27.19 19.82
C SER C 241 36.85 -25.96 18.89
N GLU C 242 36.31 -26.09 17.67
CA GLU C 242 36.34 -25.01 16.64
C GLU C 242 35.13 -24.08 16.83
N TYR C 243 34.09 -24.55 17.52
CA TYR C 243 32.92 -23.72 17.82
C TYR C 243 33.36 -22.42 18.51
N PRO C 244 34.04 -22.46 19.69
CA PRO C 244 34.50 -21.24 20.35
C PRO C 244 35.41 -20.37 19.47
N VAL C 245 36.19 -20.97 18.57
CA VAL C 245 37.12 -20.25 17.66
C VAL C 245 36.31 -19.33 16.72
N ARG C 246 35.19 -19.80 16.18
CA ARG C 246 34.28 -19.03 15.28
C ARG C 246 33.72 -17.82 16.05
N ARG C 247 33.35 -18.00 17.31
CA ARG C 247 32.83 -16.90 18.12
C ARG C 247 33.89 -15.81 18.24
N ARG C 248 35.13 -16.24 18.46
CA ARG C 248 36.24 -15.27 18.70
C ARG C 248 36.56 -14.58 17.35
N GLN C 249 36.66 -15.33 16.25
CA GLN C 249 36.95 -14.76 14.93
C GLN C 249 35.86 -13.74 14.59
N CYS C 250 34.58 -14.11 14.76
CA CYS C 250 33.43 -13.20 14.53
C CYS C 250 33.60 -11.93 15.39
N GLU C 251 33.85 -12.10 16.71
CA GLU C 251 34.09 -11.00 17.69
C GLU C 251 35.17 -10.04 17.18
N GLU C 252 36.31 -10.55 16.71
CA GLU C 252 37.45 -9.72 16.30
C GLU C 252 37.10 -8.91 15.02
N VAL C 253 36.26 -9.44 14.14
CA VAL C 253 35.79 -8.69 12.93
C VAL C 253 34.86 -7.56 13.40
N ALA C 254 33.92 -7.81 14.30
CA ALA C 254 33.09 -6.72 14.86
C ALA C 254 33.99 -5.62 15.50
N ARG C 255 34.92 -6.00 16.40
CA ARG C 255 35.81 -5.03 17.08
C ARG C 255 36.54 -4.19 16.04
N ALA C 256 37.08 -4.83 14.99
CA ALA C 256 37.84 -4.16 13.91
C ALA C 256 36.99 -3.12 13.16
N LEU C 257 35.68 -3.37 12.93
CA LEU C 257 34.77 -2.45 12.17
C LEU C 257 34.09 -1.45 13.11
N GLY C 258 34.28 -1.56 14.42
CA GLY C 258 33.60 -0.69 15.42
C GLY C 258 32.12 -1.00 15.45
N ALA C 259 31.76 -2.27 15.44
CA ALA C 259 30.36 -2.72 15.38
C ALA C 259 30.08 -3.48 16.66
N ALA C 260 28.94 -3.20 17.30
CA ALA C 260 28.44 -3.98 18.45
C ALA C 260 28.33 -5.46 18.05
N SER C 261 28.03 -5.76 16.79
CA SER C 261 28.00 -7.16 16.29
C SER C 261 27.93 -7.18 14.76
N LEU C 262 28.05 -8.38 14.19
CA LEU C 262 27.99 -8.57 12.73
C LEU C 262 26.56 -8.37 12.21
N ARG C 263 25.53 -8.30 13.07
CA ARG C 263 24.18 -7.85 12.65
C ARG C 263 24.26 -6.44 12.02
N GLU C 264 25.06 -5.53 12.57
CA GLU C 264 25.17 -4.10 12.17
C GLU C 264 25.97 -3.95 10.87
N VAL C 265 26.59 -5.02 10.39
CA VAL C 265 27.54 -4.97 9.25
C VAL C 265 26.84 -5.54 8.01
N GLN C 266 27.00 -4.89 6.85
CA GLN C 266 26.56 -5.47 5.56
C GLN C 266 27.78 -5.73 4.69
N LEU C 267 27.60 -6.58 3.67
CA LEU C 267 28.69 -7.06 2.78
C LEU C 267 29.49 -5.90 2.20
N GLU C 268 28.81 -4.80 1.85
CA GLU C 268 29.47 -3.68 1.11
C GLU C 268 30.36 -2.95 2.13
N GLU C 269 29.94 -2.90 3.39
CA GLU C 269 30.77 -2.36 4.50
C GLU C 269 31.95 -3.30 4.74
N LEU C 270 31.67 -4.60 4.76
CA LEU C 270 32.72 -5.63 5.00
C LEU C 270 33.75 -5.50 3.88
N GLU C 271 33.29 -5.38 2.63
CA GLU C 271 34.15 -5.20 1.44
C GLU C 271 35.10 -4.01 1.63
N ALA C 272 34.61 -2.87 2.13
CA ALA C 272 35.36 -1.60 2.25
C ALA C 272 36.46 -1.75 3.31
N ALA C 273 36.16 -2.50 4.37
CA ALA C 273 37.04 -2.76 5.54
C ALA C 273 37.81 -4.08 5.36
N ARG C 274 38.04 -4.50 4.10
CA ARG C 274 38.76 -5.76 3.76
C ARG C 274 40.23 -5.67 4.19
N ASP C 275 40.82 -4.47 4.16
CA ASP C 275 42.23 -4.23 4.59
C ASP C 275 42.34 -4.45 6.10
N LEU C 276 41.21 -4.45 6.85
CA LEU C 276 41.21 -4.36 8.33
C LEU C 276 41.02 -5.71 9.02
N VAL C 277 40.95 -6.82 8.28
CA VAL C 277 40.76 -8.19 8.85
C VAL C 277 41.55 -9.22 8.04
N SER C 278 41.83 -10.37 8.69
CA SER C 278 42.48 -11.55 8.09
C SER C 278 41.64 -12.05 6.92
N LYS C 279 42.28 -12.75 5.98
CA LYS C 279 41.62 -13.48 4.88
C LYS C 279 40.48 -14.32 5.48
N GLU C 280 40.73 -15.08 6.56
CA GLU C 280 39.71 -16.01 7.12
C GLU C 280 38.68 -15.22 7.92
N GLY C 281 39.07 -14.14 8.58
CA GLY C 281 38.12 -13.19 9.19
C GLY C 281 37.09 -12.72 8.16
N PHE C 282 37.56 -12.18 7.04
CA PHE C 282 36.71 -11.80 5.89
C PHE C 282 35.75 -12.93 5.52
N ARG C 283 36.23 -14.19 5.41
CA ARG C 283 35.40 -15.37 5.01
C ARG C 283 34.30 -15.61 6.05
N ARG C 284 34.59 -15.54 7.35
CA ARG C 284 33.59 -15.88 8.42
C ARG C 284 32.49 -14.81 8.45
N ALA C 285 32.90 -13.55 8.34
CA ALA C 285 31.99 -12.40 8.39
C ALA C 285 31.11 -12.41 7.14
N ARG C 286 31.68 -12.78 5.99
CA ARG C 286 30.91 -12.83 4.72
C ARG C 286 29.80 -13.88 4.88
N HIS C 287 30.09 -15.02 5.53
CA HIS C 287 29.06 -16.07 5.78
C HIS C 287 27.95 -15.46 6.62
N VAL C 288 28.31 -14.77 7.71
CA VAL C 288 27.34 -14.36 8.76
C VAL C 288 26.37 -13.31 8.18
N VAL C 289 26.92 -12.33 7.49
CA VAL C 289 26.15 -11.22 6.87
C VAL C 289 25.22 -11.80 5.79
N GLY C 290 25.73 -12.64 4.91
CA GLY C 290 24.96 -13.45 3.95
C GLY C 290 23.85 -14.24 4.64
N GLU C 291 24.19 -14.97 5.71
CA GLU C 291 23.25 -15.93 6.33
C GLU C 291 22.13 -15.13 6.97
N ILE C 292 22.42 -13.94 7.49
CA ILE C 292 21.34 -13.14 8.14
C ILE C 292 20.33 -12.73 7.06
N ARG C 293 20.85 -12.23 5.93
CA ARG C 293 20.02 -11.83 4.76
C ARG C 293 19.23 -13.05 4.28
N ARG C 294 19.88 -14.20 4.07
CA ARG C 294 19.22 -15.44 3.55
C ARG C 294 18.07 -15.86 4.50
N THR C 295 18.22 -15.64 5.80
CA THR C 295 17.18 -16.09 6.78
C THR C 295 15.97 -15.16 6.66
N ALA C 296 16.18 -13.85 6.47
CA ALA C 296 15.08 -12.89 6.20
C ALA C 296 14.43 -13.30 4.87
N GLN C 297 15.23 -13.60 3.87
CA GLN C 297 14.70 -14.01 2.55
C GLN C 297 13.90 -15.33 2.72
N ALA C 298 14.37 -16.25 3.59
CA ALA C 298 13.74 -17.59 3.74
C ALA C 298 12.40 -17.44 4.46
N ALA C 299 12.37 -16.72 5.58
CA ALA C 299 11.12 -16.38 6.29
C ALA C 299 10.10 -15.75 5.29
N ALA C 300 10.50 -14.83 4.43
CA ALA C 300 9.54 -14.19 3.50
C ALA C 300 9.07 -15.30 2.56
N ALA C 301 10.01 -16.12 2.08
CA ALA C 301 9.73 -17.25 1.17
C ALA C 301 8.73 -18.21 1.81
N LEU C 302 8.94 -18.62 3.07
CA LEU C 302 8.11 -19.66 3.76
C LEU C 302 6.66 -19.19 3.93
N ARG C 303 6.45 -17.89 4.15
CA ARG C 303 5.12 -17.29 4.46
C ARG C 303 4.22 -17.31 3.23
N ARG C 304 4.79 -17.03 2.04
CA ARG C 304 4.08 -16.97 0.75
C ARG C 304 4.12 -18.35 0.06
N GLY C 305 4.55 -19.38 0.79
CA GLY C 305 4.51 -20.79 0.39
C GLY C 305 5.46 -21.11 -0.76
N ASP C 306 6.57 -20.39 -0.88
CA ASP C 306 7.53 -20.52 -2.02
C ASP C 306 8.72 -21.38 -1.57
N TYR C 307 8.50 -22.69 -1.60
CA TYR C 307 9.42 -23.73 -1.07
C TYR C 307 10.64 -23.81 -1.98
N ARG C 308 10.44 -23.50 -3.26
CA ARG C 308 11.52 -23.61 -4.27
C ARG C 308 12.56 -22.54 -3.90
N ALA C 309 12.10 -21.32 -3.64
CA ALA C 309 12.98 -20.21 -3.20
C ALA C 309 13.62 -20.62 -1.85
N PHE C 310 12.82 -21.11 -0.91
CA PHE C 310 13.26 -21.51 0.45
C PHE C 310 14.41 -22.52 0.31
N GLY C 311 14.22 -23.51 -0.56
CA GLY C 311 15.20 -24.60 -0.79
C GLY C 311 16.48 -24.04 -1.37
N ARG C 312 16.38 -23.17 -2.37
CA ARG C 312 17.58 -22.54 -3.02
C ARG C 312 18.38 -21.79 -1.92
N LEU C 313 17.71 -21.02 -1.07
CA LEU C 313 18.32 -20.30 0.09
C LEU C 313 18.99 -21.31 1.03
N MET C 314 18.37 -22.49 1.23
CA MET C 314 18.99 -23.54 2.08
C MET C 314 20.35 -23.94 1.49
N VAL C 315 20.43 -24.05 0.15
CA VAL C 315 21.63 -24.53 -0.61
C VAL C 315 22.71 -23.42 -0.56
N GLU C 316 22.36 -22.16 -0.70
CA GLU C 316 23.35 -21.06 -0.53
C GLU C 316 23.90 -21.11 0.92
N SER C 317 23.07 -21.41 1.92
CA SER C 317 23.47 -21.45 3.35
C SER C 317 24.52 -22.57 3.52
N HIS C 318 24.35 -23.69 2.81
CA HIS C 318 25.30 -24.82 2.92
C HIS C 318 26.61 -24.43 2.25
N ARG C 319 26.51 -23.86 1.06
CA ARG C 319 27.70 -23.49 0.27
C ARG C 319 28.53 -22.52 1.12
N SER C 320 27.86 -21.54 1.71
CA SER C 320 28.46 -20.49 2.57
C SER C 320 29.16 -21.14 3.78
N LEU C 321 28.50 -22.12 4.42
CA LEU C 321 29.02 -22.77 5.64
C LEU C 321 30.21 -23.66 5.26
N ARG C 322 30.20 -24.20 4.04
CA ARG C 322 31.25 -25.12 3.54
C ARG C 322 32.47 -24.29 3.15
N ASP C 323 32.26 -23.15 2.51
CA ASP C 323 33.36 -22.47 1.78
C ASP C 323 33.87 -21.30 2.61
N ASP C 324 33.00 -20.56 3.31
CA ASP C 324 33.37 -19.29 3.99
C ASP C 324 33.53 -19.56 5.49
N TYR C 325 32.60 -20.29 6.09
CA TYR C 325 32.61 -20.54 7.56
C TYR C 325 33.41 -21.82 7.86
N GLU C 326 33.58 -22.70 6.87
CA GLU C 326 34.35 -23.96 6.94
C GLU C 326 34.03 -24.68 8.25
N VAL C 327 32.76 -25.02 8.43
CA VAL C 327 32.26 -25.87 9.54
C VAL C 327 31.47 -27.03 8.95
N SER C 328 31.70 -27.38 7.68
CA SER C 328 31.16 -28.64 7.12
C SER C 328 32.23 -29.74 7.31
N CYS C 329 31.99 -30.92 6.75
CA CYS C 329 33.00 -31.99 6.65
C CYS C 329 32.67 -32.81 5.41
N PRO C 330 33.53 -33.74 4.97
CA PRO C 330 33.22 -34.55 3.79
C PRO C 330 31.87 -35.27 3.93
N GLU C 331 31.50 -35.67 5.15
CA GLU C 331 30.35 -36.57 5.36
C GLU C 331 29.10 -35.74 5.03
N LEU C 332 28.91 -34.59 5.69
CA LEU C 332 27.75 -33.68 5.54
C LEU C 332 27.64 -33.24 4.07
N ASP C 333 28.77 -32.92 3.44
CA ASP C 333 28.80 -32.46 2.04
C ASP C 333 28.27 -33.60 1.15
N GLN C 334 28.73 -34.83 1.38
CA GLN C 334 28.29 -36.01 0.57
C GLN C 334 26.78 -36.20 0.81
N LEU C 335 26.27 -35.97 2.03
CA LEU C 335 24.82 -36.11 2.32
C LEU C 335 24.02 -35.04 1.56
N VAL C 336 24.54 -33.81 1.51
CA VAL C 336 23.83 -32.65 0.87
C VAL C 336 23.82 -32.88 -0.65
N GLU C 337 24.97 -33.19 -1.26
CA GLU C 337 25.09 -33.43 -2.73
C GLU C 337 24.10 -34.55 -3.12
N ALA C 338 24.02 -35.62 -2.34
CA ALA C 338 23.09 -36.75 -2.58
C ALA C 338 21.63 -36.28 -2.51
N ALA C 339 21.26 -35.55 -1.47
CA ALA C 339 19.90 -35.01 -1.31
C ALA C 339 19.49 -34.19 -2.53
N LEU C 340 20.40 -33.39 -3.09
CA LEU C 340 20.07 -32.38 -4.14
C LEU C 340 19.84 -33.05 -5.50
N ALA C 341 20.17 -34.34 -5.59
CA ALA C 341 20.01 -35.21 -6.78
C ALA C 341 18.63 -35.86 -6.82
N VAL C 342 17.87 -35.85 -5.73
CA VAL C 342 16.59 -36.60 -5.61
C VAL C 342 15.44 -35.72 -6.09
N PRO C 343 14.69 -36.13 -7.15
CA PRO C 343 13.56 -35.34 -7.62
C PRO C 343 12.63 -35.00 -6.45
N GLY C 344 12.10 -33.78 -6.37
CA GLY C 344 11.16 -33.35 -5.32
C GLY C 344 11.87 -32.70 -4.13
N VAL C 345 13.20 -32.77 -4.10
CA VAL C 345 14.02 -32.14 -3.04
C VAL C 345 14.12 -30.66 -3.42
N TYR C 346 13.65 -29.79 -2.54
CA TYR C 346 13.70 -28.31 -2.74
C TYR C 346 15.08 -27.79 -2.32
N GLY C 347 15.64 -28.36 -1.27
CA GLY C 347 16.87 -27.84 -0.65
C GLY C 347 17.40 -28.76 0.42
N SER C 348 18.70 -28.71 0.67
CA SER C 348 19.40 -29.47 1.75
C SER C 348 20.60 -28.66 2.20
N ARG C 349 20.94 -28.78 3.48
CA ARG C 349 22.07 -28.09 4.16
C ARG C 349 22.40 -28.84 5.47
N MET C 350 23.64 -28.72 5.92
CA MET C 350 23.95 -29.02 7.34
C MET C 350 23.06 -28.11 8.18
N THR C 351 22.65 -28.66 9.33
CA THR C 351 21.92 -27.95 10.39
C THR C 351 22.80 -27.97 11.65
N GLY C 352 22.60 -27.04 12.56
CA GLY C 352 23.34 -26.99 13.83
C GLY C 352 24.80 -26.61 13.65
N GLY C 353 25.65 -27.05 14.58
CA GLY C 353 27.02 -26.57 14.79
C GLY C 353 27.97 -26.95 13.69
N GLY C 354 27.79 -28.10 13.06
CA GLY C 354 28.67 -28.56 11.97
C GLY C 354 29.67 -29.59 12.45
N PHE C 355 30.63 -29.93 11.59
CA PHE C 355 31.72 -30.92 11.78
C PHE C 355 31.14 -32.33 12.04
N GLY C 356 29.90 -32.52 11.58
CA GLY C 356 29.15 -33.77 11.75
C GLY C 356 27.71 -33.44 12.04
N GLY C 357 27.01 -34.36 12.66
CA GLY C 357 25.61 -34.14 13.04
C GLY C 357 24.73 -34.32 11.81
N CYS C 358 23.68 -33.49 11.76
CA CYS C 358 22.53 -33.71 10.84
C CYS C 358 22.52 -32.75 9.64
N THR C 359 21.89 -33.23 8.55
CA THR C 359 21.40 -32.36 7.45
C THR C 359 19.89 -32.23 7.57
N VAL C 360 19.35 -31.18 6.95
CA VAL C 360 17.89 -30.92 6.87
C VAL C 360 17.57 -30.70 5.39
N THR C 361 16.54 -31.40 4.93
CA THR C 361 16.13 -31.44 3.51
C THR C 361 14.66 -31.07 3.51
N LEU C 362 14.31 -30.04 2.77
CA LEU C 362 12.90 -29.66 2.49
C LEU C 362 12.54 -30.38 1.21
N LEU C 363 11.44 -31.12 1.18
CA LEU C 363 11.05 -31.91 -0.02
C LEU C 363 9.54 -32.15 -0.05
N GLU C 364 9.04 -32.39 -1.26
CA GLU C 364 7.68 -32.96 -1.47
C GLU C 364 7.58 -34.22 -0.61
N ALA C 365 6.56 -34.33 0.22
CA ALA C 365 6.35 -35.48 1.12
C ALA C 365 6.44 -36.80 0.32
N SER C 366 5.96 -36.81 -0.93
CA SER C 366 5.95 -38.01 -1.82
C SER C 366 7.38 -38.51 -2.05
N ALA C 367 8.34 -37.59 -2.03
CA ALA C 367 9.74 -37.87 -2.38
C ALA C 367 10.49 -38.47 -1.18
N ALA C 368 9.93 -38.45 0.03
CA ALA C 368 10.66 -38.85 1.25
C ALA C 368 11.24 -40.27 1.08
N PRO C 369 10.44 -41.32 0.78
CA PRO C 369 11.00 -42.65 0.56
C PRO C 369 12.24 -42.74 -0.39
N HIS C 370 12.11 -42.05 -1.57
CA HIS C 370 13.17 -42.04 -2.61
C HIS C 370 14.41 -41.25 -2.10
N ALA C 371 14.21 -40.22 -1.31
CA ALA C 371 15.34 -39.40 -0.81
C ALA C 371 16.19 -40.29 0.13
N MET C 372 15.48 -41.12 0.91
CA MET C 372 16.10 -41.98 1.95
C MET C 372 16.90 -43.09 1.25
N ARG C 373 16.32 -43.81 0.28
CA ARG C 373 17.07 -44.86 -0.48
C ARG C 373 18.35 -44.22 -1.06
N HIS C 374 18.21 -43.10 -1.78
CA HIS C 374 19.31 -42.47 -2.56
C HIS C 374 20.39 -41.93 -1.63
N ILE C 375 20.00 -41.23 -0.57
CA ILE C 375 20.98 -40.61 0.37
C ILE C 375 21.82 -41.73 0.98
N GLN C 376 21.19 -42.82 1.39
CA GLN C 376 21.85 -44.00 2.02
C GLN C 376 22.88 -44.61 1.05
N GLU C 377 22.45 -44.94 -0.18
CA GLU C 377 23.29 -45.64 -1.17
C GLU C 377 24.50 -44.76 -1.54
N HIS C 378 24.32 -43.44 -1.56
CA HIS C 378 25.40 -42.46 -1.83
C HIS C 378 26.20 -42.14 -0.57
N TYR C 379 25.71 -42.47 0.63
CA TYR C 379 26.46 -42.20 1.88
C TYR C 379 27.41 -43.37 2.18
N GLY C 380 28.71 -43.05 2.18
CA GLY C 380 29.80 -43.87 2.76
C GLY C 380 29.72 -43.81 4.28
N GLY C 381 29.36 -44.92 4.91
CA GLY C 381 28.93 -44.88 6.33
C GLY C 381 27.42 -44.97 6.45
N THR C 382 26.87 -44.83 7.66
CA THR C 382 25.49 -45.29 7.90
C THR C 382 24.64 -44.13 8.42
N ALA C 383 23.72 -43.65 7.58
CA ALA C 383 22.81 -42.54 7.92
C ALA C 383 21.60 -43.09 8.63
N THR C 384 21.03 -42.26 9.49
CA THR C 384 19.72 -42.44 10.16
C THR C 384 18.83 -41.29 9.70
N PHE C 385 17.54 -41.56 9.66
CA PHE C 385 16.53 -40.68 9.05
C PHE C 385 15.48 -40.39 10.11
N TYR C 386 15.07 -39.12 10.24
CA TYR C 386 13.81 -38.72 10.91
C TYR C 386 13.01 -37.83 9.95
N LEU C 387 11.71 -38.07 9.86
CA LEU C 387 10.72 -37.21 9.17
C LEU C 387 9.90 -36.49 10.24
N SER C 388 10.01 -35.17 10.39
CA SER C 388 9.37 -34.51 11.55
C SER C 388 8.44 -33.39 11.11
N GLN C 389 7.26 -33.31 11.71
CA GLN C 389 6.46 -32.08 11.76
C GLN C 389 7.13 -31.14 12.73
N ALA C 390 6.75 -29.87 12.62
CA ALA C 390 6.99 -28.83 13.61
C ALA C 390 6.27 -29.27 14.87
N ALA C 391 6.97 -29.30 16.01
CA ALA C 391 6.36 -29.75 17.27
C ALA C 391 6.28 -28.62 18.30
N ASP C 392 5.56 -28.92 19.38
CA ASP C 392 5.38 -28.09 20.58
C ASP C 392 6.71 -27.93 21.32
N GLY C 393 6.84 -26.82 22.06
CA GLY C 393 7.96 -26.58 22.98
C GLY C 393 7.68 -27.22 24.35
N ALA C 394 8.29 -26.70 25.42
CA ALA C 394 8.22 -27.30 26.75
C ALA C 394 6.77 -27.43 27.20
N LYS C 395 6.40 -28.56 27.81
CA LYS C 395 5.06 -28.82 28.34
C LYS C 395 5.14 -29.35 29.78
N VAL C 396 4.05 -29.21 30.51
CA VAL C 396 3.86 -29.79 31.86
C VAL C 396 2.60 -30.65 31.85
N LEU C 397 2.66 -31.78 32.57
CA LEU C 397 1.50 -32.64 32.89
C LEU C 397 1.60 -33.04 34.34
N CYS C 398 0.59 -32.68 35.14
CA CYS C 398 0.42 -33.11 36.56
C CYS C 398 -0.06 -34.56 36.56
N LEU C 399 0.65 -35.43 37.24
CA LEU C 399 0.32 -36.88 37.33
C LEU C 399 -0.40 -37.11 38.65
N PRO D 14 -4.26 -6.85 43.88
CA PRO D 14 -4.89 -8.14 44.24
C PRO D 14 -4.18 -9.30 43.51
N GLN D 15 -2.94 -9.59 43.90
CA GLN D 15 -1.92 -10.38 43.12
C GLN D 15 -2.32 -11.85 43.00
N VAL D 16 -1.62 -12.60 42.15
CA VAL D 16 -1.84 -14.05 41.84
C VAL D 16 -1.77 -14.85 43.15
N ALA D 17 -0.75 -14.61 43.97
CA ALA D 17 -0.54 -15.32 45.26
C ALA D 17 -1.87 -15.44 46.00
N GLU D 18 -2.57 -14.31 46.17
CA GLU D 18 -3.80 -14.20 47.00
C GLU D 18 -4.95 -14.94 46.32
N LEU D 19 -5.06 -14.86 45.00
CA LEU D 19 -6.15 -15.52 44.22
C LEU D 19 -6.03 -17.03 44.35
N LEU D 20 -4.82 -17.55 44.15
CA LEU D 20 -4.54 -19.01 44.11
C LEU D 20 -4.86 -19.60 45.50
N ALA D 21 -4.48 -18.92 46.60
CA ALA D 21 -4.78 -19.34 48.00
C ALA D 21 -6.30 -19.27 48.21
N GLU D 22 -6.92 -18.11 47.93
CA GLU D 22 -8.41 -17.94 47.98
C GLU D 22 -9.05 -19.17 47.34
N ALA D 23 -8.64 -19.50 46.11
CA ALA D 23 -9.15 -20.65 45.33
C ALA D 23 -8.91 -21.96 46.11
N ARG D 24 -7.68 -22.19 46.58
CA ARG D 24 -7.25 -23.46 47.24
C ARG D 24 -8.02 -23.61 48.57
N ARG D 25 -8.09 -22.54 49.39
CA ARG D 25 -8.83 -22.47 50.69
C ARG D 25 -10.32 -22.78 50.46
N ALA D 26 -10.94 -22.17 49.45
CA ALA D 26 -12.33 -22.45 49.04
C ALA D 26 -12.50 -23.93 48.70
N PHE D 27 -11.58 -24.50 47.89
CA PHE D 27 -11.76 -25.82 47.24
C PHE D 27 -11.87 -26.96 48.27
N ARG D 28 -10.86 -27.15 49.13
CA ARG D 28 -10.76 -28.32 50.04
C ARG D 28 -12.07 -28.45 50.85
N GLU D 29 -12.76 -27.32 51.03
CA GLU D 29 -14.05 -27.14 51.75
C GLU D 29 -15.22 -27.77 50.95
N GLU D 30 -15.30 -27.54 49.64
CA GLU D 30 -16.46 -28.05 48.84
C GLU D 30 -16.34 -29.56 48.57
N PHE D 31 -15.13 -30.16 48.60
CA PHE D 31 -14.86 -31.51 48.06
C PHE D 31 -14.08 -32.42 49.05
N GLU D 34 -6.58 -29.61 50.33
CA GLU D 34 -5.59 -29.46 49.22
C GLU D 34 -6.21 -29.95 47.91
N PRO D 35 -6.23 -29.13 46.82
CA PRO D 35 -6.57 -29.60 45.48
C PRO D 35 -5.25 -30.10 44.73
N GLU D 36 -5.54 -30.77 43.52
CA GLU D 36 -4.47 -31.49 42.76
C GLU D 36 -3.94 -30.69 41.56
N LEU D 37 -4.47 -29.49 41.24
CA LEU D 37 -4.18 -28.76 39.96
C LEU D 37 -4.56 -27.28 40.02
N ALA D 38 -3.64 -26.38 39.64
CA ALA D 38 -3.88 -24.92 39.48
C ALA D 38 -3.55 -24.48 38.06
N VAL D 39 -4.51 -23.87 37.36
CA VAL D 39 -4.28 -23.23 36.03
C VAL D 39 -4.76 -21.79 36.12
N SER D 40 -4.24 -20.93 35.25
CA SER D 40 -4.63 -19.52 35.14
C SER D 40 -4.63 -19.07 33.67
N ALA D 41 -5.32 -17.96 33.42
CA ALA D 41 -5.46 -17.34 32.10
C ALA D 41 -5.69 -15.86 32.31
N PRO D 42 -4.90 -14.96 31.67
CA PRO D 42 -5.00 -13.53 31.95
C PRO D 42 -6.21 -12.95 31.22
N GLY D 43 -6.69 -11.81 31.71
CA GLY D 43 -7.43 -10.84 30.90
C GLY D 43 -6.46 -10.15 29.93
N ARG D 44 -6.99 -9.30 29.06
CA ARG D 44 -6.13 -8.60 28.08
C ARG D 44 -6.63 -7.19 27.84
N VAL D 45 -5.74 -6.39 27.29
CA VAL D 45 -6.04 -5.03 26.81
C VAL D 45 -5.52 -4.95 25.37
N ASN D 46 -6.34 -4.41 24.47
N ASN D 46 -6.32 -4.42 24.47
CA ASN D 46 -5.92 -4.05 23.09
CA ASN D 46 -5.87 -4.13 23.09
C ASN D 46 -5.18 -2.72 23.19
C ASN D 46 -5.17 -2.77 23.20
N LEU D 47 -3.89 -2.69 22.87
CA LEU D 47 -3.12 -1.42 22.94
C LEU D 47 -3.52 -0.53 21.76
N ILE D 48 -3.78 -1.14 20.61
CA ILE D 48 -4.20 -0.50 19.32
C ILE D 48 -4.62 -1.59 18.34
N GLY D 49 -5.49 -1.25 17.39
CA GLY D 49 -5.97 -2.23 16.40
C GLY D 49 -7.40 -2.61 16.68
N GLU D 50 -8.06 -1.82 17.54
CA GLU D 50 -9.56 -1.68 17.63
C GLU D 50 -10.17 -1.82 16.25
N HIS D 51 -10.84 -2.96 16.04
CA HIS D 51 -11.93 -3.08 15.04
C HIS D 51 -11.35 -3.33 13.66
N THR D 52 -10.15 -3.87 13.58
CA THR D 52 -9.51 -4.22 12.28
C THR D 52 -9.48 -5.73 12.10
N ASP D 53 -9.83 -6.49 13.15
CA ASP D 53 -9.69 -7.97 13.16
C ASP D 53 -10.74 -8.62 12.25
N TYR D 54 -11.96 -8.08 12.15
CA TYR D 54 -13.02 -8.54 11.21
C TYR D 54 -12.67 -8.11 9.78
N ASN D 55 -11.68 -7.21 9.62
CA ASN D 55 -11.30 -6.61 8.32
C ASN D 55 -9.89 -7.06 7.92
N GLN D 56 -9.41 -8.19 8.44
CA GLN D 56 -8.09 -8.80 8.08
C GLN D 56 -6.97 -7.80 8.45
N GLY D 57 -7.15 -7.13 9.59
CA GLY D 57 -6.27 -6.05 10.06
C GLY D 57 -5.17 -6.58 10.93
N LEU D 58 -4.64 -5.72 11.80
CA LEU D 58 -3.50 -5.95 12.71
C LEU D 58 -3.96 -5.52 14.10
N VAL D 59 -3.69 -6.35 15.13
CA VAL D 59 -4.09 -6.03 16.53
C VAL D 59 -2.85 -6.19 17.36
N LEU D 60 -2.74 -5.40 18.42
CA LEU D 60 -1.53 -5.38 19.25
C LEU D 60 -1.96 -5.54 20.71
N PRO D 61 -2.47 -6.72 21.11
CA PRO D 61 -2.90 -6.91 22.50
C PRO D 61 -1.75 -7.29 23.44
N MET D 62 -2.04 -7.21 24.73
CA MET D 62 -1.11 -7.47 25.87
C MET D 62 -1.89 -8.21 26.95
N ALA D 63 -1.40 -9.34 27.49
CA ALA D 63 -2.07 -10.02 28.62
C ALA D 63 -1.91 -9.11 29.85
N LEU D 64 -2.95 -9.00 30.69
CA LEU D 64 -2.91 -8.14 31.90
C LEU D 64 -2.56 -8.98 33.13
N GLU D 65 -2.19 -8.33 34.23
CA GLU D 65 -1.98 -8.94 35.58
C GLU D 65 -3.34 -9.03 36.29
N LEU D 66 -4.36 -9.48 35.57
CA LEU D 66 -5.73 -9.81 36.06
C LEU D 66 -6.03 -11.14 35.41
N MET D 67 -6.47 -12.15 36.16
CA MET D 67 -6.53 -13.51 35.58
C MET D 67 -7.73 -14.26 36.14
N THR D 68 -8.07 -15.38 35.49
CA THR D 68 -8.98 -16.44 35.96
C THR D 68 -8.11 -17.65 36.36
N VAL D 69 -8.35 -18.19 37.57
CA VAL D 69 -7.65 -19.36 38.17
C VAL D 69 -8.65 -20.51 38.38
N LEU D 70 -8.46 -21.63 37.68
CA LEU D 70 -9.14 -22.92 37.97
C LEU D 70 -8.23 -23.79 38.84
N VAL D 71 -8.73 -24.20 39.99
CA VAL D 71 -8.02 -25.05 40.96
C VAL D 71 -8.93 -26.24 41.26
N GLY D 72 -8.47 -27.47 40.96
CA GLY D 72 -9.27 -28.69 41.25
C GLY D 72 -8.45 -30.05 41.08
N SER D 73 -9.31 -31.06 40.65
CA SER D 73 -8.93 -32.50 40.58
C SER D 73 -9.97 -33.30 39.73
N PRO D 74 -9.49 -34.49 39.23
CA PRO D 74 -10.39 -35.44 38.55
C PRO D 74 -11.11 -36.51 39.47
N LEU D 79 -19.31 -37.11 36.39
CA LEU D 79 -19.83 -35.81 36.89
C LEU D 79 -18.81 -34.67 36.67
N VAL D 80 -19.31 -33.48 36.30
CA VAL D 80 -18.62 -32.15 36.43
C VAL D 80 -19.33 -31.37 37.55
N SER D 81 -18.56 -30.99 38.61
CA SER D 81 -19.06 -30.22 39.77
C SER D 81 -18.12 -29.04 40.05
N LEU D 82 -18.61 -27.79 39.92
CA LEU D 82 -17.82 -26.53 40.10
C LEU D 82 -18.50 -25.57 41.07
N LEU D 83 -17.67 -24.80 41.80
CA LEU D 83 -18.05 -23.68 42.70
C LEU D 83 -17.23 -22.44 42.31
N THR D 84 -17.86 -21.29 42.11
CA THR D 84 -17.20 -20.06 41.59
C THR D 84 -17.06 -19.02 42.72
N THR D 85 -16.47 -17.85 42.36
CA THR D 85 -16.19 -16.66 43.21
C THR D 85 -16.38 -17.03 44.70
N GLN D 93 -23.88 -20.41 42.26
CA GLN D 93 -22.51 -20.45 42.84
C GLN D 93 -21.98 -21.89 42.83
N ARG D 94 -22.83 -22.91 42.98
CA ARG D 94 -22.42 -24.34 42.89
C ARG D 94 -23.29 -25.07 41.86
N LEU D 95 -22.71 -25.47 40.72
CA LEU D 95 -23.36 -26.34 39.68
C LEU D 95 -22.76 -27.76 39.74
N GLN D 96 -23.50 -28.79 39.29
CA GLN D 96 -23.01 -30.19 39.19
C GLN D 96 -23.79 -30.93 38.10
N PHE D 97 -23.13 -31.43 37.04
CA PHE D 97 -23.81 -32.06 35.86
C PHE D 97 -22.98 -33.16 35.21
N PRO D 98 -23.64 -34.14 34.52
CA PRO D 98 -22.93 -35.22 33.84
C PRO D 98 -22.27 -34.77 32.52
N LEU D 99 -21.42 -35.63 31.94
CA LEU D 99 -20.64 -35.38 30.70
C LEU D 99 -21.57 -35.42 29.49
N PRO D 100 -21.16 -34.89 28.31
CA PRO D 100 -21.88 -35.15 27.07
C PRO D 100 -21.59 -36.58 26.58
N THR D 101 -22.65 -37.33 26.24
CA THR D 101 -22.59 -38.72 25.72
C THR D 101 -22.55 -38.69 24.19
N ALA D 102 -22.51 -39.87 23.55
CA ALA D 102 -22.78 -40.03 22.10
C ALA D 102 -24.15 -39.43 21.80
N GLN D 103 -25.20 -40.00 22.41
CA GLN D 103 -26.62 -39.64 22.20
C GLN D 103 -27.11 -38.71 23.32
N ARG D 104 -26.32 -37.70 23.68
CA ARG D 104 -26.68 -36.64 24.66
C ARG D 104 -25.59 -35.57 24.67
N SER D 105 -25.91 -34.35 24.23
CA SER D 105 -25.03 -33.16 24.28
C SER D 105 -25.26 -32.44 25.61
N LEU D 106 -24.28 -31.60 25.99
CA LEU D 106 -24.46 -30.52 26.99
C LEU D 106 -25.44 -29.49 26.41
N GLU D 107 -26.19 -28.79 27.28
CA GLU D 107 -27.09 -27.65 26.92
C GLU D 107 -26.67 -26.42 27.73
N PRO D 108 -26.58 -25.22 27.10
CA PRO D 108 -26.33 -23.99 27.85
C PRO D 108 -27.50 -23.66 28.78
N GLY D 109 -27.58 -24.37 29.91
CA GLY D 109 -28.75 -24.37 30.83
C GLY D 109 -28.79 -23.18 31.78
N THR D 110 -28.18 -22.05 31.37
CA THR D 110 -27.97 -20.79 32.17
C THR D 110 -28.17 -21.02 33.67
N PRO D 111 -27.17 -21.60 34.39
CA PRO D 111 -27.06 -21.42 35.84
C PRO D 111 -26.51 -20.01 36.14
N ARG D 112 -25.50 -19.57 35.37
CA ARG D 112 -25.12 -18.13 35.22
C ARG D 112 -24.07 -18.00 34.10
N TRP D 113 -22.78 -18.06 34.42
CA TRP D 113 -21.65 -17.95 33.47
C TRP D 113 -20.84 -19.26 33.43
N ALA D 114 -21.40 -20.34 33.96
CA ALA D 114 -20.88 -21.71 33.77
C ALA D 114 -21.09 -22.16 32.31
N ASN D 115 -21.88 -21.41 31.55
CA ASN D 115 -22.05 -21.53 30.07
C ASN D 115 -20.70 -21.85 29.43
N TYR D 116 -19.76 -20.92 29.55
CA TYR D 116 -18.41 -20.93 28.92
C TYR D 116 -17.75 -22.28 29.21
N VAL D 117 -17.65 -22.64 30.51
CA VAL D 117 -17.05 -23.91 31.04
C VAL D 117 -17.71 -25.13 30.37
N LYS D 118 -19.05 -25.12 30.32
CA LYS D 118 -19.86 -26.23 29.74
C LYS D 118 -19.61 -26.24 28.22
N GLY D 119 -19.61 -25.07 27.59
CA GLY D 119 -19.28 -24.89 26.16
C GLY D 119 -17.99 -25.64 25.82
N VAL D 120 -16.90 -25.29 26.50
CA VAL D 120 -15.53 -25.83 26.22
C VAL D 120 -15.53 -27.35 26.42
N ILE D 121 -16.20 -27.86 27.46
CA ILE D 121 -16.39 -29.32 27.61
C ILE D 121 -17.07 -29.84 26.33
N GLN D 122 -18.16 -29.21 25.88
CA GLN D 122 -19.00 -29.75 24.78
C GLN D 122 -18.13 -29.94 23.52
N TYR D 123 -17.23 -29.01 23.23
CA TYR D 123 -16.42 -29.03 21.99
C TYR D 123 -14.96 -29.40 22.26
N TYR D 124 -14.65 -30.04 23.40
CA TYR D 124 -13.25 -30.43 23.74
C TYR D 124 -12.86 -31.62 22.87
N PRO D 125 -11.81 -31.46 22.01
CA PRO D 125 -11.50 -32.46 20.99
C PRO D 125 -11.10 -33.82 21.58
N ALA D 126 -10.09 -33.84 22.46
CA ALA D 126 -9.40 -35.09 22.88
C ALA D 126 -10.40 -36.06 23.50
N ALA D 127 -10.28 -37.35 23.16
CA ALA D 127 -11.35 -38.36 23.27
C ALA D 127 -11.67 -38.69 24.73
N PRO D 128 -10.72 -39.25 25.53
CA PRO D 128 -11.09 -39.85 26.83
C PRO D 128 -11.21 -38.85 28.01
N LEU D 129 -12.06 -37.82 27.87
CA LEU D 129 -12.15 -36.68 28.85
C LEU D 129 -12.98 -37.13 30.06
N PRO D 130 -12.39 -37.21 31.27
CA PRO D 130 -13.10 -37.70 32.46
C PRO D 130 -13.89 -36.62 33.23
N GLY D 131 -14.58 -37.02 34.28
CA GLY D 131 -15.25 -36.12 35.25
C GLY D 131 -14.17 -35.38 36.08
N PHE D 132 -14.68 -34.28 36.76
CA PHE D 132 -13.79 -33.41 37.57
C PHE D 132 -14.61 -32.40 38.46
N SER D 133 -13.88 -32.07 39.60
CA SER D 133 -14.29 -31.04 40.58
C SER D 133 -13.40 -29.79 40.40
N ALA D 134 -13.98 -28.59 40.26
CA ALA D 134 -13.24 -27.32 40.01
C ALA D 134 -13.81 -26.16 40.88
N VAL D 135 -12.85 -25.25 41.25
CA VAL D 135 -13.17 -23.89 41.82
C VAL D 135 -12.67 -22.84 40.82
N VAL D 136 -13.35 -21.69 40.72
CA VAL D 136 -13.08 -20.63 39.70
C VAL D 136 -13.08 -19.25 40.38
N VAL D 137 -11.91 -18.58 40.42
CA VAL D 137 -11.76 -17.20 40.97
C VAL D 137 -11.24 -16.32 39.84
N SER D 138 -11.34 -14.98 39.96
CA SER D 138 -10.92 -14.04 38.89
C SER D 138 -10.84 -12.59 39.35
N SER D 139 -9.74 -11.92 39.04
CA SER D 139 -9.49 -10.48 39.30
C SER D 139 -9.93 -9.67 38.06
N VAL D 140 -10.23 -10.36 36.97
CA VAL D 140 -10.72 -9.74 35.70
C VAL D 140 -12.16 -9.28 35.91
N PRO D 141 -12.43 -7.96 35.94
CA PRO D 141 -13.78 -7.47 36.15
C PRO D 141 -14.73 -7.82 34.99
N LEU D 142 -15.94 -8.31 35.29
CA LEU D 142 -17.03 -8.46 34.28
C LEU D 142 -17.38 -7.06 33.72
N GLY D 143 -17.86 -6.99 32.48
CA GLY D 143 -18.39 -5.73 31.92
C GLY D 143 -17.32 -4.72 31.52
N GLY D 144 -16.03 -4.97 31.84
CA GLY D 144 -14.94 -3.99 31.70
C GLY D 144 -14.29 -4.07 30.34
N GLY D 145 -14.69 -5.04 29.53
CA GLY D 145 -14.12 -5.32 28.21
C GLY D 145 -12.68 -5.82 28.29
N LEU D 146 -12.32 -6.46 29.40
CA LEU D 146 -10.92 -6.90 29.63
C LEU D 146 -10.78 -8.41 29.38
N SER D 147 -11.71 -9.00 28.61
CA SER D 147 -11.71 -10.39 28.12
C SER D 147 -11.85 -11.32 29.34
N SER D 148 -12.90 -11.08 30.13
CA SER D 148 -13.25 -11.86 31.34
C SER D 148 -13.58 -13.31 30.95
N SER D 149 -14.28 -13.50 29.85
CA SER D 149 -14.89 -14.79 29.44
C SER D 149 -13.91 -15.60 28.57
N ALA D 150 -13.05 -14.93 27.81
CA ALA D 150 -11.92 -15.60 27.13
C ALA D 150 -10.91 -16.09 28.18
N SER D 151 -10.67 -15.28 29.23
CA SER D 151 -9.98 -15.61 30.51
C SER D 151 -10.51 -16.95 31.03
N LEU D 152 -11.80 -16.99 31.35
CA LEU D 152 -12.52 -18.21 31.80
C LEU D 152 -12.35 -19.35 30.78
N GLU D 153 -12.73 -19.13 29.52
CA GLU D 153 -12.72 -20.22 28.51
C GLU D 153 -11.34 -20.86 28.46
N VAL D 154 -10.30 -20.05 28.32
CA VAL D 154 -8.93 -20.55 28.05
C VAL D 154 -8.42 -21.34 29.26
N ALA D 155 -8.67 -20.84 30.49
CA ALA D 155 -8.35 -21.48 31.78
C ALA D 155 -9.01 -22.85 31.86
N THR D 156 -10.29 -22.91 31.48
CA THR D 156 -11.10 -24.16 31.42
C THR D 156 -10.45 -25.12 30.42
N TYR D 157 -10.09 -24.61 29.24
CA TYR D 157 -9.46 -25.44 28.18
C TYR D 157 -8.16 -26.03 28.74
N THR D 158 -7.39 -25.23 29.49
CA THR D 158 -6.04 -25.54 30.01
C THR D 158 -6.14 -26.61 31.12
N PHE D 159 -7.17 -26.50 31.97
CA PHE D 159 -7.59 -27.51 32.98
C PHE D 159 -7.89 -28.83 32.28
N LEU D 160 -8.79 -28.82 31.28
CA LEU D 160 -9.18 -30.05 30.55
C LEU D 160 -7.91 -30.74 30.02
N GLN D 161 -6.96 -29.95 29.51
CA GLN D 161 -5.69 -30.47 28.92
C GLN D 161 -4.88 -31.29 29.92
N GLN D 162 -5.05 -31.05 31.22
CA GLN D 162 -4.37 -31.79 32.32
C GLN D 162 -5.13 -33.10 32.60
N LEU D 163 -6.47 -33.09 32.52
CA LEU D 163 -7.36 -34.26 32.78
C LEU D 163 -7.30 -35.22 31.61
N CYS D 164 -7.17 -34.70 30.40
CA CYS D 164 -7.03 -35.48 29.14
C CYS D 164 -6.30 -34.64 28.09
N PRO D 165 -4.98 -34.87 27.83
CA PRO D 165 -4.23 -34.10 26.83
C PRO D 165 -4.70 -34.27 25.37
N ASP D 166 -4.78 -33.15 24.65
CA ASP D 166 -5.11 -33.02 23.20
C ASP D 166 -3.79 -32.97 22.41
N SER D 167 -3.72 -33.56 21.22
CA SER D 167 -2.53 -33.46 20.33
C SER D 167 -2.66 -32.20 19.44
N GLY D 168 -3.44 -31.21 19.87
CA GLY D 168 -3.93 -30.12 19.00
C GLY D 168 -2.86 -29.08 18.69
N THR D 169 -3.31 -27.89 18.28
CA THR D 169 -2.53 -26.69 17.89
C THR D 169 -3.12 -25.46 18.58
N ILE D 170 -2.38 -24.36 18.72
CA ILE D 170 -2.88 -23.10 19.33
C ILE D 170 -4.25 -22.80 18.67
N ALA D 171 -4.28 -22.66 17.34
CA ALA D 171 -5.43 -22.22 16.50
C ALA D 171 -6.69 -23.11 16.71
N ALA D 172 -6.57 -24.43 16.59
CA ALA D 172 -7.67 -25.39 16.90
C ALA D 172 -8.18 -25.14 18.33
N ARG D 173 -7.30 -24.82 19.29
CA ARG D 173 -7.70 -24.55 20.70
C ARG D 173 -8.56 -23.29 20.70
N ALA D 174 -8.17 -22.29 19.89
CA ALA D 174 -8.89 -21.01 19.79
C ALA D 174 -10.25 -21.25 19.12
N GLN D 175 -10.36 -22.17 18.14
CA GLN D 175 -11.66 -22.52 17.51
C GLN D 175 -12.64 -22.90 18.63
N VAL D 176 -12.22 -23.79 19.53
CA VAL D 176 -13.10 -24.39 20.57
C VAL D 176 -13.63 -23.28 21.48
N CYS D 177 -12.77 -22.35 21.92
CA CYS D 177 -13.11 -21.35 22.95
C CYS D 177 -14.08 -20.31 22.36
N GLN D 178 -13.90 -19.93 21.08
CA GLN D 178 -14.78 -18.98 20.32
C GLN D 178 -16.02 -19.71 19.79
N GLN D 179 -15.92 -21.00 19.47
CA GLN D 179 -17.08 -21.83 18.97
C GLN D 179 -17.90 -22.34 20.16
N ALA D 180 -17.35 -22.24 21.38
CA ALA D 180 -18.07 -22.42 22.66
C ALA D 180 -18.81 -21.12 23.01
N GLU D 181 -18.28 -19.97 22.60
CA GLU D 181 -18.88 -18.66 22.94
C GLU D 181 -20.16 -18.51 22.08
N HIS D 182 -20.02 -18.44 20.75
CA HIS D 182 -21.16 -18.54 19.78
C HIS D 182 -22.22 -19.53 20.28
N SER D 183 -21.88 -20.81 20.49
CA SER D 183 -22.87 -21.91 20.71
C SER D 183 -23.42 -21.99 22.15
N PHE D 184 -22.79 -21.37 23.16
CA PHE D 184 -23.21 -21.53 24.59
C PHE D 184 -23.38 -20.19 25.34
N ALA D 185 -22.96 -19.04 24.79
CA ALA D 185 -23.24 -17.71 25.37
C ALA D 185 -23.98 -16.84 24.34
N ILE D 191 -12.29 -14.78 17.71
CA ILE D 191 -11.05 -14.32 17.01
C ILE D 191 -9.93 -14.15 18.04
N MET D 192 -9.50 -12.90 18.26
CA MET D 192 -8.17 -12.54 18.83
C MET D 192 -8.09 -12.88 20.33
N ASP D 193 -9.22 -13.06 21.02
CA ASP D 193 -9.31 -12.91 22.49
C ASP D 193 -8.80 -14.17 23.18
N GLN D 194 -9.07 -15.31 22.56
CA GLN D 194 -8.54 -16.65 22.94
C GLN D 194 -7.02 -16.65 22.70
N PHE D 195 -6.58 -16.23 21.50
CA PHE D 195 -5.15 -16.24 21.09
C PHE D 195 -4.30 -15.56 22.18
N ILE D 196 -4.69 -14.38 22.68
CA ILE D 196 -3.84 -13.57 23.58
C ILE D 196 -3.79 -14.26 24.96
N SER D 197 -4.92 -14.73 25.48
CA SER D 197 -4.96 -15.46 26.77
C SER D 197 -4.10 -16.72 26.69
N LEU D 198 -4.14 -17.44 25.56
CA LEU D 198 -3.27 -18.61 25.23
C LEU D 198 -1.80 -18.18 25.07
N MET D 199 -1.50 -17.13 24.31
CA MET D 199 -0.12 -16.95 23.74
C MET D 199 0.61 -15.80 24.44
N GLY D 200 -0.03 -15.07 25.32
CA GLY D 200 0.61 -14.03 26.14
C GLY D 200 1.91 -14.49 26.80
N GLN D 201 2.87 -13.58 26.91
CA GLN D 201 4.16 -13.83 27.62
CA GLN D 201 4.16 -13.83 27.61
C GLN D 201 4.53 -12.55 28.38
N LYS D 202 4.97 -12.71 29.64
CA LYS D 202 5.48 -11.60 30.49
C LYS D 202 6.44 -10.72 29.68
N GLY D 203 6.23 -9.40 29.80
CA GLY D 203 7.09 -8.36 29.20
C GLY D 203 7.02 -8.32 27.68
N HIS D 204 5.91 -8.74 27.09
CA HIS D 204 5.76 -8.77 25.61
C HIS D 204 4.35 -8.34 25.25
N ALA D 205 4.22 -7.73 24.08
CA ALA D 205 2.95 -7.57 23.37
C ALA D 205 2.88 -8.61 22.25
N LEU D 206 1.67 -8.93 21.80
CA LEU D 206 1.47 -9.85 20.67
C LEU D 206 1.01 -9.03 19.45
N LEU D 207 1.78 -9.02 18.36
CA LEU D 207 1.32 -8.48 17.06
C LEU D 207 0.62 -9.62 16.31
N ILE D 208 -0.69 -9.49 16.08
CA ILE D 208 -1.47 -10.52 15.35
C ILE D 208 -1.88 -9.93 14.00
N ASP D 209 -1.42 -10.55 12.92
CA ASP D 209 -1.86 -10.23 11.54
C ASP D 209 -3.05 -11.13 11.25
N CYS D 210 -4.26 -10.57 11.17
CA CYS D 210 -5.50 -11.35 11.11
C CYS D 210 -5.69 -11.89 9.69
N ARG D 211 -4.96 -11.35 8.69
CA ARG D 211 -4.96 -11.84 7.29
C ARG D 211 -4.08 -13.10 7.19
N SER D 212 -2.76 -12.96 7.12
CA SER D 212 -1.79 -14.06 7.37
C SER D 212 -1.77 -14.22 8.88
N LEU D 213 -2.31 -15.29 9.46
CA LEU D 213 -2.49 -15.36 10.94
C LEU D 213 -1.11 -15.51 11.61
N GLU D 214 -0.07 -14.89 11.06
CA GLU D 214 1.25 -14.73 11.75
C GLU D 214 1.06 -13.86 13.00
N THR D 215 1.80 -14.21 14.04
CA THR D 215 1.91 -13.49 15.31
C THR D 215 3.38 -13.28 15.58
N SER D 216 3.69 -12.24 16.36
CA SER D 216 5.05 -11.96 16.87
C SER D 216 4.94 -11.60 18.34
N LEU D 217 5.87 -12.04 19.14
CA LEU D 217 5.95 -11.62 20.55
C LEU D 217 6.98 -10.53 20.53
N VAL D 218 6.51 -9.29 20.73
CA VAL D 218 7.37 -8.08 20.69
C VAL D 218 7.80 -7.75 22.12
N PRO D 219 9.11 -7.75 22.42
CA PRO D 219 9.56 -7.41 23.77
C PRO D 219 9.17 -5.96 24.08
N LEU D 220 8.55 -5.76 25.25
CA LEU D 220 8.35 -4.46 25.95
C LEU D 220 9.56 -4.28 26.86
N SER D 221 10.54 -3.49 26.42
CA SER D 221 11.91 -3.53 26.96
C SER D 221 12.06 -2.73 28.26
N ASP D 222 11.38 -1.58 28.36
CA ASP D 222 11.70 -0.48 29.32
C ASP D 222 10.91 -0.68 30.60
N PRO D 223 11.57 -1.07 31.72
CA PRO D 223 10.84 -1.43 32.93
C PRO D 223 10.29 -0.21 33.68
N LYS D 224 10.67 1.02 33.30
CA LYS D 224 10.15 2.28 33.88
C LYS D 224 8.71 2.53 33.39
N LEU D 225 8.25 1.77 32.40
CA LEU D 225 6.96 2.04 31.70
C LEU D 225 5.90 1.11 32.27
N ALA D 226 4.65 1.54 32.18
CA ALA D 226 3.48 0.76 32.59
C ALA D 226 2.22 1.20 31.82
N VAL D 227 1.15 0.45 32.06
CA VAL D 227 -0.16 0.63 31.42
C VAL D 227 -1.17 0.74 32.55
N LEU D 228 -1.87 1.89 32.56
CA LEU D 228 -2.99 2.21 33.49
C LEU D 228 -4.28 1.94 32.71
N ILE D 229 -5.06 0.99 33.20
CA ILE D 229 -6.41 0.69 32.66
C ILE D 229 -7.37 1.47 33.52
N THR D 230 -8.19 2.34 32.94
CA THR D 230 -9.23 3.09 33.69
C THR D 230 -10.60 2.62 33.20
N ASN D 231 -11.42 2.10 34.10
CA ASN D 231 -12.84 1.77 33.85
C ASN D 231 -13.72 3.01 34.13
N SER D 232 -14.50 3.41 33.12
CA SER D 232 -15.49 4.51 33.16
C SER D 232 -16.68 4.10 34.00
N ASN D 233 -16.85 2.79 34.21
CA ASN D 233 -17.98 2.17 34.94
C ASN D 233 -19.29 2.65 34.30
N VAL D 234 -19.29 2.89 32.98
CA VAL D 234 -20.55 3.11 32.22
C VAL D 234 -20.51 2.16 31.03
N ARG D 235 -21.70 1.80 30.54
CA ARG D 235 -21.95 0.92 29.37
C ARG D 235 -23.25 1.41 28.74
N HIS D 236 -23.18 2.08 27.58
CA HIS D 236 -24.30 2.87 26.99
C HIS D 236 -25.03 2.14 25.85
N SER D 237 -24.43 1.12 25.26
CA SER D 237 -25.00 0.44 24.06
C SER D 237 -24.81 -1.05 24.21
N LEU D 238 -25.49 -1.80 23.35
CA LEU D 238 -25.25 -3.23 23.06
C LEU D 238 -24.23 -3.29 21.92
N ALA D 239 -23.31 -4.25 21.95
CA ALA D 239 -22.46 -4.63 20.79
C ALA D 239 -23.35 -4.97 19.58
N SER D 240 -24.51 -5.62 19.81
CA SER D 240 -25.47 -6.06 18.75
C SER D 240 -26.08 -4.81 18.07
N SER D 241 -26.09 -3.66 18.75
CA SER D 241 -26.71 -2.42 18.20
C SER D 241 -25.67 -1.65 17.38
N GLU D 242 -24.37 -1.98 17.47
CA GLU D 242 -23.29 -1.07 16.99
C GLU D 242 -22.36 -1.74 15.97
N TYR D 243 -21.95 -2.99 16.21
CA TYR D 243 -20.83 -3.61 15.44
C TYR D 243 -21.29 -4.23 14.13
N PRO D 244 -22.48 -4.91 14.03
CA PRO D 244 -22.96 -5.44 12.75
C PRO D 244 -23.20 -4.36 11.71
N VAL D 245 -23.83 -3.24 12.07
CA VAL D 245 -24.08 -2.15 11.08
C VAL D 245 -22.72 -1.67 10.52
N ARG D 246 -21.68 -1.58 11.34
CA ARG D 246 -20.35 -1.05 10.91
C ARG D 246 -19.58 -2.12 10.11
N ARG D 247 -19.70 -3.40 10.49
CA ARG D 247 -19.07 -4.50 9.69
C ARG D 247 -19.66 -4.45 8.26
N ARG D 248 -20.96 -4.17 8.09
CA ARG D 248 -21.59 -4.08 6.75
C ARG D 248 -21.11 -2.81 6.03
N GLN D 249 -21.10 -1.65 6.67
CA GLN D 249 -20.56 -0.43 6.05
C GLN D 249 -19.12 -0.68 5.55
N CYS D 250 -18.30 -1.41 6.30
CA CYS D 250 -16.89 -1.66 5.90
C CYS D 250 -16.86 -2.58 4.66
N GLU D 251 -17.64 -3.66 4.66
CA GLU D 251 -17.73 -4.67 3.57
C GLU D 251 -18.17 -3.97 2.27
N GLU D 252 -19.23 -3.17 2.35
CA GLU D 252 -19.72 -2.30 1.26
C GLU D 252 -18.50 -1.56 0.72
N VAL D 253 -17.73 -0.90 1.58
CA VAL D 253 -16.69 0.05 1.14
C VAL D 253 -15.60 -0.73 0.39
N ALA D 254 -15.11 -1.82 0.94
CA ALA D 254 -14.18 -2.68 0.19
C ALA D 254 -14.76 -2.90 -1.24
N ARG D 255 -16.04 -3.28 -1.35
CA ARG D 255 -16.74 -3.67 -2.61
C ARG D 255 -16.72 -2.54 -3.67
N ALA D 256 -17.14 -1.33 -3.28
CA ALA D 256 -17.02 -0.06 -4.03
C ALA D 256 -15.58 0.22 -4.52
N LEU D 257 -14.53 -0.41 -3.97
CA LEU D 257 -13.09 -0.18 -4.31
C LEU D 257 -12.42 -1.45 -4.92
N GLY D 258 -13.26 -2.46 -5.21
CA GLY D 258 -12.82 -3.75 -5.79
C GLY D 258 -11.92 -4.55 -4.87
N ALA D 259 -12.00 -4.36 -3.55
CA ALA D 259 -11.13 -5.10 -2.61
C ALA D 259 -11.94 -6.20 -1.89
N ALA D 260 -11.26 -7.31 -1.62
CA ALA D 260 -11.69 -8.38 -0.69
C ALA D 260 -12.04 -7.79 0.68
N SER D 261 -11.04 -7.26 1.42
CA SER D 261 -11.18 -6.62 2.75
C SER D 261 -10.54 -5.23 2.77
N LEU D 262 -10.73 -4.50 3.88
CA LEU D 262 -10.17 -3.14 4.04
C LEU D 262 -8.65 -3.25 4.22
N ARG D 263 -8.10 -4.45 4.42
CA ARG D 263 -6.62 -4.64 4.51
C ARG D 263 -5.96 -4.38 3.15
N GLU D 264 -6.73 -4.50 2.06
CA GLU D 264 -6.27 -4.38 0.65
C GLU D 264 -6.53 -2.96 0.13
N VAL D 265 -7.15 -2.08 0.94
CA VAL D 265 -7.37 -0.64 0.63
C VAL D 265 -6.24 0.18 1.26
N GLN D 266 -5.56 1.00 0.46
CA GLN D 266 -4.54 1.98 0.90
C GLN D 266 -5.33 3.25 1.28
N LEU D 267 -4.92 3.99 2.33
CA LEU D 267 -5.65 5.17 2.87
C LEU D 267 -5.80 6.28 1.79
N GLU D 268 -4.80 6.47 0.92
CA GLU D 268 -4.79 7.63 0.00
C GLU D 268 -5.85 7.40 -1.07
N GLU D 269 -6.01 6.16 -1.51
CA GLU D 269 -7.11 5.74 -2.43
C GLU D 269 -8.45 6.05 -1.78
N LEU D 270 -8.62 5.67 -0.52
CA LEU D 270 -9.95 5.77 0.14
C LEU D 270 -10.37 7.24 0.21
N GLU D 271 -9.45 8.13 0.58
CA GLU D 271 -9.70 9.59 0.66
C GLU D 271 -10.10 10.18 -0.72
N ALA D 272 -9.70 9.56 -1.84
CA ALA D 272 -9.94 10.03 -3.21
C ALA D 272 -11.22 9.38 -3.75
N ALA D 273 -11.89 8.56 -2.93
CA ALA D 273 -13.07 7.77 -3.35
C ALA D 273 -14.33 8.10 -2.48
N ARG D 274 -14.38 9.36 -1.97
CA ARG D 274 -15.54 9.84 -1.15
C ARG D 274 -16.81 9.76 -2.00
N ASP D 275 -16.73 9.92 -3.34
CA ASP D 275 -17.93 9.93 -4.22
C ASP D 275 -18.44 8.49 -4.40
N LEU D 276 -17.56 7.51 -4.16
CA LEU D 276 -17.82 6.10 -4.55
C LEU D 276 -18.65 5.37 -3.46
N VAL D 277 -18.85 5.97 -2.27
CA VAL D 277 -19.45 5.35 -1.04
C VAL D 277 -20.19 6.44 -0.22
N SER D 278 -21.10 5.94 0.67
CA SER D 278 -21.84 6.76 1.66
C SER D 278 -20.88 7.51 2.60
N LYS D 279 -21.40 8.62 3.16
CA LYS D 279 -20.71 9.57 4.07
C LYS D 279 -20.30 8.82 5.35
N GLU D 280 -21.13 7.88 5.82
CA GLU D 280 -20.91 7.20 7.10
C GLU D 280 -19.97 6.02 6.86
N GLY D 281 -20.24 5.24 5.81
CA GLY D 281 -19.34 4.15 5.40
C GLY D 281 -17.94 4.67 5.19
N PHE D 282 -17.84 5.91 4.73
CA PHE D 282 -16.53 6.52 4.44
C PHE D 282 -15.75 6.60 5.75
N ARG D 283 -16.31 7.31 6.73
CA ARG D 283 -15.79 7.45 8.09
C ARG D 283 -15.46 6.07 8.68
N ARG D 284 -16.37 5.07 8.63
CA ARG D 284 -16.12 3.77 9.33
C ARG D 284 -14.92 3.10 8.68
N ALA D 285 -14.83 3.11 7.34
CA ALA D 285 -13.71 2.50 6.60
C ALA D 285 -12.43 3.29 6.88
N ARG D 286 -12.52 4.60 7.06
CA ARG D 286 -11.29 5.42 7.27
C ARG D 286 -10.69 5.07 8.63
N HIS D 287 -11.52 4.82 9.65
CA HIS D 287 -10.98 4.37 10.97
C HIS D 287 -10.19 3.10 10.70
N VAL D 288 -10.82 2.11 10.06
CA VAL D 288 -10.21 0.76 9.90
C VAL D 288 -8.90 0.87 9.10
N VAL D 289 -8.91 1.54 7.94
CA VAL D 289 -7.71 1.61 7.07
C VAL D 289 -6.59 2.34 7.85
N GLY D 290 -6.91 3.48 8.45
CA GLY D 290 -5.91 4.27 9.20
C GLY D 290 -5.44 3.52 10.45
N GLU D 291 -6.32 2.77 11.11
CA GLU D 291 -5.95 1.89 12.27
C GLU D 291 -4.95 0.81 11.82
N ILE D 292 -5.16 0.17 10.70
CA ILE D 292 -4.22 -0.87 10.22
C ILE D 292 -2.83 -0.25 10.08
N ARG D 293 -2.74 0.86 9.37
CA ARG D 293 -1.44 1.60 9.20
C ARG D 293 -0.87 1.90 10.60
N ARG D 294 -1.62 2.56 11.48
CA ARG D 294 -1.16 3.02 12.81
C ARG D 294 -0.60 1.83 13.60
N THR D 295 -1.26 0.67 13.49
CA THR D 295 -0.90 -0.56 14.21
C THR D 295 0.46 -1.06 13.70
N ALA D 296 0.70 -1.01 12.40
CA ALA D 296 2.01 -1.41 11.84
C ALA D 296 3.08 -0.45 12.34
N GLN D 297 2.73 0.83 12.39
CA GLN D 297 3.64 1.93 12.81
C GLN D 297 3.86 1.82 14.32
N ALA D 298 2.84 1.42 15.09
CA ALA D 298 2.96 1.21 16.56
C ALA D 298 3.99 0.10 16.88
N ALA D 299 4.03 -0.94 16.07
CA ALA D 299 4.89 -2.12 16.27
C ALA D 299 6.33 -1.74 15.96
N ALA D 300 6.51 -0.96 14.90
CA ALA D 300 7.81 -0.40 14.48
C ALA D 300 8.35 0.49 15.61
N ALA D 301 7.49 1.31 16.19
CA ALA D 301 7.83 2.21 17.33
C ALA D 301 8.22 1.35 18.52
N LEU D 302 7.45 0.29 18.77
CA LEU D 302 7.80 -0.71 19.81
C LEU D 302 9.24 -1.19 19.58
N ARG D 303 9.61 -1.60 18.36
CA ARG D 303 10.94 -2.22 18.04
C ARG D 303 12.08 -1.20 18.20
N ARG D 304 11.79 0.08 18.09
CA ARG D 304 12.82 1.14 18.23
C ARG D 304 12.89 1.56 19.69
N GLY D 305 12.02 1.00 20.55
CA GLY D 305 11.77 1.50 21.93
C GLY D 305 11.32 2.97 21.96
N ASP D 306 10.63 3.45 20.91
CA ASP D 306 10.11 4.84 20.82
C ASP D 306 8.68 4.86 21.38
N TYR D 307 8.55 4.80 22.68
CA TYR D 307 7.25 4.69 23.40
C TYR D 307 6.53 6.04 23.33
N ARG D 308 7.25 7.10 23.01
CA ARG D 308 6.68 8.44 22.70
C ARG D 308 5.84 8.36 21.43
N ALA D 309 6.42 7.81 20.35
CA ALA D 309 5.73 7.63 19.06
C ALA D 309 4.55 6.67 19.27
N PHE D 310 4.69 5.69 20.15
CA PHE D 310 3.62 4.69 20.44
C PHE D 310 2.43 5.41 21.08
N GLY D 311 2.65 6.25 22.09
CA GLY D 311 1.59 7.00 22.78
C GLY D 311 0.85 7.93 21.82
N ARG D 312 1.58 8.55 20.90
CA ARG D 312 0.98 9.45 19.88
C ARG D 312 0.07 8.60 18.98
N LEU D 313 0.54 7.44 18.52
CA LEU D 313 -0.29 6.56 17.67
C LEU D 313 -1.52 6.15 18.46
N MET D 314 -1.37 6.01 19.79
CA MET D 314 -2.51 5.64 20.66
C MET D 314 -3.55 6.75 20.59
N VAL D 315 -3.11 8.00 20.71
CA VAL D 315 -4.03 9.18 20.77
C VAL D 315 -4.71 9.30 19.40
N GLU D 316 -3.99 9.12 18.29
CA GLU D 316 -4.56 9.20 16.92
C GLU D 316 -5.65 8.12 16.76
N SER D 317 -5.45 6.94 17.39
CA SER D 317 -6.39 5.80 17.37
C SER D 317 -7.63 6.23 18.11
N HIS D 318 -7.50 6.92 19.25
CA HIS D 318 -8.69 7.33 20.03
C HIS D 318 -9.51 8.35 19.24
N ARG D 319 -8.86 9.31 18.58
CA ARG D 319 -9.56 10.41 17.83
C ARG D 319 -10.28 9.76 16.64
N SER D 320 -9.63 8.81 15.98
CA SER D 320 -10.21 8.03 14.86
C SER D 320 -11.41 7.21 15.34
N LEU D 321 -11.34 6.66 16.56
CA LEU D 321 -12.49 5.90 17.11
C LEU D 321 -13.59 6.88 17.50
N ARG D 322 -13.22 8.03 18.06
CA ARG D 322 -14.15 9.10 18.52
C ARG D 322 -14.94 9.71 17.33
N ASP D 323 -14.27 10.00 16.20
CA ASP D 323 -14.82 10.87 15.11
C ASP D 323 -15.22 10.06 13.88
N ASP D 324 -14.36 9.15 13.42
CA ASP D 324 -14.58 8.25 12.25
C ASP D 324 -15.44 7.04 12.67
N TYR D 325 -15.02 6.22 13.64
CA TYR D 325 -15.79 4.99 13.93
C TYR D 325 -16.98 5.36 14.80
N GLU D 326 -16.81 6.43 15.57
CA GLU D 326 -17.82 7.00 16.49
C GLU D 326 -18.27 5.91 17.47
N VAL D 327 -17.34 5.26 18.17
CA VAL D 327 -17.68 4.22 19.19
C VAL D 327 -17.19 4.66 20.58
N SER D 328 -16.82 5.95 20.72
CA SER D 328 -16.47 6.56 22.01
C SER D 328 -17.74 7.09 22.66
N CYS D 329 -17.62 7.72 23.83
CA CYS D 329 -18.69 8.48 24.52
C CYS D 329 -18.00 9.61 25.29
N PRO D 330 -18.76 10.59 25.82
CA PRO D 330 -18.15 11.68 26.58
C PRO D 330 -17.27 11.20 27.75
N GLU D 331 -17.74 10.20 28.51
CA GLU D 331 -16.94 9.62 29.62
C GLU D 331 -15.56 9.22 29.10
N LEU D 332 -15.47 8.38 28.07
CA LEU D 332 -14.16 7.93 27.59
C LEU D 332 -13.33 9.15 27.15
N ASP D 333 -13.96 10.11 26.48
CA ASP D 333 -13.24 11.29 25.93
C ASP D 333 -12.71 12.14 27.10
N GLN D 334 -13.43 12.21 28.22
CA GLN D 334 -13.05 12.96 29.43
C GLN D 334 -11.85 12.27 30.08
N LEU D 335 -11.83 10.93 30.10
CA LEU D 335 -10.72 10.13 30.70
C LEU D 335 -9.45 10.26 29.84
N VAL D 336 -9.56 10.20 28.51
CA VAL D 336 -8.37 10.40 27.62
C VAL D 336 -7.80 11.81 27.86
N GLU D 337 -8.65 12.82 27.83
CA GLU D 337 -8.31 14.25 27.99
C GLU D 337 -7.58 14.44 29.32
N ALA D 338 -8.13 13.89 30.40
CA ALA D 338 -7.56 13.98 31.75
C ALA D 338 -6.21 13.26 31.78
N ALA D 339 -6.11 12.04 31.24
CA ALA D 339 -4.86 11.25 31.23
C ALA D 339 -3.75 12.06 30.52
N LEU D 340 -4.05 12.66 29.35
CA LEU D 340 -3.02 13.33 28.52
C LEU D 340 -2.55 14.63 29.18
N ALA D 341 -3.22 15.08 30.24
CA ALA D 341 -2.89 16.33 30.96
C ALA D 341 -1.71 16.08 31.90
N VAL D 342 -1.38 14.82 32.15
CA VAL D 342 -0.44 14.44 33.24
C VAL D 342 0.94 14.20 32.61
N PRO D 343 1.97 14.97 33.01
CA PRO D 343 3.32 14.74 32.53
C PRO D 343 3.71 13.31 32.92
N GLY D 344 4.42 12.62 32.03
CA GLY D 344 4.75 11.20 32.25
C GLY D 344 3.81 10.30 31.46
N VAL D 345 2.65 10.79 31.03
CA VAL D 345 1.70 10.04 30.14
C VAL D 345 2.14 10.21 28.68
N TYR D 346 2.37 9.10 27.98
CA TYR D 346 2.81 9.06 26.55
C TYR D 346 1.59 9.07 25.62
N GLY D 347 0.50 8.44 26.03
CA GLY D 347 -0.69 8.32 25.18
C GLY D 347 -1.81 7.63 25.91
N SER D 348 -3.03 7.79 25.41
CA SER D 348 -4.24 7.19 26.03
C SER D 348 -5.28 7.01 24.92
N ARG D 349 -6.14 6.01 25.03
CA ARG D 349 -7.30 5.84 24.11
C ARG D 349 -8.33 4.94 24.78
N MET D 350 -9.56 4.96 24.28
CA MET D 350 -10.52 3.89 24.64
C MET D 350 -9.98 2.54 24.13
N THR D 351 -10.41 1.45 24.75
CA THR D 351 -10.05 0.08 24.32
C THR D 351 -11.28 -0.81 24.42
N GLY D 352 -11.42 -1.73 23.47
CA GLY D 352 -12.57 -2.63 23.42
C GLY D 352 -13.66 -2.11 22.50
N GLY D 353 -14.84 -2.73 22.59
CA GLY D 353 -16.05 -2.11 22.05
C GLY D 353 -16.19 -0.91 22.94
N GLY D 354 -16.70 0.21 22.47
CA GLY D 354 -16.61 1.45 23.26
C GLY D 354 -17.93 1.75 23.90
N PHE D 355 -18.48 2.94 23.72
CA PHE D 355 -19.74 3.37 24.36
C PHE D 355 -19.63 3.19 25.87
N GLY D 356 -18.42 3.09 26.39
CA GLY D 356 -18.11 2.95 27.82
C GLY D 356 -16.94 2.02 28.00
N GLY D 357 -16.92 1.25 29.08
CA GLY D 357 -15.77 0.39 29.38
C GLY D 357 -14.54 1.20 29.74
N CYS D 358 -13.37 0.76 29.27
CA CYS D 358 -12.05 1.22 29.76
C CYS D 358 -11.29 2.04 28.71
N THR D 359 -10.45 2.94 29.21
CA THR D 359 -9.28 3.51 28.50
C THR D 359 -8.02 2.76 28.92
N VAL D 360 -7.02 2.81 28.06
CA VAL D 360 -5.66 2.28 28.31
C VAL D 360 -4.67 3.45 28.14
N THR D 361 -3.82 3.66 29.14
CA THR D 361 -2.88 4.80 29.18
C THR D 361 -1.50 4.21 29.30
N LEU D 362 -0.61 4.51 28.35
CA LEU D 362 0.83 4.21 28.46
C LEU D 362 1.52 5.39 29.17
N LEU D 363 2.21 5.14 30.29
CA LEU D 363 2.82 6.20 31.14
C LEU D 363 4.08 5.72 31.89
N GLU D 364 4.97 6.64 32.26
CA GLU D 364 5.98 6.42 33.32
C GLU D 364 5.22 5.91 34.54
N ALA D 365 5.62 4.74 35.06
CA ALA D 365 5.06 4.06 36.25
C ALA D 365 5.06 5.04 37.42
N SER D 366 6.03 5.97 37.41
CA SER D 366 6.20 7.10 38.37
C SER D 366 5.04 8.10 38.34
N ALA D 367 4.45 8.36 37.17
CA ALA D 367 3.37 9.37 37.02
C ALA D 367 2.03 8.76 37.43
N ALA D 368 2.00 7.45 37.77
CA ALA D 368 0.77 6.65 37.92
C ALA D 368 -0.05 7.14 39.10
N PRO D 369 0.55 7.46 40.28
CA PRO D 369 -0.20 8.07 41.37
C PRO D 369 -0.82 9.42 40.95
N HIS D 370 -0.03 10.30 40.32
CA HIS D 370 -0.54 11.59 39.78
C HIS D 370 -1.66 11.33 38.75
N ALA D 371 -1.45 10.44 37.78
CA ALA D 371 -2.41 10.12 36.70
C ALA D 371 -3.76 9.78 37.32
N MET D 372 -3.78 8.84 38.26
CA MET D 372 -5.00 8.29 38.90
C MET D 372 -5.74 9.37 39.68
N ARG D 373 -5.05 10.20 40.48
CA ARG D 373 -5.70 11.28 41.27
C ARG D 373 -6.32 12.31 40.30
N HIS D 374 -5.59 12.72 39.26
CA HIS D 374 -5.98 13.81 38.32
C HIS D 374 -7.18 13.36 37.49
N ILE D 375 -7.05 12.20 36.82
CA ILE D 375 -8.14 11.56 36.05
C ILE D 375 -9.41 11.58 36.92
N GLN D 376 -9.34 11.01 38.13
CA GLN D 376 -10.51 10.86 39.05
C GLN D 376 -11.13 12.22 39.35
N GLU D 377 -10.30 13.25 39.53
CA GLU D 377 -10.73 14.63 39.88
C GLU D 377 -11.54 15.23 38.72
N HIS D 378 -11.09 14.99 37.49
CA HIS D 378 -11.63 15.59 36.24
C HIS D 378 -12.62 14.63 35.58
N TYR D 379 -13.12 13.65 36.32
CA TYR D 379 -14.11 12.64 35.84
C TYR D 379 -15.38 12.73 36.67
N GLY D 380 -16.52 12.86 35.96
CA GLY D 380 -17.86 13.09 36.53
C GLY D 380 -18.32 11.89 37.33
N GLY D 381 -18.10 10.68 36.80
CA GLY D 381 -18.40 9.41 37.47
C GLY D 381 -17.31 9.12 38.47
N THR D 382 -17.24 7.90 39.00
CA THR D 382 -16.06 7.45 39.79
C THR D 382 -15.35 6.39 38.95
N ALA D 383 -14.14 6.71 38.47
CA ALA D 383 -13.28 5.79 37.71
C ALA D 383 -12.76 4.67 38.62
N THR D 384 -12.44 3.53 38.02
CA THR D 384 -11.74 2.40 38.67
C THR D 384 -10.42 2.20 37.93
N PHE D 385 -9.34 1.86 38.64
CA PHE D 385 -7.97 1.80 38.07
C PHE D 385 -7.37 0.41 38.33
N TYR D 386 -6.69 -0.12 37.33
CA TYR D 386 -5.76 -1.26 37.43
C TYR D 386 -4.46 -0.78 36.80
N LEU D 387 -3.34 -1.19 37.39
CA LEU D 387 -2.00 -0.87 36.86
C LEU D 387 -1.35 -2.21 36.56
N SER D 388 -0.83 -2.37 35.35
CA SER D 388 -0.36 -3.67 34.85
C SER D 388 0.80 -3.45 33.90
N GLN D 389 1.73 -4.40 33.91
CA GLN D 389 2.72 -4.60 32.82
C GLN D 389 2.19 -5.80 32.02
N ALA D 390 2.95 -6.29 31.04
CA ALA D 390 2.56 -7.39 30.14
C ALA D 390 2.67 -8.71 30.91
N ALA D 391 1.64 -9.58 30.91
CA ALA D 391 1.54 -10.81 31.72
C ALA D 391 1.78 -12.04 30.84
N ASP D 392 2.00 -13.18 31.50
CA ASP D 392 2.02 -14.54 30.89
C ASP D 392 0.58 -14.87 30.38
N GLY D 393 0.54 -15.82 29.45
CA GLY D 393 -0.73 -16.43 29.02
C GLY D 393 -1.08 -17.59 29.94
N ALA D 394 -1.92 -18.49 29.44
CA ALA D 394 -2.33 -19.71 30.15
C ALA D 394 -1.08 -20.39 30.72
N LYS D 395 -1.14 -20.79 31.98
CA LYS D 395 -0.06 -21.61 32.60
C LYS D 395 -0.64 -22.51 33.68
N VAL D 396 0.18 -23.51 34.06
CA VAL D 396 -0.14 -24.67 34.93
C VAL D 396 0.83 -24.70 36.13
N LEU D 397 0.24 -24.94 37.33
CA LEU D 397 1.00 -25.32 38.54
C LEU D 397 0.36 -26.58 39.12
N CYS D 398 1.08 -27.70 39.06
CA CYS D 398 0.70 -28.93 39.80
C CYS D 398 0.80 -28.58 41.31
N LEU D 399 -0.20 -29.12 42.04
CA LEU D 399 -0.32 -28.99 43.52
C LEU D 399 -0.04 -30.38 44.16
#